data_6PUD
#
_entry.id   6PUD
#
_cell.length_a   216.922
_cell.length_b   69.974
_cell.length_c   142.826
_cell.angle_alpha   90.000
_cell.angle_beta   104.311
_cell.angle_gamma   90.000
#
_symmetry.space_group_name_H-M   'C 1 2 1'
#
loop_
_entity.id
_entity.type
_entity.pdbx_description
1 polymer 'Major histocompatibility complex class I-related gene protein'
2 polymer Beta-2-microglobulin
3 polymer 'Human TCR alpha chain'
4 polymer 'Human TCR beta chain'
5 non-polymer 6-[(5-hydroxypentyl)amino]-5-[(E)-propylideneamino]pyrimidine-2,4(1H,3H)-dione
6 water water
#
loop_
_entity_poly.entity_id
_entity_poly.type
_entity_poly.pdbx_seq_one_letter_code
_entity_poly.pdbx_strand_id
1 'polypeptide(L)'
;MRTHSLRYFRLGVSDPIHGVPEFISVGYVDSHPITTYDSVTRQKEPRAPWMAENLAPDHWERYTQLLRGWQQMFKVELKR
LQRHYNHSGSHTYQRMIGCELLEDGSTTGFLQYAYDGQDFLIFNKDTLSWLAVDNVAHTIKQAWEANQHELLYQKNWLEE
ECIAWLKRFLEYGKDTLQRTEPPLVRVNRKETFPGVTALFCKAHGFYPPEIYMTWMKNGEEIVQEIDYGDILPSGDGTYQ
AWASIELDPQSSNLYSCHVEHSGVHMVLQVP
;
A,C
2 'polypeptide(L)'
;MIQRTPKIQVYSRHPAENGKSNFLNCYVSGFHPSDIEVDLLKNGERIEKVEHSDLSFSKDWSFYLLYYTEFTPTEKDEYA
CRVNHVTLSQPKIVKWDRDM
;
B,F
3 'polypeptide(L)'
;MGQNIDQPTEMTATEGAIVQINCTYQTSGFNGLFWYQQHAGEAPTFLSYNVLDGLEEKGRFSSFLSRSKGYSYLLLKELQ
MKDSASYLCAVKDSNYQLIWGAGTKLIIKPDIQNPDPAVYQLRDSKSSDKSVCLFTDFDSQTNVSQSKDSDVYITDKCVL
DMRSMDFKSNSAVAWSNKSDFACANAFNNSIIPEDTFFPSPESS
;
D,G
4 'polypeptide(L)'
;MNAGVTQTPKFQVLKTGQSMTLQCAQDMNHNSMYWYRQDPGMGLRLIYYSASEGTTDKGEVPNGYNVSRLNKREFSLRLE
SAAPSQTSVYFCASSVWTGEGSGELFFGEGSRLTVLEDLKNVFPPEVAVFEPSEAEISHTQKATLVCLATGFYPDHVELS
WWVNGKEVHSGVCTDPQPLKEQPALNDSRYALSSRLRVSATFWQNPRNHFRCQVQFYGLSENDEWTQDRAKPVTQIVSAE
AWGRAD
;
E,H
#
loop_
_chem_comp.id
_chem_comp.type
_chem_comp.name
_chem_comp.formula
OYD non-polymer 6-[(5-hydroxypentyl)amino]-5-[(E)-propylideneamino]pyrimidine-2,4(1H,3H)-dione 'C12 H20 N4 O3'
#
# COMPACT_ATOMS: atom_id res chain seq x y z
N MET A 1 57.09 31.83 -8.02
CA MET A 1 57.07 31.08 -9.27
C MET A 1 56.98 32.03 -10.44
N ARG A 2 57.24 31.52 -11.64
CA ARG A 2 56.87 32.19 -12.88
C ARG A 2 55.33 32.24 -12.97
N THR A 3 54.82 33.01 -13.95
CA THR A 3 53.37 33.05 -14.19
C THR A 3 52.90 31.69 -14.72
N HIS A 4 51.72 31.24 -14.25
CA HIS A 4 51.13 29.99 -14.67
C HIS A 4 49.64 30.19 -14.89
N SER A 5 49.06 29.34 -15.73
CA SER A 5 47.63 29.43 -16.03
C SER A 5 46.98 28.05 -16.10
N LEU A 6 45.68 28.03 -15.82
CA LEU A 6 44.82 26.87 -15.98
C LEU A 6 43.68 27.26 -16.91
N ARG A 7 43.43 26.48 -17.95
CA ARG A 7 42.26 26.82 -18.76
C ARG A 7 41.60 25.57 -19.30
N TYR A 8 40.26 25.64 -19.48
CA TYR A 8 39.48 24.57 -20.04
C TYR A 8 38.76 25.06 -21.30
N PHE A 9 38.90 24.32 -22.39
CA PHE A 9 38.22 24.58 -23.65
C PHE A 9 37.12 23.56 -23.90
N ARG A 10 36.05 24.03 -24.54
CA ARG A 10 35.04 23.16 -25.12
C ARG A 10 34.87 23.52 -26.58
N LEU A 11 34.68 22.51 -27.41
CA LEU A 11 34.35 22.68 -28.83
C LEU A 11 33.09 21.88 -29.15
N GLY A 12 32.11 22.51 -29.77
CA GLY A 12 30.93 21.80 -30.27
C GLY A 12 30.80 22.06 -31.77
N VAL A 13 30.44 21.02 -32.50
CA VAL A 13 30.30 21.10 -33.95
C VAL A 13 28.90 20.61 -34.31
N SER A 14 28.16 21.38 -35.10
CA SER A 14 26.73 21.08 -35.24
C SER A 14 26.46 19.95 -36.22
N ASP A 15 27.24 19.81 -37.28
CA ASP A 15 26.97 18.77 -38.27
C ASP A 15 28.28 18.12 -38.70
N PRO A 16 28.96 17.42 -37.78
CA PRO A 16 30.31 16.94 -38.07
C PRO A 16 30.31 15.83 -39.10
N ILE A 17 31.38 15.79 -39.90
CA ILE A 17 31.58 14.71 -40.86
C ILE A 17 31.73 13.41 -40.09
N HIS A 18 31.61 12.27 -40.81
CA HIS A 18 31.63 10.96 -40.18
C HIS A 18 32.89 10.77 -39.34
N GLY A 19 32.71 10.20 -38.15
CA GLY A 19 33.79 9.94 -37.20
C GLY A 19 34.17 11.07 -36.24
N VAL A 20 34.13 12.30 -36.73
CA VAL A 20 34.64 13.46 -35.98
C VAL A 20 33.70 13.78 -34.82
N PRO A 21 34.21 14.09 -33.63
CA PRO A 21 33.33 14.27 -32.47
C PRO A 21 32.47 15.51 -32.58
N GLU A 22 31.22 15.36 -32.13
CA GLU A 22 30.33 16.49 -31.93
C GLU A 22 30.82 17.40 -30.79
N PHE A 23 31.54 16.85 -29.82
CA PHE A 23 31.95 17.63 -28.66
C PHE A 23 33.32 17.17 -28.18
N ILE A 24 34.21 18.12 -27.88
CA ILE A 24 35.53 17.86 -27.33
C ILE A 24 35.79 18.88 -26.22
N SER A 25 36.39 18.44 -25.12
CA SER A 25 36.78 19.38 -24.06
C SER A 25 38.18 19.02 -23.57
N VAL A 26 39.09 20.00 -23.53
CA VAL A 26 40.48 19.75 -23.14
C VAL A 26 40.89 20.82 -22.13
N GLY A 27 41.58 20.40 -21.07
CA GLY A 27 42.17 21.30 -20.12
C GLY A 27 43.67 21.46 -20.33
N TYR A 28 44.21 22.61 -19.94
CA TYR A 28 45.65 22.88 -20.07
C TYR A 28 46.15 23.51 -18.78
N VAL A 29 47.39 23.18 -18.40
CA VAL A 29 48.15 24.00 -17.48
C VAL A 29 49.35 24.54 -18.26
N ASP A 30 49.45 25.86 -18.33
CA ASP A 30 50.43 26.54 -19.24
C ASP A 30 50.20 25.93 -20.62
N SER A 31 51.23 25.42 -21.30
CA SER A 31 51.07 24.82 -22.63
CA SER A 31 51.02 24.83 -22.62
C SER A 31 50.78 23.31 -22.57
N HIS A 32 50.64 22.74 -21.39
CA HIS A 32 50.54 21.30 -21.23
C HIS A 32 49.08 20.87 -21.20
N PRO A 33 48.61 20.03 -22.13
CA PRO A 33 47.29 19.41 -21.94
C PRO A 33 47.30 18.54 -20.69
N ILE A 34 46.19 18.61 -19.93
CA ILE A 34 46.10 17.87 -18.68
C ILE A 34 44.90 16.91 -18.67
N THR A 35 43.84 17.20 -19.43
CA THR A 35 42.63 16.40 -19.39
C THR A 35 41.99 16.40 -20.76
N THR A 36 41.28 15.33 -21.11
CA THR A 36 40.54 15.33 -22.37
C THR A 36 39.24 14.52 -22.21
N TYR A 37 38.23 14.94 -22.97
CA TYR A 37 36.92 14.32 -23.02
C TYR A 37 36.39 14.54 -24.43
N ASP A 38 35.69 13.55 -24.99
CA ASP A 38 34.93 13.87 -26.19
C ASP A 38 33.70 12.98 -26.31
N SER A 39 32.85 13.32 -27.25
CA SER A 39 31.55 12.67 -27.38
C SER A 39 31.67 11.22 -27.88
N VAL A 40 32.85 10.81 -28.35
CA VAL A 40 33.07 9.44 -28.76
C VAL A 40 33.53 8.57 -27.59
N THR A 41 34.54 9.00 -26.84
CA THR A 41 34.97 8.20 -25.69
C THR A 41 33.94 8.25 -24.58
N ARG A 42 33.27 9.40 -24.43
CA ARG A 42 32.39 9.74 -23.31
C ARG A 42 33.09 9.53 -21.96
N GLN A 43 34.41 9.72 -21.94
CA GLN A 43 35.19 9.55 -20.72
C GLN A 43 36.18 10.70 -20.59
N LYS A 44 36.30 11.21 -19.37
CA LYS A 44 37.35 12.17 -19.07
C LYS A 44 38.62 11.43 -18.74
N GLU A 45 39.72 11.79 -19.44
CA GLU A 45 40.97 11.06 -19.31
C GLU A 45 42.14 12.01 -19.09
N PRO A 46 43.14 11.60 -18.32
CA PRO A 46 44.34 12.41 -18.16
C PRO A 46 45.14 12.50 -19.46
N ARG A 47 45.78 13.66 -19.65
CA ARG A 47 46.69 13.87 -20.76
C ARG A 47 48.10 14.21 -20.28
N ALA A 48 48.33 14.14 -18.97
CA ALA A 48 49.66 14.34 -18.42
C ALA A 48 49.83 13.24 -17.37
N PRO A 49 50.98 12.57 -17.34
CA PRO A 49 51.17 11.49 -16.37
C PRO A 49 51.07 11.97 -14.94
N TRP A 50 51.50 13.21 -14.66
CA TRP A 50 51.41 13.71 -13.29
C TRP A 50 49.95 14.01 -12.89
N MET A 51 49.04 14.11 -13.83
CA MET A 51 47.62 14.17 -13.47
C MET A 51 47.11 12.78 -13.12
N ALA A 52 47.44 11.78 -13.95
CA ALA A 52 46.96 10.42 -13.69
C ALA A 52 47.46 9.91 -12.35
N GLU A 53 48.68 10.30 -11.97
CA GLU A 53 49.31 9.77 -10.77
C GLU A 53 48.77 10.38 -9.50
N ASN A 54 48.11 11.54 -9.60
CA ASN A 54 47.72 12.29 -8.42
C ASN A 54 46.22 12.44 -8.23
N LEU A 55 45.41 12.04 -9.19
CA LEU A 55 43.96 12.15 -9.07
C LEU A 55 43.37 10.74 -9.12
N ALA A 56 42.69 10.37 -8.03
CA ALA A 56 42.12 9.03 -7.87
C ALA A 56 40.98 8.80 -8.86
N PRO A 57 40.61 7.52 -9.06
CA PRO A 57 39.51 7.25 -10.01
C PRO A 57 38.22 7.98 -9.72
N ASP A 58 37.93 8.33 -8.46
CA ASP A 58 36.66 9.01 -8.20
C ASP A 58 36.62 10.39 -8.84
N HIS A 59 37.80 11.00 -9.05
CA HIS A 59 37.85 12.29 -9.73
C HIS A 59 37.43 12.13 -11.19
N TRP A 60 38.07 11.21 -11.92
CA TRP A 60 37.74 11.00 -13.32
C TRP A 60 36.29 10.56 -13.51
N GLU A 61 35.79 9.74 -12.59
CA GLU A 61 34.42 9.26 -12.70
C GLU A 61 33.42 10.39 -12.52
N ARG A 62 33.65 11.25 -11.54
CA ARG A 62 32.73 12.35 -11.28
C ARG A 62 32.71 13.33 -12.46
N TYR A 63 33.90 13.73 -12.93
CA TYR A 63 33.89 14.71 -14.01
C TYR A 63 33.45 14.10 -15.31
N THR A 64 33.61 12.78 -15.47
CA THR A 64 33.00 12.13 -16.62
C THR A 64 31.50 12.38 -16.66
N GLN A 65 30.85 12.32 -15.48
CA GLN A 65 29.40 12.52 -15.46
C GLN A 65 29.07 13.97 -15.77
N LEU A 66 29.80 14.91 -15.15
CA LEU A 66 29.57 16.33 -15.40
C LEU A 66 29.77 16.65 -16.88
N LEU A 67 30.83 16.06 -17.49
CA LEU A 67 31.13 16.31 -18.89
C LEU A 67 30.05 15.76 -19.82
N ARG A 68 29.43 14.61 -19.47
CA ARG A 68 28.33 14.12 -20.28
C ARG A 68 27.15 15.10 -20.24
N GLY A 69 26.92 15.71 -19.07
CA GLY A 69 25.91 16.75 -18.97
C GLY A 69 26.32 18.01 -19.71
N TRP A 70 27.58 18.45 -19.53
CA TRP A 70 28.05 19.63 -20.25
C TRP A 70 28.00 19.43 -21.77
N GLN A 71 28.25 18.22 -22.23
CA GLN A 71 28.16 17.92 -23.67
C GLN A 71 26.74 18.21 -24.18
N GLN A 72 25.74 17.71 -23.45
CA GLN A 72 24.36 17.92 -23.88
C GLN A 72 23.98 19.39 -23.83
N MET A 73 24.41 20.08 -22.78
CA MET A 73 24.15 21.51 -22.67
CA MET A 73 24.15 21.51 -22.67
C MET A 73 24.76 22.27 -23.84
N PHE A 74 25.97 21.90 -24.24
CA PHE A 74 26.63 22.59 -25.35
C PHE A 74 25.87 22.38 -26.66
N LYS A 75 25.35 21.18 -26.87
CA LYS A 75 24.54 20.89 -28.05
C LYS A 75 23.27 21.76 -28.08
N VAL A 76 22.55 21.83 -26.96
CA VAL A 76 21.37 22.68 -26.89
C VAL A 76 21.70 24.14 -27.20
N GLU A 77 22.81 24.65 -26.62
CA GLU A 77 23.15 26.06 -26.85
C GLU A 77 23.51 26.30 -28.31
N LEU A 78 24.28 25.41 -28.91
CA LEU A 78 24.63 25.57 -30.33
C LEU A 78 23.41 25.49 -31.22
N LYS A 79 22.53 24.52 -30.94
CA LYS A 79 21.30 24.44 -31.71
C LYS A 79 20.53 25.75 -31.65
N ARG A 80 20.47 26.37 -30.47
CA ARG A 80 19.77 27.65 -30.29
C ARG A 80 20.46 28.77 -31.05
N LEU A 81 21.81 28.83 -31.00
CA LEU A 81 22.50 29.89 -31.72
C LEU A 81 22.25 29.76 -33.21
N GLN A 82 22.28 28.53 -33.73
CA GLN A 82 22.14 28.36 -35.17
C GLN A 82 20.72 28.70 -35.63
N ARG A 83 19.73 28.56 -34.73
CA ARG A 83 18.39 29.05 -35.03
C ARG A 83 18.37 30.57 -35.08
N HIS A 84 18.89 31.22 -34.03
CA HIS A 84 18.91 32.68 -33.98
C HIS A 84 19.62 33.28 -35.18
N TYR A 85 20.73 32.67 -35.59
CA TYR A 85 21.46 33.12 -36.77
C TYR A 85 20.77 32.72 -38.06
N ASN A 86 19.82 31.79 -37.99
CA ASN A 86 19.19 31.20 -39.18
C ASN A 86 20.25 30.66 -40.14
N HIS A 87 21.17 29.85 -39.60
CA HIS A 87 22.29 29.29 -40.36
C HIS A 87 22.06 27.82 -40.69
N SER A 88 22.40 27.45 -41.90
CA SER A 88 22.41 26.06 -42.32
C SER A 88 23.84 25.51 -42.30
N GLY A 89 23.97 24.18 -42.40
CA GLY A 89 25.27 23.55 -42.44
C GLY A 89 25.88 23.35 -41.06
N SER A 90 27.19 23.07 -41.05
CA SER A 90 27.94 22.83 -39.83
C SER A 90 28.56 24.12 -39.29
N HIS A 91 28.35 24.37 -38.00
CA HIS A 91 28.89 25.54 -37.35
C HIS A 91 29.52 25.13 -36.02
N THR A 92 30.44 25.95 -35.51
CA THR A 92 31.14 25.61 -34.28
C THR A 92 30.78 26.57 -33.17
N TYR A 93 30.85 26.04 -31.97
CA TYR A 93 30.61 26.76 -30.72
C TYR A 93 31.79 26.47 -29.80
N GLN A 94 32.36 27.48 -29.18
CA GLN A 94 33.50 27.25 -28.32
C GLN A 94 33.39 28.04 -27.04
N ARG A 95 33.98 27.47 -26.01
CA ARG A 95 34.08 28.07 -24.69
C ARG A 95 35.52 27.99 -24.22
N MET A 96 35.95 29.00 -23.49
CA MET A 96 37.22 28.92 -22.78
CA MET A 96 37.23 28.92 -22.79
C MET A 96 37.07 29.59 -21.43
N ILE A 97 37.51 28.91 -20.38
CA ILE A 97 37.46 29.46 -19.03
C ILE A 97 38.83 29.19 -18.40
N GLY A 98 39.26 30.06 -17.50
CA GLY A 98 40.55 29.82 -16.87
C GLY A 98 40.98 30.99 -16.02
N CYS A 99 42.21 30.86 -15.50
CA CYS A 99 42.76 31.82 -14.56
C CYS A 99 44.28 31.77 -14.68
N GLU A 100 44.92 32.88 -14.31
CA GLU A 100 46.38 32.94 -14.22
C GLU A 100 46.78 33.34 -12.82
N LEU A 101 47.86 32.74 -12.35
CA LEU A 101 48.49 33.14 -11.10
C LEU A 101 49.82 33.79 -11.50
N LEU A 102 49.91 35.10 -11.33
CA LEU A 102 51.10 35.79 -11.84
C LEU A 102 52.26 35.73 -10.86
N GLU A 103 53.45 35.93 -11.41
CA GLU A 103 54.68 35.92 -10.60
C GLU A 103 54.53 36.75 -9.32
N ASP A 104 53.98 37.97 -9.43
CA ASP A 104 53.85 38.89 -8.31
C ASP A 104 52.77 38.53 -7.30
N GLY A 105 52.00 37.46 -7.54
CA GLY A 105 50.99 37.02 -6.62
C GLY A 105 49.56 37.37 -7.02
N SER A 106 49.40 38.33 -7.93
CA SER A 106 48.09 38.72 -8.43
C SER A 106 47.50 37.63 -9.34
N THR A 107 46.19 37.73 -9.58
CA THR A 107 45.46 36.73 -10.35
C THR A 107 44.63 37.40 -11.44
N THR A 108 44.37 36.64 -12.49
CA THR A 108 43.37 36.99 -13.49
C THR A 108 42.43 35.80 -13.68
N GLY A 109 41.27 36.08 -14.24
CA GLY A 109 40.29 35.05 -14.53
C GLY A 109 39.48 35.48 -15.72
N PHE A 110 39.09 34.51 -16.55
CA PHE A 110 38.41 34.87 -17.80
C PHE A 110 37.47 33.75 -18.21
N LEU A 111 36.47 34.13 -18.98
CA LEU A 111 35.45 33.21 -19.48
C LEU A 111 34.86 33.82 -20.74
N GLN A 112 34.90 33.07 -21.84
CA GLN A 112 34.33 33.64 -23.05
C GLN A 112 33.87 32.54 -23.98
N TYR A 113 33.07 32.93 -24.98
CA TYR A 113 32.47 32.01 -25.92
C TYR A 113 32.72 32.50 -27.33
N ALA A 114 32.69 31.59 -28.28
CA ALA A 114 32.87 31.95 -29.68
C ALA A 114 31.92 31.14 -30.55
N TYR A 115 31.45 31.75 -31.63
CA TYR A 115 30.64 31.06 -32.64
C TYR A 115 31.39 31.14 -33.97
N ASP A 116 31.60 29.99 -34.61
CA ASP A 116 32.41 29.92 -35.84
C ASP A 116 33.78 30.59 -35.67
N GLY A 117 34.40 30.41 -34.50
CA GLY A 117 35.75 30.85 -34.26
C GLY A 117 35.95 32.33 -34.03
N GLN A 118 34.87 33.07 -33.81
CA GLN A 118 34.92 34.49 -33.55
C GLN A 118 34.29 34.76 -32.19
N ASP A 119 34.84 35.74 -31.47
CA ASP A 119 34.29 36.14 -30.18
C ASP A 119 32.78 36.29 -30.27
N PHE A 120 32.07 35.77 -29.27
CA PHE A 120 30.61 35.82 -29.23
C PHE A 120 30.11 36.47 -27.95
N LEU A 121 30.55 35.96 -26.79
CA LEU A 121 30.18 36.52 -25.49
C LEU A 121 31.43 36.51 -24.61
N ILE A 122 31.70 37.63 -23.95
CA ILE A 122 32.88 37.73 -23.10
C ILE A 122 32.44 38.18 -21.71
N PHE A 123 32.79 37.40 -20.70
CA PHE A 123 32.38 37.71 -19.33
C PHE A 123 33.32 38.73 -18.71
N ASN A 124 32.74 39.69 -18.00
CA ASN A 124 33.48 40.66 -17.18
C ASN A 124 33.15 40.35 -15.72
N LYS A 125 34.07 39.70 -15.00
CA LYS A 125 33.73 39.29 -13.63
C LYS A 125 33.78 40.45 -12.64
N ASP A 126 34.14 41.64 -13.07
CA ASP A 126 34.20 42.78 -12.15
C ASP A 126 32.90 43.57 -12.21
N THR A 127 32.42 43.84 -13.41
CA THR A 127 31.11 44.43 -13.58
C THR A 127 29.99 43.39 -13.59
N LEU A 128 30.32 42.09 -13.52
CA LEU A 128 29.32 41.01 -13.52
C LEU A 128 28.34 41.17 -14.68
N SER A 129 28.89 41.11 -15.89
CA SER A 129 28.08 41.27 -17.09
C SER A 129 28.78 40.60 -18.25
N TRP A 130 28.01 40.39 -19.30
CA TRP A 130 28.46 39.75 -20.52
C TRP A 130 28.52 40.76 -21.66
N LEU A 131 29.67 40.84 -22.34
CA LEU A 131 29.81 41.66 -23.54
C LEU A 131 29.34 40.86 -24.75
N ALA A 132 28.33 41.37 -25.47
CA ALA A 132 27.80 40.73 -26.67
C ALA A 132 28.33 41.39 -27.93
N VAL A 133 28.72 40.57 -28.93
CA VAL A 133 29.28 41.10 -30.16
C VAL A 133 28.24 41.39 -31.24
N ASP A 134 27.06 40.78 -31.18
CA ASP A 134 26.02 41.08 -32.14
C ASP A 134 24.67 40.86 -31.46
N ASN A 135 23.60 40.80 -32.25
CA ASN A 135 22.28 40.77 -31.65
CA ASN A 135 22.28 40.75 -31.66
C ASN A 135 21.86 39.37 -31.23
N VAL A 136 22.43 38.34 -31.84
CA VAL A 136 22.17 37.00 -31.33
C VAL A 136 22.80 36.86 -29.95
N ALA A 137 24.07 37.30 -29.82
CA ALA A 137 24.71 37.35 -28.51
C ALA A 137 23.93 38.21 -27.53
N HIS A 138 23.35 39.33 -28.00
CA HIS A 138 22.62 40.22 -27.10
C HIS A 138 21.42 39.50 -26.49
N THR A 139 20.74 38.69 -27.28
CA THR A 139 19.63 37.91 -26.74
C THR A 139 20.11 36.94 -25.66
N ILE A 140 21.26 36.31 -25.88
CA ILE A 140 21.79 35.39 -24.86
C ILE A 140 22.24 36.16 -23.63
N LYS A 141 22.95 37.27 -23.83
CA LYS A 141 23.33 38.15 -22.72
C LYS A 141 22.14 38.45 -21.80
N GLN A 142 20.98 38.79 -22.38
CA GLN A 142 19.82 39.14 -21.57
C GLN A 142 19.42 37.96 -20.69
N ALA A 143 19.33 36.77 -21.27
CA ALA A 143 18.97 35.58 -20.50
C ALA A 143 19.98 35.29 -19.40
N TRP A 144 21.26 35.36 -19.72
CA TRP A 144 22.28 35.01 -18.74
C TRP A 144 22.35 36.05 -17.62
N GLU A 145 22.19 37.32 -17.95
CA GLU A 145 22.28 38.35 -16.95
C GLU A 145 21.03 38.42 -16.08
N ALA A 146 19.94 37.80 -16.51
CA ALA A 146 18.77 37.71 -15.65
C ALA A 146 19.02 36.77 -14.48
N ASN A 147 20.02 35.89 -14.59
CA ASN A 147 20.34 34.90 -13.57
C ASN A 147 21.54 35.41 -12.79
N GLN A 148 21.25 36.32 -11.86
CA GLN A 148 22.34 37.03 -11.19
C GLN A 148 23.19 36.07 -10.34
N HIS A 149 22.56 35.02 -9.78
CA HIS A 149 23.30 34.08 -8.95
C HIS A 149 24.36 33.33 -9.73
N GLU A 150 24.07 33.02 -10.98
CA GLU A 150 25.01 32.30 -11.80
C GLU A 150 26.21 33.17 -12.16
N LEU A 151 26.00 34.48 -12.34
CA LEU A 151 27.12 35.41 -12.53
C LEU A 151 28.03 35.41 -11.31
N LEU A 152 27.41 35.50 -10.11
CA LEU A 152 28.20 35.49 -8.87
C LEU A 152 28.97 34.19 -8.74
N TYR A 153 28.33 33.08 -9.09
CA TYR A 153 28.97 31.78 -9.00
C TYR A 153 30.20 31.73 -9.92
N GLN A 154 30.08 32.29 -11.12
CA GLN A 154 31.22 32.28 -12.03
CA GLN A 154 31.22 32.28 -12.05
C GLN A 154 32.35 33.16 -11.53
N LYS A 155 32.02 34.29 -10.91
CA LYS A 155 33.06 35.13 -10.32
C LYS A 155 33.79 34.38 -9.21
N ASN A 156 33.04 33.72 -8.32
CA ASN A 156 33.69 32.94 -7.27
C ASN A 156 34.56 31.83 -7.87
N TRP A 157 34.08 31.16 -8.91
CA TRP A 157 34.88 30.05 -9.43
C TRP A 157 36.17 30.58 -10.05
N LEU A 158 36.06 31.64 -10.84
CA LEU A 158 37.24 32.19 -11.50
C LEU A 158 38.26 32.69 -10.49
N GLU A 159 37.81 33.39 -9.45
CA GLU A 159 38.72 34.04 -8.51
C GLU A 159 39.24 33.13 -7.42
N GLU A 160 38.43 32.17 -6.94
CA GLU A 160 38.85 31.32 -5.83
C GLU A 160 39.10 29.89 -6.27
N GLU A 161 38.09 29.23 -6.86
CA GLU A 161 38.22 27.81 -7.15
C GLU A 161 39.29 27.55 -8.19
N CYS A 162 39.24 28.30 -9.30
CA CYS A 162 40.22 28.09 -10.38
C CYS A 162 41.66 28.26 -9.88
N ILE A 163 41.90 29.27 -9.04
CA ILE A 163 43.26 29.48 -8.52
C ILE A 163 43.66 28.32 -7.62
N ALA A 164 42.72 27.80 -6.83
CA ALA A 164 43.06 26.66 -5.96
C ALA A 164 43.36 25.42 -6.79
N TRP A 165 42.60 25.17 -7.86
CA TRP A 165 42.91 24.05 -8.75
C TRP A 165 44.29 24.20 -9.37
N LEU A 166 44.59 25.40 -9.88
CA LEU A 166 45.87 25.64 -10.54
C LEU A 166 47.03 25.36 -9.57
N LYS A 167 46.91 25.85 -8.33
CA LYS A 167 48.00 25.62 -7.38
C LYS A 167 48.16 24.15 -7.08
N ARG A 168 47.04 23.42 -7.00
CA ARG A 168 47.07 21.96 -6.80
C ARG A 168 47.75 21.26 -7.98
N PHE A 169 47.40 21.60 -9.22
CA PHE A 169 48.05 20.99 -10.38
C PHE A 169 49.51 21.42 -10.52
N LEU A 170 49.85 22.66 -10.17
CA LEU A 170 51.23 23.10 -10.24
CA LEU A 170 51.23 23.12 -10.24
C LEU A 170 52.14 22.25 -9.36
N GLU A 171 51.64 21.87 -8.18
CA GLU A 171 52.40 21.01 -7.28
C GLU A 171 52.51 19.58 -7.81
N TYR A 172 51.37 19.01 -8.27
CA TYR A 172 51.39 17.72 -8.93
C TYR A 172 52.45 17.67 -10.03
N GLY A 173 52.49 18.70 -10.87
CA GLY A 173 53.39 18.67 -12.02
C GLY A 173 54.67 19.45 -11.85
N LYS A 174 55.11 19.68 -10.60
CA LYS A 174 56.17 20.66 -10.39
C LYS A 174 57.46 20.26 -11.09
N ASP A 175 57.75 18.97 -11.17
CA ASP A 175 58.99 18.53 -11.85
C ASP A 175 59.02 18.91 -13.30
N THR A 176 57.84 18.99 -13.93
CA THR A 176 57.74 19.43 -15.33
C THR A 176 57.58 20.94 -15.41
N LEU A 177 56.63 21.48 -14.65
CA LEU A 177 56.14 22.83 -14.87
C LEU A 177 57.10 23.88 -14.33
N GLN A 178 57.88 23.55 -13.30
CA GLN A 178 58.67 24.54 -12.60
C GLN A 178 60.17 24.40 -12.89
N ARG A 179 60.55 23.49 -13.80
CA ARG A 179 61.94 23.29 -14.19
C ARG A 179 62.39 24.39 -15.15
N THR A 180 63.71 24.49 -15.37
CA THR A 180 64.27 25.44 -16.34
C THR A 180 65.31 24.71 -17.17
N GLU A 181 65.13 24.73 -18.49
CA GLU A 181 66.14 24.25 -19.43
C GLU A 181 66.61 25.45 -20.23
N PRO A 182 67.83 25.93 -20.04
CA PRO A 182 68.26 27.18 -20.74
C PRO A 182 68.40 26.94 -22.23
N PRO A 183 68.27 27.99 -23.03
CA PRO A 183 68.38 27.82 -24.48
C PRO A 183 69.83 27.67 -24.92
N LEU A 184 70.02 26.93 -26.00
CA LEU A 184 71.26 26.92 -26.79
C LEU A 184 71.04 27.89 -27.94
N VAL A 185 71.88 28.93 -28.05
CA VAL A 185 71.65 30.00 -29.01
C VAL A 185 72.85 30.11 -29.94
N ARG A 186 72.58 30.33 -31.22
CA ARG A 186 73.61 30.49 -32.24
C ARG A 186 73.15 31.52 -33.25
N VAL A 187 74.12 32.09 -33.99
CA VAL A 187 73.83 33.03 -35.07
C VAL A 187 74.39 32.45 -36.36
N ASN A 188 73.63 32.57 -37.46
CA ASN A 188 74.17 32.21 -38.76
C ASN A 188 73.56 33.10 -39.84
N ARG A 189 74.19 33.11 -41.01
CA ARG A 189 73.77 33.93 -42.15
C ARG A 189 73.09 33.06 -43.20
N LYS A 190 72.00 33.56 -43.76
CA LYS A 190 71.24 32.82 -44.77
C LYS A 190 70.57 33.76 -45.77
N THR A 197 70.48 38.44 -47.88
CA THR A 197 71.40 38.07 -46.81
C THR A 197 70.96 38.65 -45.45
N ALA A 198 70.68 37.77 -44.49
CA ALA A 198 70.15 38.16 -43.19
C ALA A 198 70.78 37.32 -42.09
N LEU A 199 70.92 37.92 -40.92
CA LEU A 199 71.40 37.22 -39.74
C LEU A 199 70.22 36.54 -39.05
N PHE A 200 70.37 35.25 -38.77
CA PHE A 200 69.37 34.49 -38.03
C PHE A 200 69.89 34.19 -36.65
N CYS A 201 69.11 34.55 -35.64
CA CYS A 201 69.42 34.19 -34.27
C CYS A 201 68.48 33.06 -33.89
N LYS A 202 69.05 31.89 -33.57
CA LYS A 202 68.27 30.67 -33.32
C LYS A 202 68.52 30.16 -31.91
N ALA A 203 67.44 29.78 -31.22
CA ALA A 203 67.50 29.19 -29.89
C ALA A 203 66.79 27.85 -29.89
N HIS A 204 67.30 26.90 -29.13
CA HIS A 204 66.60 25.63 -29.05
C HIS A 204 66.91 24.97 -27.71
N GLY A 205 66.14 23.92 -27.41
CA GLY A 205 66.29 23.16 -26.19
C GLY A 205 65.81 23.79 -24.91
N PHE A 206 64.96 24.84 -24.97
CA PHE A 206 64.64 25.59 -23.77
C PHE A 206 63.26 25.25 -23.25
N TYR A 207 63.08 25.46 -21.94
CA TYR A 207 61.79 25.27 -21.23
C TYR A 207 61.90 26.22 -20.05
N PRO A 208 60.85 27.01 -19.74
CA PRO A 208 59.52 27.09 -20.35
C PRO A 208 59.56 27.71 -21.75
N PRO A 209 58.46 27.62 -22.50
CA PRO A 209 58.48 28.17 -23.87
C PRO A 209 58.58 29.69 -23.95
N GLU A 210 58.31 30.42 -22.87
CA GLU A 210 58.37 31.88 -22.91
C GLU A 210 59.83 32.35 -23.06
N ILE A 211 60.11 33.05 -24.14
CA ILE A 211 61.46 33.54 -24.42
C ILE A 211 61.34 34.82 -25.22
N TYR A 212 62.32 35.71 -25.04
CA TYR A 212 62.37 36.98 -25.76
C TYR A 212 63.67 37.05 -26.52
N MET A 213 63.58 37.12 -27.84
CA MET A 213 64.71 37.23 -28.74
C MET A 213 64.54 38.50 -29.57
N THR A 214 65.59 39.29 -29.68
CA THR A 214 65.51 40.45 -30.55
C THR A 214 66.90 40.74 -31.08
N TRP A 215 66.97 41.63 -32.05
CA TRP A 215 68.22 42.07 -32.63
C TRP A 215 68.40 43.54 -32.31
N MET A 216 69.62 43.91 -32.01
CA MET A 216 69.99 45.29 -31.85
C MET A 216 71.05 45.64 -32.89
N LYS A 217 71.09 46.91 -33.27
CA LYS A 217 72.02 47.42 -34.27
C LYS A 217 72.69 48.64 -33.65
N ASN A 218 73.99 48.52 -33.36
CA ASN A 218 74.74 49.57 -32.67
C ASN A 218 74.03 49.98 -31.38
N GLY A 219 73.57 48.97 -30.64
CA GLY A 219 72.96 49.16 -29.35
C GLY A 219 71.53 49.69 -29.36
N GLU A 220 70.91 49.80 -30.53
CA GLU A 220 69.53 50.30 -30.63
C GLU A 220 68.65 49.21 -31.22
N GLU A 221 67.42 49.13 -30.75
CA GLU A 221 66.50 48.09 -31.17
C GLU A 221 65.57 48.64 -32.23
N ILE A 222 65.66 48.09 -33.44
CA ILE A 222 64.72 48.46 -34.49
C ILE A 222 63.74 47.31 -34.70
N VAL A 223 62.63 47.31 -33.96
CA VAL A 223 61.67 46.21 -34.03
C VAL A 223 60.91 46.16 -35.35
N GLN A 224 60.87 47.27 -36.08
CA GLN A 224 60.13 47.31 -37.34
C GLN A 224 60.84 46.55 -38.46
N GLU A 225 62.16 46.34 -38.34
CA GLU A 225 62.92 45.61 -39.34
C GLU A 225 63.44 44.26 -38.82
N ILE A 226 62.72 43.65 -37.88
CA ILE A 226 63.07 42.34 -37.33
C ILE A 226 61.97 41.35 -37.68
N ASP A 227 62.35 40.19 -38.17
CA ASP A 227 61.41 39.11 -38.43
C ASP A 227 61.45 38.14 -37.24
N TYR A 228 60.35 38.06 -36.50
CA TYR A 228 60.26 37.21 -35.31
C TYR A 228 59.64 35.86 -35.68
N GLY A 229 60.36 34.76 -35.38
CA GLY A 229 59.81 33.44 -35.58
C GLY A 229 58.97 32.98 -34.40
N ASP A 230 58.09 32.01 -34.66
CA ASP A 230 57.23 31.49 -33.60
C ASP A 230 58.01 30.61 -32.63
N ILE A 231 57.54 30.56 -31.39
CA ILE A 231 58.07 29.60 -30.43
C ILE A 231 57.40 28.26 -30.72
N LEU A 232 58.20 27.27 -31.12
CA LEU A 232 57.61 26.04 -31.63
C LEU A 232 58.05 24.84 -30.80
N PRO A 233 57.17 23.85 -30.64
CA PRO A 233 57.53 22.63 -29.90
C PRO A 233 58.51 21.77 -30.68
N SER A 234 59.55 21.31 -29.99
CA SER A 234 60.52 20.45 -30.66
C SER A 234 60.13 18.99 -30.60
N GLY A 235 59.21 18.63 -29.71
CA GLY A 235 58.71 17.28 -29.60
C GLY A 235 59.20 16.54 -28.39
N ASP A 236 60.25 17.02 -27.73
CA ASP A 236 60.82 16.35 -26.58
C ASP A 236 60.48 17.06 -25.28
N GLY A 237 59.51 17.98 -25.30
CA GLY A 237 59.21 18.79 -24.14
C GLY A 237 59.90 20.14 -24.11
N THR A 238 60.81 20.41 -25.03
CA THR A 238 61.49 21.69 -25.11
C THR A 238 61.06 22.41 -26.38
N TYR A 239 61.53 23.64 -26.52
CA TYR A 239 61.04 24.54 -27.54
C TYR A 239 62.21 25.13 -28.29
N GLN A 240 61.90 25.74 -29.43
CA GLN A 240 62.87 26.41 -30.28
C GLN A 240 62.25 27.66 -30.86
N ALA A 241 63.11 28.64 -31.20
CA ALA A 241 62.64 29.92 -31.72
C ALA A 241 63.75 30.58 -32.52
N TRP A 242 63.39 31.66 -33.23
CA TRP A 242 64.40 32.37 -34.00
C TRP A 242 63.94 33.81 -34.26
N ALA A 243 64.87 34.62 -34.74
CA ALA A 243 64.62 35.98 -35.17
C ALA A 243 65.69 36.36 -36.18
N SER A 244 65.31 37.17 -37.17
CA SER A 244 66.24 37.55 -38.23
C SER A 244 66.20 39.04 -38.49
N ILE A 245 67.32 39.57 -38.97
CA ILE A 245 67.44 40.97 -39.35
C ILE A 245 68.31 41.01 -40.60
N GLU A 246 67.98 41.93 -41.51
CA GLU A 246 68.62 41.96 -42.82
C GLU A 246 69.83 42.88 -42.79
N LEU A 247 70.91 42.39 -43.38
CA LEU A 247 72.19 43.08 -43.32
C LEU A 247 72.26 44.20 -44.34
N ASP A 248 72.76 45.35 -43.92
CA ASP A 248 72.99 46.48 -44.82
C ASP A 248 74.33 46.28 -45.54
N PRO A 249 74.32 46.11 -46.86
CA PRO A 249 75.58 45.79 -47.57
C PRO A 249 76.43 47.01 -47.89
N GLN A 250 75.96 48.22 -47.60
CA GLN A 250 76.69 49.45 -47.91
C GLN A 250 77.35 50.10 -46.69
N SER A 251 76.98 49.68 -45.48
CA SER A 251 77.59 50.22 -44.26
C SER A 251 77.70 49.12 -43.21
N SER A 252 78.88 49.00 -42.60
CA SER A 252 79.03 48.05 -41.51
C SER A 252 78.23 48.51 -40.30
N ASN A 253 77.74 47.54 -39.54
CA ASN A 253 77.02 47.82 -38.32
C ASN A 253 77.36 46.73 -37.32
N LEU A 254 77.29 47.08 -36.04
CA LEU A 254 77.47 46.12 -34.96
C LEU A 254 76.10 45.54 -34.64
N TYR A 255 75.83 44.34 -35.13
CA TYR A 255 74.59 43.63 -34.81
C TYR A 255 74.80 42.70 -33.62
N SER A 256 73.79 42.61 -32.75
CA SER A 256 73.85 41.67 -31.64
C SER A 256 72.47 41.10 -31.37
N CYS A 257 72.42 39.80 -31.15
CA CYS A 257 71.22 39.09 -30.76
C CYS A 257 71.12 39.06 -29.23
N HIS A 258 69.93 39.36 -28.71
CA HIS A 258 69.68 39.41 -27.29
C HIS A 258 68.59 38.40 -26.97
N VAL A 259 68.85 37.52 -26.02
CA VAL A 259 67.88 36.50 -25.61
C VAL A 259 67.66 36.63 -24.12
N GLU A 260 66.39 36.65 -23.72
CA GLU A 260 66.04 36.59 -22.32
C GLU A 260 65.19 35.35 -22.10
N HIS A 261 65.58 34.56 -21.11
CA HIS A 261 64.85 33.35 -20.74
C HIS A 261 64.98 33.14 -19.25
N SER A 262 63.83 33.06 -18.58
CA SER A 262 63.74 32.68 -17.16
CA SER A 262 63.75 32.68 -17.17
C SER A 262 64.74 33.45 -16.31
N GLY A 263 64.79 34.76 -16.50
CA GLY A 263 65.62 35.55 -15.62
C GLY A 263 67.10 35.68 -16.02
N VAL A 264 67.50 35.10 -17.14
CA VAL A 264 68.90 35.16 -17.59
C VAL A 264 68.91 35.86 -18.94
N HIS A 265 69.83 36.82 -19.11
CA HIS A 265 69.96 37.53 -20.36
CA HIS A 265 69.96 37.52 -20.38
C HIS A 265 71.23 37.07 -21.07
N MET A 266 71.18 37.00 -22.38
CA MET A 266 72.32 36.59 -23.18
CA MET A 266 72.32 36.59 -23.19
C MET A 266 72.49 37.56 -24.34
N VAL A 267 73.74 37.84 -24.71
CA VAL A 267 74.03 38.70 -25.84
C VAL A 267 75.04 37.99 -26.73
N LEU A 268 74.72 37.86 -28.02
CA LEU A 268 75.63 37.30 -29.00
C LEU A 268 75.98 38.41 -29.97
N GLN A 269 77.22 38.91 -29.90
CA GLN A 269 77.66 39.95 -30.82
C GLN A 269 78.19 39.31 -32.08
N VAL A 270 77.76 39.81 -33.23
CA VAL A 270 78.19 39.28 -34.54
C VAL A 270 79.42 40.08 -34.96
N PRO A 271 80.61 39.47 -35.04
CA PRO A 271 81.83 40.23 -35.35
C PRO A 271 81.86 40.65 -36.81
N MET B 1 31.05 33.88 -42.25
CA MET B 1 31.81 32.81 -41.63
C MET B 1 33.28 32.90 -42.03
N ILE B 2 34.11 33.37 -41.09
CA ILE B 2 35.53 33.53 -41.33
C ILE B 2 36.19 32.16 -41.12
N GLN B 3 36.77 31.62 -42.19
CA GLN B 3 37.58 30.41 -42.12
C GLN B 3 39.04 30.83 -42.24
N ARG B 4 39.89 30.26 -41.39
CA ARG B 4 41.28 30.68 -41.29
C ARG B 4 42.18 29.56 -41.76
N THR B 5 43.13 29.90 -42.63
CA THR B 5 43.89 28.85 -43.27
C THR B 5 45.10 28.49 -42.41
N PRO B 6 45.54 27.22 -42.44
CA PRO B 6 46.64 26.81 -41.56
C PRO B 6 47.99 27.40 -41.97
N LYS B 7 48.74 27.80 -40.95
CA LYS B 7 50.17 28.09 -41.08
C LYS B 7 50.92 26.80 -40.87
N ILE B 8 51.93 26.55 -41.71
CA ILE B 8 52.57 25.25 -41.76
C ILE B 8 54.06 25.48 -41.63
N GLN B 9 54.69 24.90 -40.61
CA GLN B 9 56.12 25.04 -40.42
C GLN B 9 56.76 23.67 -40.26
N VAL B 10 57.88 23.47 -40.96
CA VAL B 10 58.57 22.18 -41.03
C VAL B 10 60.01 22.40 -40.58
N TYR B 11 60.45 21.59 -39.63
CA TYR B 11 61.70 21.85 -38.93
C TYR B 11 62.08 20.60 -38.17
N SER B 12 63.38 20.46 -37.92
CA SER B 12 63.88 19.31 -37.19
C SER B 12 63.89 19.58 -35.70
N ARG B 13 63.77 18.51 -34.92
CA ARG B 13 63.83 18.65 -33.46
C ARG B 13 65.13 19.31 -33.01
N HIS B 14 66.26 18.79 -33.47
CA HIS B 14 67.60 19.33 -33.21
C HIS B 14 68.19 19.90 -34.50
N PRO B 15 69.16 20.80 -34.42
CA PRO B 15 69.86 21.22 -35.64
C PRO B 15 70.37 19.98 -36.38
N ALA B 16 70.08 19.92 -37.66
CA ALA B 16 70.23 18.66 -38.37
C ALA B 16 71.68 18.49 -38.84
N GLU B 17 72.20 17.28 -38.67
N GLU B 17 72.21 17.29 -38.67
CA GLU B 17 73.50 16.87 -39.19
CA GLU B 17 73.49 16.88 -39.21
C GLU B 17 73.32 15.51 -39.86
C GLU B 17 73.31 15.52 -39.88
N ASN B 18 73.81 15.39 -41.10
CA ASN B 18 73.60 14.16 -41.86
C ASN B 18 74.17 12.96 -41.14
N GLY B 19 73.47 11.84 -41.26
CA GLY B 19 73.84 10.63 -40.56
C GLY B 19 73.43 10.56 -39.11
N LYS B 20 72.94 11.65 -38.54
CA LYS B 20 72.51 11.67 -37.15
C LYS B 20 71.00 11.57 -37.08
N SER B 21 70.51 10.67 -36.23
CA SER B 21 69.07 10.50 -36.12
C SER B 21 68.45 11.76 -35.56
N ASN B 22 67.27 12.11 -36.07
CA ASN B 22 66.59 13.34 -35.70
C ASN B 22 65.09 13.07 -35.73
N PHE B 23 64.31 14.12 -35.45
CA PHE B 23 62.87 14.09 -35.67
C PHE B 23 62.50 15.22 -36.61
N LEU B 24 61.67 14.91 -37.60
CA LEU B 24 61.13 15.89 -38.53
C LEU B 24 59.75 16.32 -38.03
N ASN B 25 59.59 17.60 -37.74
CA ASN B 25 58.33 18.15 -37.21
C ASN B 25 57.58 18.92 -38.29
N CYS B 26 56.26 18.78 -38.28
CA CYS B 26 55.38 19.67 -39.03
C CYS B 26 54.36 20.23 -38.05
N TYR B 27 54.40 21.55 -37.83
CA TYR B 27 53.55 22.24 -36.87
C TYR B 27 52.55 23.07 -37.65
N VAL B 28 51.28 22.70 -37.53
CA VAL B 28 50.18 23.27 -38.28
C VAL B 28 49.33 24.02 -37.29
N SER B 29 49.12 25.32 -37.51
CA SER B 29 48.48 26.13 -36.49
C SER B 29 47.61 27.22 -37.12
N GLY B 30 46.77 27.81 -36.27
CA GLY B 30 46.06 29.01 -36.64
C GLY B 30 44.87 28.77 -37.53
N PHE B 31 44.45 27.52 -37.72
CA PHE B 31 43.39 27.22 -38.65
C PHE B 31 42.03 27.07 -37.94
N HIS B 32 40.97 27.25 -38.73
CA HIS B 32 39.59 27.09 -38.27
C HIS B 32 38.72 26.87 -39.50
N PRO B 33 37.80 25.88 -39.51
CA PRO B 33 37.42 24.96 -38.43
C PRO B 33 38.44 23.81 -38.25
N SER B 34 38.12 22.79 -37.47
CA SER B 34 39.15 21.92 -36.91
C SER B 34 39.57 20.75 -37.81
N ASP B 35 38.76 20.35 -38.80
CA ASP B 35 39.11 19.18 -39.62
C ASP B 35 40.29 19.51 -40.52
N ILE B 36 41.28 18.61 -40.56
CA ILE B 36 42.50 18.88 -41.31
C ILE B 36 43.22 17.56 -41.58
N GLU B 37 43.91 17.49 -42.71
CA GLU B 37 44.70 16.32 -43.10
C GLU B 37 46.15 16.72 -43.26
N VAL B 38 47.06 15.96 -42.63
CA VAL B 38 48.48 16.28 -42.66
C VAL B 38 49.28 15.02 -42.97
N ASP B 39 50.17 15.11 -43.96
CA ASP B 39 51.13 14.06 -44.29
C ASP B 39 52.55 14.61 -44.27
N LEU B 40 53.49 13.81 -43.78
CA LEU B 40 54.89 14.08 -44.00
C LEU B 40 55.33 13.31 -45.25
N LEU B 41 56.11 13.98 -46.10
CA LEU B 41 56.58 13.40 -47.35
C LEU B 41 58.09 13.19 -47.32
N LYS B 42 58.53 12.08 -47.90
CA LYS B 42 59.95 11.83 -48.14
C LYS B 42 60.14 11.58 -49.62
N ASN B 43 60.96 12.42 -50.26
CA ASN B 43 61.16 12.37 -51.71
C ASN B 43 59.82 12.35 -52.45
N GLY B 44 58.85 13.08 -51.90
CA GLY B 44 57.54 13.20 -52.51
C GLY B 44 56.54 12.10 -52.17
N GLU B 45 56.95 11.07 -51.43
CA GLU B 45 56.05 10.01 -51.04
C GLU B 45 55.63 10.17 -49.57
N ARG B 46 54.40 9.73 -49.27
CA ARG B 46 53.89 9.85 -47.91
C ARG B 46 54.62 8.89 -46.97
N ILE B 47 55.21 9.43 -45.91
CA ILE B 47 55.77 8.60 -44.84
C ILE B 47 54.64 7.91 -44.09
N GLU B 48 54.82 6.63 -43.78
CA GLU B 48 53.75 5.83 -43.18
C GLU B 48 53.69 5.97 -41.67
N LYS B 49 54.82 5.76 -40.98
CA LYS B 49 54.84 5.77 -39.52
C LYS B 49 55.05 7.21 -39.05
N VAL B 50 53.95 7.94 -38.86
CA VAL B 50 53.99 9.35 -38.51
C VAL B 50 53.06 9.57 -37.32
N GLU B 51 53.59 10.15 -36.26
CA GLU B 51 52.84 10.44 -35.05
C GLU B 51 52.27 11.85 -35.08
N HIS B 52 51.35 12.14 -34.15
CA HIS B 52 50.86 13.49 -34.02
C HIS B 52 50.21 13.71 -32.66
N SER B 53 50.29 14.95 -32.18
CA SER B 53 49.61 15.35 -30.97
C SER B 53 48.10 15.33 -31.19
N ASP B 54 47.35 15.31 -30.08
CA ASP B 54 45.92 15.56 -30.17
C ASP B 54 45.68 17.00 -30.62
N LEU B 55 44.57 17.22 -31.33
CA LEU B 55 44.08 18.57 -31.62
C LEU B 55 44.21 19.47 -30.40
N SER B 56 44.77 20.66 -30.61
CA SER B 56 45.02 21.59 -29.52
C SER B 56 44.29 22.90 -29.77
N PHE B 57 44.01 23.63 -28.68
CA PHE B 57 43.16 24.80 -28.72
C PHE B 57 43.94 26.05 -28.39
N SER B 58 43.83 27.06 -29.23
CA SER B 58 44.43 28.36 -28.95
C SER B 58 43.39 29.33 -28.41
N LYS B 59 43.89 30.33 -27.67
CA LYS B 59 43.03 31.36 -27.09
C LYS B 59 42.29 32.18 -28.14
N ASP B 60 42.83 32.31 -29.34
CA ASP B 60 42.14 33.08 -30.39
C ASP B 60 41.13 32.23 -31.14
N TRP B 61 40.82 31.05 -30.61
CA TRP B 61 39.80 30.07 -31.01
C TRP B 61 40.27 29.21 -32.15
N SER B 62 41.49 29.41 -32.66
CA SER B 62 42.01 28.54 -33.69
C SER B 62 42.62 27.29 -33.06
N PHE B 63 43.06 26.37 -33.92
CA PHE B 63 43.57 25.07 -33.51
C PHE B 63 44.99 24.86 -33.98
N TYR B 64 45.67 23.91 -33.35
CA TYR B 64 47.01 23.56 -33.80
C TYR B 64 47.31 22.09 -33.50
N LEU B 65 48.25 21.55 -34.26
CA LEU B 65 48.68 20.17 -34.20
C LEU B 65 50.17 20.10 -34.51
N LEU B 66 50.84 19.09 -33.98
CA LEU B 66 52.23 18.77 -34.33
C LEU B 66 52.27 17.35 -34.89
N TYR B 67 52.76 17.22 -36.13
CA TYR B 67 53.02 15.93 -36.76
C TYR B 67 54.53 15.72 -36.81
N TYR B 68 54.98 14.50 -36.50
CA TYR B 68 56.42 14.26 -36.39
C TYR B 68 56.75 12.81 -36.70
N THR B 69 57.95 12.60 -37.22
CA THR B 69 58.46 11.27 -37.49
C THR B 69 59.97 11.25 -37.26
N GLU B 70 60.46 10.13 -36.75
CA GLU B 70 61.90 9.98 -36.59
C GLU B 70 62.54 9.79 -37.96
N PHE B 71 63.70 10.40 -38.14
CA PHE B 71 64.39 10.24 -39.42
C PHE B 71 65.86 10.56 -39.23
N THR B 72 66.65 10.14 -40.21
CA THR B 72 68.07 10.52 -40.28
C THR B 72 68.26 11.28 -41.57
N PRO B 73 68.54 12.58 -41.52
CA PRO B 73 68.63 13.35 -42.77
C PRO B 73 69.89 13.00 -43.55
N THR B 74 69.74 12.87 -44.87
CA THR B 74 70.86 12.70 -45.78
C THR B 74 70.92 13.87 -46.74
N GLU B 75 72.05 14.01 -47.44
CA GLU B 75 72.16 15.08 -48.42
C GLU B 75 71.19 14.88 -49.58
N LYS B 76 70.81 13.63 -49.87
CA LYS B 76 70.00 13.31 -51.05
C LYS B 76 68.50 13.46 -50.79
N ASP B 77 68.02 13.05 -49.62
CA ASP B 77 66.60 12.95 -49.35
C ASP B 77 65.97 14.32 -49.09
N GLU B 78 64.84 14.59 -49.74
CA GLU B 78 64.09 15.80 -49.52
C GLU B 78 62.79 15.49 -48.79
N TYR B 79 62.46 16.31 -47.79
CA TYR B 79 61.31 16.09 -46.93
C TYR B 79 60.32 17.24 -47.04
N ALA B 80 59.03 16.93 -46.90
CA ALA B 80 58.00 17.95 -46.97
C ALA B 80 56.82 17.58 -46.08
N CYS B 81 55.95 18.56 -45.85
CA CYS B 81 54.69 18.37 -45.14
C CYS B 81 53.55 18.82 -46.06
N ARG B 82 52.56 17.97 -46.21
CA ARG B 82 51.43 18.22 -47.09
C ARG B 82 50.17 18.34 -46.25
N VAL B 83 49.44 19.45 -46.44
CA VAL B 83 48.30 19.78 -45.60
C VAL B 83 47.10 20.10 -46.49
N ASN B 84 45.95 19.51 -46.15
CA ASN B 84 44.67 19.90 -46.75
C ASN B 84 43.71 20.41 -45.68
N HIS B 85 42.87 21.36 -46.09
CA HIS B 85 41.95 22.05 -45.19
C HIS B 85 40.85 22.65 -46.06
N VAL B 86 39.70 22.93 -45.43
CA VAL B 86 38.55 23.47 -46.17
C VAL B 86 38.91 24.80 -46.85
N THR B 87 39.89 25.53 -46.33
CA THR B 87 40.32 26.80 -46.90
C THR B 87 41.33 26.66 -48.04
N LEU B 88 41.70 25.45 -48.42
CA LEU B 88 42.71 25.24 -49.45
C LEU B 88 42.08 24.60 -50.67
N SER B 89 42.34 25.20 -51.84
CA SER B 89 41.80 24.67 -53.10
C SER B 89 42.37 23.30 -53.39
N GLN B 90 43.69 23.17 -53.34
CA GLN B 90 44.42 21.93 -53.48
C GLN B 90 45.31 21.76 -52.25
N PRO B 91 45.80 20.56 -51.98
CA PRO B 91 46.74 20.38 -50.86
C PRO B 91 47.94 21.30 -50.99
N LYS B 92 48.39 21.85 -49.86
CA LYS B 92 49.55 22.72 -49.81
C LYS B 92 50.75 21.94 -49.31
N ILE B 93 51.86 22.01 -50.05
CA ILE B 93 53.09 21.30 -49.71
C ILE B 93 54.14 22.31 -49.27
N VAL B 94 54.72 22.07 -48.10
CA VAL B 94 55.80 22.91 -47.55
C VAL B 94 57.02 22.03 -47.37
N LYS B 95 58.11 22.38 -48.02
CA LYS B 95 59.33 21.57 -47.97
C LYS B 95 60.16 21.96 -46.75
N TRP B 96 60.85 20.97 -46.20
CA TRP B 96 61.81 21.23 -45.13
C TRP B 96 63.02 21.97 -45.69
N ASP B 97 63.29 23.15 -45.16
CA ASP B 97 64.39 24.00 -45.61
C ASP B 97 65.48 23.99 -44.54
N ARG B 98 66.42 23.05 -44.64
CA ARG B 98 67.55 23.05 -43.72
C ARG B 98 68.73 23.84 -44.32
N MET C 1 -23.19 10.24 -5.14
CA MET C 1 -24.18 9.71 -4.23
C MET C 1 -23.96 10.26 -2.82
N ARG C 2 -25.05 10.64 -2.14
CA ARG C 2 -25.01 11.05 -0.75
CA ARG C 2 -24.97 11.05 -0.75
C ARG C 2 -24.68 9.85 0.13
N THR C 3 -24.51 10.11 1.43
CA THR C 3 -24.32 9.04 2.40
C THR C 3 -25.60 8.23 2.54
N HIS C 4 -25.48 6.91 2.65
CA HIS C 4 -26.62 6.01 2.88
C HIS C 4 -26.21 4.95 3.88
N SER C 5 -27.19 4.30 4.48
CA SER C 5 -26.94 3.31 5.50
C SER C 5 -27.97 2.19 5.41
N LEU C 6 -27.55 1.00 5.81
CA LEU C 6 -28.42 -0.16 5.96
C LEU C 6 -28.29 -0.62 7.39
N ARG C 7 -29.41 -0.87 8.08
CA ARG C 7 -29.28 -1.37 9.44
CA ARG C 7 -29.29 -1.34 9.45
C ARG C 7 -30.48 -2.24 9.78
N TYR C 8 -30.23 -3.23 10.64
CA TYR C 8 -31.26 -4.15 11.08
C TYR C 8 -31.28 -4.11 12.60
N PHE C 9 -32.49 -3.98 13.17
CA PHE C 9 -32.72 -4.02 14.61
C PHE C 9 -33.44 -5.29 15.01
N ARG C 10 -33.11 -5.79 16.19
CA ARG C 10 -33.91 -6.80 16.86
C ARG C 10 -34.30 -6.29 18.24
N LEU C 11 -35.52 -6.62 18.67
CA LEU C 11 -36.05 -6.29 19.99
C LEU C 11 -36.70 -7.55 20.54
N GLY C 12 -36.25 -7.97 21.72
CA GLY C 12 -36.86 -9.06 22.46
C GLY C 12 -37.40 -8.50 23.77
N VAL C 13 -38.59 -8.99 24.17
CA VAL C 13 -39.25 -8.55 25.38
C VAL C 13 -39.67 -9.79 26.15
N SER C 14 -39.22 -9.90 27.39
CA SER C 14 -39.59 -11.04 28.19
C SER C 14 -40.90 -10.72 28.89
N ASP C 15 -41.68 -11.75 29.14
CA ASP C 15 -42.94 -11.61 29.85
C ASP C 15 -43.77 -10.46 29.27
N PRO C 16 -43.94 -10.39 27.96
CA PRO C 16 -44.64 -9.24 27.38
C PRO C 16 -46.10 -9.24 27.79
N ILE C 17 -46.65 -8.04 27.99
CA ILE C 17 -48.08 -7.87 28.24
C ILE C 17 -48.86 -8.16 26.98
N HIS C 18 -50.19 -8.19 27.08
CA HIS C 18 -51.03 -8.47 25.92
C HIS C 18 -50.83 -7.39 24.86
N GLY C 19 -50.50 -7.83 23.64
CA GLY C 19 -50.33 -6.92 22.52
C GLY C 19 -48.89 -6.61 22.15
N VAL C 20 -47.92 -6.93 23.01
CA VAL C 20 -46.51 -6.69 22.75
C VAL C 20 -45.89 -8.01 22.27
N PRO C 21 -45.42 -8.08 21.02
CA PRO C 21 -44.73 -9.30 20.57
C PRO C 21 -43.52 -9.59 21.44
N GLU C 22 -43.18 -10.87 21.56
CA GLU C 22 -41.97 -11.27 22.24
C GLU C 22 -40.72 -10.85 21.45
N PHE C 23 -40.84 -10.73 20.13
CA PHE C 23 -39.67 -10.46 19.28
C PHE C 23 -40.12 -9.69 18.05
N ILE C 24 -39.35 -8.66 17.67
CA ILE C 24 -39.56 -7.86 16.48
C ILE C 24 -38.20 -7.62 15.85
N SER C 25 -38.13 -7.69 14.52
CA SER C 25 -36.91 -7.31 13.83
C SER C 25 -37.27 -6.54 12.58
N VAL C 26 -36.64 -5.38 12.40
CA VAL C 26 -36.97 -4.45 11.32
C VAL C 26 -35.67 -3.99 10.67
N GLY C 27 -35.67 -3.93 9.35
CA GLY C 27 -34.55 -3.39 8.58
C GLY C 27 -34.91 -2.05 7.98
N TYR C 28 -33.89 -1.20 7.84
CA TYR C 28 -34.01 0.14 7.28
C TYR C 28 -32.91 0.38 6.26
N VAL C 29 -33.26 1.06 5.16
CA VAL C 29 -32.27 1.82 4.39
C VAL C 29 -32.56 3.30 4.63
N ASP C 30 -31.56 4.05 5.10
CA ASP C 30 -31.72 5.44 5.58
C ASP C 30 -32.90 5.45 6.54
N SER C 31 -33.87 6.34 6.36
CA SER C 31 -35.03 6.37 7.27
C SER C 31 -36.15 5.44 6.83
N HIS C 32 -35.96 4.64 5.78
CA HIS C 32 -37.06 3.88 5.20
C HIS C 32 -37.07 2.45 5.71
N PRO C 33 -38.16 2.00 6.34
CA PRO C 33 -38.31 0.57 6.63
C PRO C 33 -38.28 -0.25 5.36
N ILE C 34 -37.51 -1.34 5.36
CA ILE C 34 -37.50 -2.19 4.17
C ILE C 34 -38.05 -3.58 4.48
N THR C 35 -37.95 -4.05 5.73
CA THR C 35 -38.33 -5.41 6.09
C THR C 35 -38.83 -5.47 7.52
N THR C 36 -39.73 -6.42 7.77
CA THR C 36 -40.20 -6.64 9.15
C THR C 36 -40.47 -8.12 9.42
N TYR C 37 -40.38 -8.48 10.69
CA TYR C 37 -40.61 -9.84 11.17
C TYR C 37 -40.99 -9.71 12.63
N ASP C 38 -42.00 -10.44 13.07
CA ASP C 38 -42.21 -10.50 14.51
C ASP C 38 -42.70 -11.89 14.89
N SER C 39 -42.73 -12.14 16.19
CA SER C 39 -43.06 -13.46 16.72
C SER C 39 -44.55 -13.79 16.59
N VAL C 40 -45.38 -12.84 16.15
CA VAL C 40 -46.80 -13.11 15.88
C VAL C 40 -47.01 -13.58 14.44
N THR C 41 -46.49 -12.84 13.46
CA THR C 41 -46.60 -13.26 12.07
C THR C 41 -45.72 -14.47 11.77
N ARG C 42 -44.56 -14.54 12.41
CA ARG C 42 -43.50 -15.52 12.11
C ARG C 42 -43.09 -15.51 10.64
N GLN C 43 -43.24 -14.38 9.97
CA GLN C 43 -42.90 -14.25 8.56
C GLN C 43 -42.09 -13.00 8.31
N LYS C 44 -41.03 -13.10 7.49
CA LYS C 44 -40.36 -11.89 7.06
C LYS C 44 -41.11 -11.30 5.87
N GLU C 45 -41.46 -10.02 5.96
CA GLU C 45 -42.27 -9.32 4.96
C GLU C 45 -41.64 -8.00 4.52
N PRO C 46 -41.80 -7.62 3.25
CA PRO C 46 -41.28 -6.33 2.81
C PRO C 46 -42.08 -5.16 3.38
N ARG C 47 -41.39 -4.04 3.58
CA ARG C 47 -42.03 -2.82 4.04
C ARG C 47 -41.83 -1.68 3.05
N ALA C 48 -41.31 -1.98 1.86
CA ALA C 48 -41.17 -1.03 0.77
C ALA C 48 -41.53 -1.77 -0.51
N PRO C 49 -42.33 -1.15 -1.37
CA PRO C 49 -42.71 -1.78 -2.64
C PRO C 49 -41.54 -2.13 -3.53
N TRP C 50 -40.48 -1.34 -3.48
CA TRP C 50 -39.31 -1.66 -4.29
C TRP C 50 -38.49 -2.80 -3.72
N MET C 51 -38.69 -3.18 -2.45
CA MET C 51 -38.16 -4.44 -1.96
C MET C 51 -38.96 -5.64 -2.48
N ALA C 52 -40.30 -5.57 -2.37
CA ALA C 52 -41.13 -6.69 -2.78
C ALA C 52 -40.95 -7.04 -4.24
N GLU C 53 -40.90 -6.02 -5.11
CA GLU C 53 -40.76 -6.24 -6.55
C GLU C 53 -39.41 -6.79 -6.96
N ASN C 54 -38.34 -6.61 -6.17
CA ASN C 54 -37.02 -6.95 -6.66
C ASN C 54 -36.38 -8.17 -6.01
N LEU C 55 -36.95 -8.68 -4.95
CA LEU C 55 -36.40 -9.85 -4.28
C LEU C 55 -37.39 -11.02 -4.47
N ALA C 56 -36.89 -12.10 -5.07
CA ALA C 56 -37.68 -13.30 -5.33
C ALA C 56 -38.23 -13.89 -4.02
N PRO C 57 -39.31 -14.66 -4.10
CA PRO C 57 -39.88 -15.22 -2.86
C PRO C 57 -38.93 -16.13 -2.12
N ASP C 58 -37.96 -16.72 -2.80
CA ASP C 58 -36.92 -17.50 -2.13
C ASP C 58 -36.17 -16.68 -1.09
N HIS C 59 -36.02 -15.38 -1.33
CA HIS C 59 -35.39 -14.52 -0.34
C HIS C 59 -36.21 -14.47 0.95
N TRP C 60 -37.50 -14.16 0.84
CA TRP C 60 -38.32 -14.03 2.05
C TRP C 60 -38.49 -15.37 2.74
N GLU C 61 -38.53 -16.46 1.97
CA GLU C 61 -38.68 -17.79 2.57
C GLU C 61 -37.45 -18.17 3.37
N ARG C 62 -36.26 -17.91 2.83
CA ARG C 62 -35.03 -18.33 3.51
CA ARG C 62 -35.02 -18.31 3.50
C ARG C 62 -34.80 -17.52 4.78
N TYR C 63 -34.98 -16.22 4.72
CA TYR C 63 -34.75 -15.38 5.90
C TYR C 63 -35.85 -15.52 6.93
N THR C 64 -37.06 -15.93 6.54
CA THR C 64 -38.07 -16.25 7.53
C THR C 64 -37.57 -17.35 8.46
N GLN C 65 -36.91 -18.37 7.90
CA GLN C 65 -36.41 -19.45 8.73
C GLN C 65 -35.28 -18.98 9.62
N LEU C 66 -34.35 -18.17 9.09
CA LEU C 66 -33.27 -17.64 9.92
C LEU C 66 -33.80 -16.78 11.05
N LEU C 67 -34.80 -15.95 10.77
CA LEU C 67 -35.39 -15.09 11.79
C LEU C 67 -36.11 -15.89 12.87
N ARG C 68 -36.77 -16.98 12.51
CA ARG C 68 -37.34 -17.86 13.52
C ARG C 68 -36.25 -18.37 14.46
N GLY C 69 -35.08 -18.70 13.90
CA GLY C 69 -33.96 -19.08 14.76
C GLY C 69 -33.38 -17.91 15.56
N TRP C 70 -33.13 -16.77 14.89
CA TRP C 70 -32.69 -15.61 15.65
C TRP C 70 -33.65 -15.25 16.76
N GLN C 71 -34.96 -15.45 16.55
CA GLN C 71 -35.92 -15.16 17.61
C GLN C 71 -35.68 -16.08 18.80
N GLN C 72 -35.49 -17.37 18.53
CA GLN C 72 -35.23 -18.29 19.62
C GLN C 72 -33.92 -17.95 20.33
N MET C 73 -32.90 -17.57 19.55
N MET C 73 -32.90 -17.55 19.56
CA MET C 73 -31.61 -17.18 20.14
CA MET C 73 -31.63 -17.19 20.17
C MET C 73 -31.76 -15.98 21.06
C MET C 73 -31.77 -15.98 21.07
N PHE C 74 -32.53 -14.97 20.63
CA PHE C 74 -32.76 -13.79 21.46
C PHE C 74 -33.50 -14.16 22.75
N LYS C 75 -34.46 -15.08 22.65
CA LYS C 75 -35.23 -15.43 23.82
C LYS C 75 -34.34 -16.01 24.91
N VAL C 76 -33.42 -16.88 24.50
CA VAL C 76 -32.52 -17.54 25.43
C VAL C 76 -31.46 -16.57 25.96
N GLU C 77 -30.91 -15.73 25.09
CA GLU C 77 -29.90 -14.78 25.53
C GLU C 77 -30.47 -13.85 26.57
N LEU C 78 -31.73 -13.44 26.39
CA LEU C 78 -32.35 -12.55 27.37
C LEU C 78 -32.63 -13.29 28.68
N LYS C 79 -33.03 -14.58 28.60
CA LYS C 79 -33.12 -15.37 29.82
C LYS C 79 -31.80 -15.37 30.58
N ARG C 80 -30.71 -15.66 29.89
CA ARG C 80 -29.40 -15.69 30.56
C ARG C 80 -29.01 -14.32 31.11
N LEU C 81 -29.34 -13.25 30.39
CA LEU C 81 -29.01 -11.92 30.89
C LEU C 81 -29.77 -11.62 32.18
N GLN C 82 -31.08 -11.91 32.20
CA GLN C 82 -31.80 -11.65 33.43
C GLN C 82 -31.23 -12.45 34.58
N ARG C 83 -30.79 -13.68 34.32
CA ARG C 83 -30.22 -14.48 35.39
C ARG C 83 -28.92 -13.87 35.91
N HIS C 84 -28.04 -13.41 35.01
CA HIS C 84 -26.82 -12.73 35.45
C HIS C 84 -27.15 -11.55 36.34
N TYR C 85 -28.24 -10.83 36.03
CA TYR C 85 -28.58 -9.63 36.80
C TYR C 85 -29.47 -9.92 37.99
N ASN C 86 -29.94 -11.15 38.14
CA ASN C 86 -30.94 -11.47 39.15
CA ASN C 86 -30.94 -11.47 39.15
C ASN C 86 -32.17 -10.59 38.96
N HIS C 87 -32.65 -10.53 37.72
CA HIS C 87 -33.82 -9.75 37.34
C HIS C 87 -35.04 -10.63 37.10
N SER C 88 -36.18 -10.18 37.58
CA SER C 88 -37.46 -10.81 37.29
C SER C 88 -38.33 -9.83 36.52
N GLY C 89 -39.50 -10.29 36.07
CA GLY C 89 -40.36 -9.37 35.38
C GLY C 89 -39.90 -9.16 33.94
N SER C 90 -40.42 -8.10 33.33
CA SER C 90 -40.25 -7.88 31.90
C SER C 90 -39.01 -7.02 31.66
N HIS C 91 -38.14 -7.49 30.77
CA HIS C 91 -36.95 -6.72 30.42
C HIS C 91 -36.81 -6.79 28.91
N THR C 92 -35.94 -5.92 28.37
CA THR C 92 -35.80 -5.87 26.93
C THR C 92 -34.35 -6.07 26.56
N TYR C 93 -34.18 -6.63 25.38
CA TYR C 93 -32.88 -6.92 24.78
C TYR C 93 -32.94 -6.39 23.37
N GLN C 94 -31.91 -5.64 22.95
CA GLN C 94 -31.94 -5.08 21.62
C GLN C 94 -30.57 -5.24 20.96
N ARG C 95 -30.60 -5.32 19.63
CA ARG C 95 -29.42 -5.42 18.80
C ARG C 95 -29.58 -4.47 17.62
N MET C 96 -28.48 -3.88 17.18
CA MET C 96 -28.49 -3.09 15.97
C MET C 96 -27.22 -3.44 15.23
N ILE C 97 -27.36 -3.80 13.95
CA ILE C 97 -26.18 -4.02 13.12
C ILE C 97 -26.37 -3.22 11.84
N GLY C 98 -25.28 -2.79 11.21
CA GLY C 98 -25.47 -2.03 10.00
C GLY C 98 -24.16 -1.44 9.48
N CYS C 99 -24.30 -0.73 8.37
CA CYS C 99 -23.15 -0.13 7.68
C CYS C 99 -23.60 1.13 6.98
N GLU C 100 -22.62 2.01 6.71
CA GLU C 100 -22.83 3.24 5.97
C GLU C 100 -21.86 3.27 4.79
N LEU C 101 -22.37 3.68 3.64
CA LEU C 101 -21.53 3.99 2.48
C LEU C 101 -21.51 5.50 2.40
N LEU C 102 -20.35 6.09 2.67
CA LEU C 102 -20.22 7.54 2.72
C LEU C 102 -20.11 8.13 1.32
N GLU C 103 -20.43 9.42 1.24
CA GLU C 103 -20.38 10.12 -0.04
C GLU C 103 -18.99 10.00 -0.68
N ASP C 104 -17.93 10.08 0.13
CA ASP C 104 -16.56 9.97 -0.41
C ASP C 104 -16.17 8.54 -0.75
N GLY C 105 -17.07 7.57 -0.60
CA GLY C 105 -16.77 6.18 -0.91
C GLY C 105 -16.24 5.34 0.25
N SER C 106 -15.87 5.96 1.36
CA SER C 106 -15.44 5.15 2.50
C SER C 106 -16.67 4.51 3.17
N THR C 107 -16.40 3.61 4.11
CA THR C 107 -17.47 2.85 4.75
C THR C 107 -17.29 2.86 6.26
N THR C 108 -18.40 2.61 6.97
CA THR C 108 -18.39 2.39 8.40
C THR C 108 -19.28 1.18 8.68
N GLY C 109 -19.08 0.58 9.83
CA GLY C 109 -19.89 -0.57 10.23
C GLY C 109 -20.09 -0.52 11.74
N PHE C 110 -21.20 -1.08 12.20
CA PHE C 110 -21.45 -1.05 13.65
C PHE C 110 -22.27 -2.27 14.02
N LEU C 111 -22.07 -2.73 15.24
CA LEU C 111 -22.83 -3.86 15.76
C LEU C 111 -22.87 -3.65 17.26
N GLN C 112 -24.09 -3.48 17.81
CA GLN C 112 -24.27 -3.08 19.20
C GLN C 112 -25.46 -3.82 19.79
N TYR C 113 -25.41 -4.07 21.10
CA TYR C 113 -26.49 -4.67 21.87
C TYR C 113 -26.81 -3.75 23.04
N ALA C 114 -28.09 -3.75 23.42
CA ALA C 114 -28.55 -3.02 24.58
C ALA C 114 -29.42 -3.91 25.44
N TYR C 115 -29.36 -3.66 26.75
CA TYR C 115 -30.22 -4.33 27.73
C TYR C 115 -31.04 -3.27 28.44
N ASP C 116 -32.37 -3.44 28.47
CA ASP C 116 -33.28 -2.44 29.05
C ASP C 116 -32.99 -1.04 28.48
N GLY C 117 -32.74 -0.98 27.18
CA GLY C 117 -32.60 0.31 26.48
C GLY C 117 -31.31 1.06 26.71
N GLN C 118 -30.31 0.43 27.34
CA GLN C 118 -29.03 1.04 27.63
C GLN C 118 -27.92 0.23 26.97
N ASP C 119 -26.86 0.93 26.53
CA ASP C 119 -25.70 0.25 25.95
C ASP C 119 -25.25 -0.92 26.81
N PHE C 120 -24.93 -2.03 26.16
CA PHE C 120 -24.52 -3.24 26.87
C PHE C 120 -23.19 -3.74 26.30
N LEU C 121 -23.12 -3.98 25.00
CA LEU C 121 -21.91 -4.52 24.36
C LEU C 121 -21.77 -3.85 23.00
N ILE C 122 -20.54 -3.36 22.68
CA ILE C 122 -20.27 -2.64 21.44
C ILE C 122 -19.11 -3.33 20.73
N PHE C 123 -19.33 -3.74 19.50
CA PHE C 123 -18.29 -4.46 18.74
C PHE C 123 -17.29 -3.48 18.14
N ASN C 124 -16.00 -3.82 18.26
CA ASN C 124 -14.90 -3.05 17.64
C ASN C 124 -14.37 -3.93 16.51
N LYS C 125 -14.78 -3.65 15.28
CA LYS C 125 -14.33 -4.52 14.20
C LYS C 125 -12.86 -4.29 13.85
N ASP C 126 -12.25 -3.22 14.39
CA ASP C 126 -10.86 -2.96 14.05
C ASP C 126 -9.90 -3.72 14.94
N THR C 127 -10.28 -4.05 16.16
CA THR C 127 -9.47 -4.94 17.00
C THR C 127 -10.12 -6.30 17.22
N LEU C 128 -11.30 -6.53 16.64
CA LEU C 128 -12.07 -7.76 16.90
C LEU C 128 -12.28 -7.98 18.39
N SER C 129 -12.80 -6.97 19.06
CA SER C 129 -13.05 -7.09 20.48
C SER C 129 -14.43 -6.50 20.78
N TRP C 130 -14.98 -6.91 21.91
CA TRP C 130 -16.25 -6.39 22.38
C TRP C 130 -16.01 -5.48 23.59
N LEU C 131 -16.58 -4.29 23.54
CA LEU C 131 -16.52 -3.37 24.68
C LEU C 131 -17.75 -3.60 25.55
N ALA C 132 -17.52 -3.87 26.85
CA ALA C 132 -18.56 -4.25 27.80
C ALA C 132 -18.78 -3.13 28.78
N VAL C 133 -20.04 -2.85 29.11
CA VAL C 133 -20.30 -1.72 30.02
C VAL C 133 -20.21 -2.08 31.51
N ASP C 134 -20.34 -3.35 31.87
CA ASP C 134 -20.31 -3.74 33.30
C ASP C 134 -19.83 -5.18 33.38
N ASN C 135 -19.84 -5.76 34.58
CA ASN C 135 -19.25 -7.09 34.72
CA ASN C 135 -19.29 -7.10 34.77
C ASN C 135 -20.12 -8.17 34.08
N VAL C 136 -21.44 -7.96 34.02
CA VAL C 136 -22.30 -8.91 33.32
C VAL C 136 -21.94 -8.94 31.83
N ALA C 137 -21.88 -7.77 31.20
CA ALA C 137 -21.45 -7.71 29.79
C ALA C 137 -20.04 -8.27 29.61
N HIS C 138 -19.15 -8.05 30.58
CA HIS C 138 -17.79 -8.61 30.50
C HIS C 138 -17.82 -10.12 30.41
N THR C 139 -18.68 -10.76 31.20
CA THR C 139 -18.85 -12.22 31.14
C THR C 139 -19.25 -12.67 29.75
N ILE C 140 -20.17 -11.93 29.11
CA ILE C 140 -20.60 -12.26 27.75
C ILE C 140 -19.51 -11.99 26.75
N LYS C 141 -18.83 -10.84 26.86
CA LYS C 141 -17.68 -10.52 26.03
C LYS C 141 -16.67 -11.67 25.98
N GLN C 142 -16.34 -12.24 27.14
CA GLN C 142 -15.29 -13.28 27.16
C GLN C 142 -15.70 -14.48 26.34
N ALA C 143 -16.97 -14.88 26.40
CA ALA C 143 -17.42 -16.00 25.58
C ALA C 143 -17.36 -15.67 24.10
N TRP C 144 -17.87 -14.51 23.71
CA TRP C 144 -17.87 -14.13 22.31
C TRP C 144 -16.45 -13.95 21.77
N GLU C 145 -15.55 -13.39 22.57
CA GLU C 145 -14.20 -13.14 22.10
C GLU C 145 -13.38 -14.43 21.94
N ALA C 146 -13.79 -15.51 22.60
CA ALA C 146 -13.11 -16.77 22.47
C ALA C 146 -13.33 -17.41 21.10
N ASN C 147 -14.34 -16.95 20.34
CA ASN C 147 -14.64 -17.55 19.03
C ASN C 147 -14.07 -16.66 17.93
N GLN C 148 -12.79 -16.88 17.61
CA GLN C 148 -12.11 -16.01 16.67
C GLN C 148 -12.77 -16.01 15.29
N HIS C 149 -13.20 -17.18 14.83
CA HIS C 149 -13.79 -17.25 13.49
C HIS C 149 -15.08 -16.44 13.41
N GLU C 150 -15.89 -16.44 14.48
CA GLU C 150 -17.13 -15.66 14.44
C GLU C 150 -16.86 -14.16 14.40
N LEU C 151 -15.83 -13.71 15.13
CA LEU C 151 -15.40 -12.31 15.04
C LEU C 151 -15.00 -11.95 13.61
N LEU C 152 -14.19 -12.80 12.97
CA LEU C 152 -13.79 -12.51 11.59
C LEU C 152 -15.00 -12.47 10.67
N TYR C 153 -15.94 -13.41 10.89
CA TYR C 153 -17.16 -13.45 10.08
C TYR C 153 -17.96 -12.16 10.22
N GLN C 154 -18.09 -11.65 11.45
CA GLN C 154 -18.83 -10.39 11.66
CA GLN C 154 -18.83 -10.39 11.66
C GLN C 154 -18.12 -9.21 10.99
N LYS C 155 -16.78 -9.18 11.07
CA LYS C 155 -16.06 -8.12 10.35
C LYS C 155 -16.33 -8.19 8.85
N ASN C 156 -16.23 -9.40 8.27
CA ASN C 156 -16.54 -9.54 6.86
C ASN C 156 -17.97 -9.09 6.56
N TRP C 157 -18.91 -9.42 7.42
CA TRP C 157 -20.31 -9.07 7.13
C TRP C 157 -20.47 -7.55 7.13
N LEU C 158 -19.90 -6.89 8.14
CA LEU C 158 -20.02 -5.43 8.24
C LEU C 158 -19.32 -4.72 7.10
N GLU C 159 -18.13 -5.19 6.71
CA GLU C 159 -17.33 -4.46 5.72
C GLU C 159 -17.67 -4.80 4.28
N GLU C 160 -18.07 -6.05 3.98
CA GLU C 160 -18.32 -6.46 2.59
C GLU C 160 -19.79 -6.77 2.32
N GLU C 161 -20.37 -7.74 3.04
CA GLU C 161 -21.72 -8.18 2.74
C GLU C 161 -22.73 -7.07 2.96
N CYS C 162 -22.64 -6.37 4.08
CA CYS C 162 -23.58 -5.29 4.37
C CYS C 162 -23.53 -4.21 3.29
N ILE C 163 -22.31 -3.84 2.85
CA ILE C 163 -22.21 -2.78 1.84
C ILE C 163 -22.78 -3.27 0.52
N ALA C 164 -22.56 -4.54 0.19
CA ALA C 164 -23.09 -5.06 -1.06
C ALA C 164 -24.61 -5.08 -1.04
N TRP C 165 -25.21 -5.47 0.10
CA TRP C 165 -26.68 -5.44 0.21
C TRP C 165 -27.18 -4.01 0.07
N LEU C 166 -26.52 -3.07 0.74
CA LEU C 166 -26.95 -1.68 0.69
C LEU C 166 -26.89 -1.15 -0.75
N LYS C 167 -25.78 -1.41 -1.46
CA LYS C 167 -25.72 -0.97 -2.87
C LYS C 167 -26.85 -1.59 -3.68
N ARG C 168 -27.16 -2.85 -3.42
CA ARG C 168 -28.22 -3.51 -4.16
C ARG C 168 -29.57 -2.87 -3.86
N PHE C 169 -29.81 -2.53 -2.58
CA PHE C 169 -31.08 -1.92 -2.20
C PHE C 169 -31.16 -0.48 -2.69
N LEU C 170 -30.02 0.24 -2.69
CA LEU C 170 -30.02 1.60 -3.20
CA LEU C 170 -30.00 1.60 -3.21
C LEU C 170 -30.47 1.64 -4.65
N GLU C 171 -30.06 0.66 -5.44
CA GLU C 171 -30.49 0.61 -6.83
C GLU C 171 -31.96 0.21 -6.91
N TYR C 172 -32.39 -0.80 -6.15
CA TYR C 172 -33.80 -1.19 -6.15
C TYR C 172 -34.70 0.00 -5.87
N GLY C 173 -34.37 0.77 -4.83
CA GLY C 173 -35.19 1.89 -4.45
C GLY C 173 -34.73 3.25 -4.95
N LYS C 174 -33.95 3.30 -6.04
CA LYS C 174 -33.31 4.56 -6.43
C LYS C 174 -34.31 5.70 -6.59
N ASP C 175 -35.50 5.44 -7.16
CA ASP C 175 -36.45 6.54 -7.39
C ASP C 175 -36.92 7.19 -6.09
N THR C 176 -36.88 6.46 -4.98
CA THR C 176 -37.20 7.00 -3.67
C THR C 176 -35.95 7.54 -2.98
N LEU C 177 -34.93 6.67 -2.87
CA LEU C 177 -33.79 6.94 -1.98
C LEU C 177 -32.87 8.00 -2.55
N GLN C 178 -32.76 8.10 -3.86
CA GLN C 178 -31.80 9.02 -4.46
C GLN C 178 -32.46 10.28 -5.04
N ARG C 179 -33.73 10.53 -4.74
CA ARG C 179 -34.38 11.72 -5.27
C ARG C 179 -34.05 12.92 -4.38
N THR C 180 -34.37 14.12 -4.90
CA THR C 180 -34.21 15.32 -4.11
C THR C 180 -35.48 16.15 -4.17
N GLU C 181 -36.04 16.48 -3.02
CA GLU C 181 -37.12 17.46 -2.96
CA GLU C 181 -37.12 17.46 -2.97
C GLU C 181 -36.61 18.66 -2.18
N PRO C 182 -36.42 19.82 -2.81
CA PRO C 182 -35.81 20.97 -2.12
C PRO C 182 -36.77 21.54 -1.09
N PRO C 183 -36.24 22.20 -0.05
CA PRO C 183 -37.11 22.79 0.97
C PRO C 183 -37.80 24.06 0.50
N LEU C 184 -39.05 24.22 0.93
CA LEU C 184 -39.72 25.52 0.96
C LEU C 184 -39.35 26.17 2.28
N VAL C 185 -38.81 27.38 2.24
CA VAL C 185 -38.26 28.02 3.43
C VAL C 185 -38.77 29.44 3.52
N ARG C 186 -39.20 29.84 4.72
CA ARG C 186 -39.71 31.17 4.95
C ARG C 186 -39.25 31.65 6.32
N VAL C 187 -39.25 32.97 6.48
CA VAL C 187 -38.92 33.60 7.75
C VAL C 187 -40.16 34.35 8.23
N ASN C 188 -40.54 34.10 9.48
CA ASN C 188 -41.66 34.78 10.13
C ASN C 188 -41.13 35.62 11.27
N ARG C 189 -41.63 36.85 11.36
CA ARG C 189 -41.25 37.81 12.39
C ARG C 189 -42.48 38.11 13.26
N LYS C 190 -42.27 38.27 14.57
CA LYS C 190 -43.38 38.56 15.46
C LYS C 190 -42.85 39.11 16.78
N GLU C 191 -43.49 40.15 17.31
CA GLU C 191 -43.17 40.62 18.66
C GLU C 191 -43.86 39.71 19.67
N THR C 192 -43.09 39.14 20.58
CA THR C 192 -43.67 38.22 21.55
C THR C 192 -43.92 38.93 22.89
N PHE C 193 -43.15 38.56 23.91
CA PHE C 193 -43.12 39.35 25.14
C PHE C 193 -42.81 40.81 24.79
N PRO C 194 -43.43 41.77 25.48
CA PRO C 194 -43.18 43.19 25.15
C PRO C 194 -41.69 43.48 25.01
N GLY C 195 -41.31 44.07 23.87
CA GLY C 195 -39.93 44.40 23.57
C GLY C 195 -39.09 43.26 23.03
N VAL C 196 -39.66 42.08 22.83
CA VAL C 196 -38.94 40.91 22.36
C VAL C 196 -39.46 40.57 20.97
N THR C 197 -38.57 40.51 20.00
CA THR C 197 -38.93 40.17 18.63
C THR C 197 -38.34 38.82 18.28
N ALA C 198 -39.17 37.91 17.77
CA ALA C 198 -38.75 36.56 17.48
C ALA C 198 -38.69 36.35 15.96
N LEU C 199 -37.62 35.70 15.51
CA LEU C 199 -37.48 35.28 14.12
C LEU C 199 -37.50 33.76 14.04
N PHE C 200 -38.41 33.21 13.26
CA PHE C 200 -38.48 31.79 12.99
C PHE C 200 -38.15 31.58 11.50
N CYS C 201 -37.18 30.71 11.21
CA CYS C 201 -36.90 30.24 9.85
CA CYS C 201 -37.03 30.27 9.83
C CYS C 201 -37.41 28.80 9.74
N LYS C 202 -38.40 28.56 8.88
CA LYS C 202 -39.11 27.29 8.84
C LYS C 202 -38.99 26.68 7.45
N ALA C 203 -38.60 25.41 7.41
CA ALA C 203 -38.44 24.68 6.14
C ALA C 203 -39.41 23.51 6.13
N HIS C 204 -39.98 23.21 4.97
CA HIS C 204 -40.77 22.01 4.86
C HIS C 204 -40.75 21.54 3.41
N GLY C 205 -41.31 20.34 3.21
CA GLY C 205 -41.37 19.76 1.89
C GLY C 205 -40.09 19.13 1.39
N PHE C 206 -39.09 18.92 2.25
CA PHE C 206 -37.78 18.50 1.72
C PHE C 206 -37.52 17.02 1.93
N TYR C 207 -36.75 16.45 0.99
CA TYR C 207 -36.21 15.10 1.09
C TYR C 207 -34.87 15.14 0.38
N PRO C 208 -33.84 14.53 0.93
CA PRO C 208 -33.70 13.75 2.17
C PRO C 208 -33.87 14.60 3.44
N PRO C 209 -34.06 13.93 4.59
CA PRO C 209 -34.27 14.70 5.83
C PRO C 209 -33.04 15.48 6.29
N GLU C 210 -31.83 15.13 5.88
CA GLU C 210 -30.63 15.86 6.31
C GLU C 210 -30.65 17.28 5.73
N ILE C 211 -30.60 18.28 6.62
CA ILE C 211 -30.68 19.68 6.24
C ILE C 211 -29.83 20.44 7.24
N TYR C 212 -29.22 21.54 6.81
CA TYR C 212 -28.47 22.42 7.70
C TYR C 212 -29.16 23.78 7.75
N MET C 213 -29.44 24.26 8.95
CA MET C 213 -30.14 25.53 9.14
CA MET C 213 -30.13 25.53 9.14
C MET C 213 -29.42 26.33 10.21
N THR C 214 -29.19 27.61 9.96
CA THR C 214 -28.48 28.43 10.94
C THR C 214 -28.92 29.86 10.79
N TRP C 215 -28.70 30.64 11.85
CA TRP C 215 -28.89 32.08 11.83
C TRP C 215 -27.54 32.79 11.90
N MET C 216 -27.38 33.83 11.08
CA MET C 216 -26.18 34.65 11.07
C MET C 216 -26.54 36.11 11.30
N LYS C 217 -25.59 36.85 11.85
CA LYS C 217 -25.72 38.28 12.16
C LYS C 217 -24.62 39.01 11.41
N ASN C 218 -25.02 39.95 10.54
CA ASN C 218 -24.08 40.76 9.77
C ASN C 218 -23.10 39.89 8.98
N GLY C 219 -23.53 38.70 8.57
CA GLY C 219 -22.66 37.78 7.85
C GLY C 219 -21.85 36.82 8.70
N GLU C 220 -21.79 37.00 10.02
CA GLU C 220 -21.05 36.12 10.92
C GLU C 220 -21.99 35.36 11.84
N GLU C 221 -21.50 34.25 12.40
CA GLU C 221 -22.35 33.43 13.25
C GLU C 221 -22.74 34.22 14.50
N ILE C 222 -23.97 33.99 14.96
CA ILE C 222 -24.45 34.66 16.17
C ILE C 222 -23.80 33.97 17.36
N VAL C 223 -24.03 34.49 18.57
CA VAL C 223 -23.61 33.80 19.79
C VAL C 223 -24.74 33.85 20.80
N GLN C 224 -25.93 34.22 20.33
CA GLN C 224 -27.12 34.19 21.15
C GLN C 224 -27.71 32.78 21.13
N GLU C 225 -28.80 32.59 21.87
CA GLU C 225 -29.42 31.28 21.95
C GLU C 225 -30.28 31.06 20.72
N ILE C 226 -29.97 30.02 19.94
CA ILE C 226 -30.83 29.56 18.85
C ILE C 226 -31.62 28.38 19.38
N ASP C 227 -32.92 28.35 19.11
CA ASP C 227 -33.75 27.18 19.37
C ASP C 227 -33.91 26.41 18.06
N TYR C 228 -33.91 25.09 18.14
CA TYR C 228 -34.02 24.23 16.97
C TYR C 228 -35.25 23.36 17.08
N GLY C 229 -35.97 23.24 15.97
CA GLY C 229 -37.02 22.26 15.86
C GLY C 229 -36.47 20.97 15.29
N ASP C 230 -37.04 19.87 15.77
CA ASP C 230 -36.69 18.55 15.27
C ASP C 230 -36.98 18.47 13.79
N ILE C 231 -36.25 17.58 13.12
CA ILE C 231 -36.58 17.24 11.75
C ILE C 231 -37.70 16.21 11.84
N LEU C 232 -38.88 16.58 11.37
CA LEU C 232 -40.07 15.77 11.59
C LEU C 232 -40.67 15.30 10.28
N PRO C 233 -41.22 14.09 10.24
CA PRO C 233 -41.83 13.60 9.00
C PRO C 233 -43.19 14.24 8.80
N SER C 234 -43.44 14.72 7.59
CA SER C 234 -44.73 15.36 7.34
C SER C 234 -45.81 14.37 6.94
N GLY C 235 -45.44 13.12 6.69
CA GLY C 235 -46.40 12.07 6.42
C GLY C 235 -46.49 11.69 4.96
N ASP C 236 -46.00 12.54 4.06
CA ASP C 236 -46.04 12.34 2.61
C ASP C 236 -44.66 11.98 2.05
N GLY C 237 -43.72 11.58 2.88
CA GLY C 237 -42.38 11.25 2.43
C GLY C 237 -41.38 12.39 2.55
N THR C 238 -41.85 13.59 2.91
CA THR C 238 -40.99 14.76 3.12
C THR C 238 -40.95 15.16 4.60
N TYR C 239 -40.10 16.16 4.89
CA TYR C 239 -39.77 16.52 6.25
C TYR C 239 -39.87 18.01 6.46
N GLN C 240 -39.88 18.41 7.74
CA GLN C 240 -39.97 19.82 8.11
C GLN C 240 -39.12 20.07 9.35
N ALA C 241 -38.61 21.30 9.49
CA ALA C 241 -37.71 21.68 10.57
C ALA C 241 -37.70 23.19 10.67
N TRP C 242 -37.17 23.72 11.78
CA TRP C 242 -37.08 25.18 11.89
C TRP C 242 -35.95 25.55 12.86
N ALA C 243 -35.59 26.83 12.84
CA ALA C 243 -34.66 27.41 13.81
C ALA C 243 -35.11 28.82 14.12
N SER C 244 -34.98 29.23 15.38
CA SER C 244 -35.47 30.55 15.76
C SER C 244 -34.46 31.28 16.63
N ILE C 245 -34.50 32.62 16.58
CA ILE C 245 -33.70 33.50 17.42
C ILE C 245 -34.55 34.70 17.82
N GLU C 246 -34.00 35.53 18.71
CA GLU C 246 -34.56 36.84 19.05
C GLU C 246 -33.72 37.97 18.45
N LEU C 247 -34.41 39.04 18.06
CA LEU C 247 -33.76 40.28 17.67
C LEU C 247 -33.07 40.93 18.87
N ASN C 253 -27.40 43.41 13.94
CA ASN C 253 -28.47 44.24 13.40
C ASN C 253 -29.10 43.64 12.13
N LEU C 254 -28.30 42.95 11.32
CA LEU C 254 -28.77 42.35 10.06
C LEU C 254 -28.73 40.83 10.18
N TYR C 255 -29.91 40.21 10.18
CA TYR C 255 -30.03 38.78 10.43
C TYR C 255 -30.40 38.04 9.16
N SER C 256 -29.82 36.86 8.97
CA SER C 256 -30.21 36.05 7.83
C SER C 256 -30.24 34.59 8.25
N CYS C 257 -31.17 33.84 7.66
CA CYS C 257 -31.24 32.41 7.85
C CYS C 257 -30.53 31.73 6.69
N HIS C 258 -29.63 30.81 7.00
CA HIS C 258 -28.88 30.04 6.01
C HIS C 258 -29.34 28.60 6.06
N VAL C 259 -29.68 28.04 4.89
CA VAL C 259 -30.19 26.68 4.79
C VAL C 259 -29.34 25.99 3.74
N GLU C 260 -28.82 24.81 4.03
CA GLU C 260 -28.15 24.03 3.00
C GLU C 260 -28.82 22.67 2.90
N HIS C 261 -29.19 22.28 1.68
CA HIS C 261 -29.91 21.03 1.44
C HIS C 261 -29.44 20.43 0.13
N SER C 262 -28.89 19.22 0.20
CA SER C 262 -28.43 18.46 -0.97
C SER C 262 -27.66 19.32 -1.97
N GLY C 263 -26.65 20.04 -1.48
CA GLY C 263 -25.76 20.75 -2.37
C GLY C 263 -26.23 22.11 -2.84
N VAL C 264 -27.33 22.61 -2.31
CA VAL C 264 -27.85 23.93 -2.67
C VAL C 264 -27.88 24.76 -1.41
N HIS C 265 -27.32 25.97 -1.47
CA HIS C 265 -27.38 26.86 -0.33
CA HIS C 265 -27.35 26.90 -0.35
C HIS C 265 -28.42 27.95 -0.59
N MET C 266 -29.09 28.36 0.46
CA MET C 266 -30.16 29.34 0.39
CA MET C 266 -30.18 29.33 0.40
C MET C 266 -29.98 30.32 1.53
N VAL C 267 -30.20 31.60 1.25
CA VAL C 267 -30.08 32.65 2.27
C VAL C 267 -31.36 33.46 2.28
N LEU C 268 -31.88 33.73 3.47
CA LEU C 268 -33.11 34.49 3.65
C LEU C 268 -32.73 35.65 4.58
N GLN C 269 -32.53 36.84 4.00
CA GLN C 269 -32.17 38.01 4.79
CA GLN C 269 -32.17 38.01 4.79
C GLN C 269 -33.41 38.67 5.35
N VAL C 270 -33.36 39.06 6.62
CA VAL C 270 -34.49 39.67 7.30
C VAL C 270 -34.43 41.17 7.05
N PRO C 271 -35.45 41.77 6.43
CA PRO C 271 -35.46 43.20 6.06
C PRO C 271 -35.61 44.14 7.26
N GLY D 2 -25.74 -18.37 -12.17
CA GLY D 2 -25.84 -19.49 -11.25
C GLY D 2 -24.63 -19.58 -10.33
N GLN D 3 -24.77 -20.26 -9.21
CA GLN D 3 -23.69 -20.38 -8.23
C GLN D 3 -22.97 -21.69 -8.42
N ASN D 4 -21.64 -21.64 -8.41
CA ASN D 4 -20.78 -22.76 -8.76
CA ASN D 4 -20.79 -22.77 -8.76
C ASN D 4 -19.64 -22.88 -7.75
N ILE D 5 -19.26 -24.11 -7.45
CA ILE D 5 -18.08 -24.38 -6.66
CA ILE D 5 -18.10 -24.42 -6.63
C ILE D 5 -17.33 -25.51 -7.35
N ASP D 6 -16.04 -25.31 -7.55
CA ASP D 6 -15.29 -26.24 -8.39
C ASP D 6 -14.00 -26.64 -7.71
N GLN D 7 -13.80 -27.94 -7.57
CA GLN D 7 -12.56 -28.48 -7.03
C GLN D 7 -12.28 -29.74 -7.84
N PRO D 8 -11.01 -30.10 -8.01
CA PRO D 8 -10.69 -31.24 -8.88
C PRO D 8 -11.37 -32.51 -8.38
N THR D 9 -11.62 -33.43 -9.33
CA THR D 9 -12.27 -34.68 -8.96
C THR D 9 -11.35 -35.54 -8.13
N GLU D 10 -10.08 -35.60 -8.52
CA GLU D 10 -9.11 -36.48 -7.91
C GLU D 10 -7.74 -35.84 -7.99
N MET D 11 -6.91 -36.14 -6.98
CA MET D 11 -5.50 -35.80 -7.00
C MET D 11 -4.71 -36.96 -6.45
N THR D 12 -3.48 -37.13 -6.96
CA THR D 12 -2.59 -38.16 -6.50
C THR D 12 -1.25 -37.51 -6.20
N ALA D 13 -0.67 -37.86 -5.06
CA ALA D 13 0.61 -37.32 -4.64
C ALA D 13 1.34 -38.39 -3.84
N THR D 14 2.62 -38.14 -3.54
CA THR D 14 3.46 -39.15 -2.93
C THR D 14 3.58 -38.95 -1.44
N GLU D 15 3.56 -40.07 -0.71
CA GLU D 15 3.81 -40.07 0.72
C GLU D 15 5.03 -39.23 1.06
N GLY D 16 4.89 -38.38 2.09
CA GLY D 16 5.93 -37.51 2.57
C GLY D 16 6.05 -36.19 1.82
N ALA D 17 5.37 -36.05 0.69
CA ALA D 17 5.40 -34.84 -0.10
C ALA D 17 4.26 -33.91 0.33
N ILE D 18 3.87 -32.98 -0.53
CA ILE D 18 2.84 -31.97 -0.27
CA ILE D 18 2.79 -32.06 -0.22
C ILE D 18 1.80 -32.04 -1.38
N VAL D 19 0.57 -31.63 -1.07
CA VAL D 19 -0.47 -31.50 -2.08
C VAL D 19 -1.31 -30.28 -1.71
N GLN D 20 -1.69 -29.53 -2.73
CA GLN D 20 -2.53 -28.35 -2.59
C GLN D 20 -3.82 -28.62 -3.35
N ILE D 21 -4.95 -28.62 -2.64
CA ILE D 21 -6.25 -28.87 -3.25
C ILE D 21 -6.94 -27.52 -3.44
N ASN D 22 -7.20 -27.13 -4.69
CA ASN D 22 -7.82 -25.83 -4.96
C ASN D 22 -9.35 -25.94 -4.96
N CYS D 23 -9.99 -24.84 -4.59
CA CYS D 23 -11.44 -24.74 -4.61
C CYS D 23 -11.77 -23.33 -5.08
N THR D 24 -12.41 -23.19 -6.23
CA THR D 24 -12.86 -21.86 -6.64
C THR D 24 -14.38 -21.78 -6.56
N TYR D 25 -14.88 -20.57 -6.33
CA TYR D 25 -16.32 -20.40 -6.11
C TYR D 25 -16.79 -19.12 -6.79
N GLN D 26 -17.97 -19.20 -7.38
CA GLN D 26 -18.71 -18.04 -7.88
C GLN D 26 -20.04 -18.12 -7.18
N THR D 27 -20.24 -17.24 -6.21
CA THR D 27 -21.49 -17.22 -5.48
C THR D 27 -22.01 -15.80 -5.48
N SER D 28 -23.31 -15.66 -5.28
CA SER D 28 -23.89 -14.37 -4.96
CA SER D 28 -23.89 -14.36 -4.96
C SER D 28 -23.76 -14.19 -3.46
N GLY D 29 -22.76 -13.41 -3.05
CA GLY D 29 -22.45 -13.19 -1.65
C GLY D 29 -21.52 -14.25 -1.09
N PHE D 30 -20.91 -13.92 0.05
CA PHE D 30 -19.90 -14.78 0.62
C PHE D 30 -19.87 -14.59 2.13
N ASN D 31 -20.02 -15.68 2.86
CA ASN D 31 -20.03 -15.63 4.32
C ASN D 31 -19.10 -16.69 4.91
N GLY D 32 -18.19 -17.21 4.12
CA GLY D 32 -17.18 -18.13 4.62
C GLY D 32 -17.06 -19.35 3.74
N LEU D 33 -15.88 -19.98 3.78
CA LEU D 33 -15.57 -21.18 3.01
C LEU D 33 -15.07 -22.22 4.00
N PHE D 34 -15.64 -23.43 3.92
CA PHE D 34 -15.30 -24.54 4.80
C PHE D 34 -14.59 -25.64 4.03
N TRP D 35 -13.71 -26.36 4.72
CA TRP D 35 -13.20 -27.63 4.24
C TRP D 35 -13.56 -28.73 5.23
N TYR D 36 -13.95 -29.89 4.67
CA TYR D 36 -14.29 -31.10 5.40
C TYR D 36 -13.47 -32.25 4.85
N GLN D 37 -13.07 -33.15 5.72
CA GLN D 37 -12.44 -34.40 5.31
C GLN D 37 -13.46 -35.52 5.41
N GLN D 38 -13.47 -36.44 4.44
CA GLN D 38 -14.42 -37.54 4.49
C GLN D 38 -13.68 -38.80 4.08
N HIS D 39 -13.32 -39.63 5.06
CA HIS D 39 -12.77 -40.95 4.75
C HIS D 39 -13.83 -41.85 4.13
N ALA D 40 -13.38 -42.81 3.33
CA ALA D 40 -14.31 -43.64 2.58
C ALA D 40 -15.21 -44.40 3.54
N GLY D 41 -16.51 -44.37 3.26
CA GLY D 41 -17.50 -44.99 4.12
C GLY D 41 -17.76 -44.27 5.42
N GLU D 42 -17.09 -43.15 5.68
CA GLU D 42 -17.24 -42.40 6.91
C GLU D 42 -18.01 -41.10 6.66
N ALA D 43 -18.31 -40.41 7.74
CA ALA D 43 -18.97 -39.12 7.73
C ALA D 43 -17.95 -38.00 7.52
N PRO D 44 -18.32 -36.91 6.86
CA PRO D 44 -17.44 -35.74 6.79
C PRO D 44 -17.22 -35.15 8.17
N THR D 45 -16.01 -34.63 8.38
CA THR D 45 -15.65 -33.97 9.63
C THR D 45 -15.01 -32.64 9.29
N PHE D 46 -15.35 -31.63 10.08
CA PHE D 46 -14.85 -30.27 9.84
C PHE D 46 -13.33 -30.18 9.93
N LEU D 47 -12.72 -29.52 8.94
CA LEU D 47 -11.28 -29.24 8.94
C LEU D 47 -10.98 -27.77 9.17
N SER D 48 -11.60 -26.87 8.41
CA SER D 48 -11.19 -25.47 8.51
C SER D 48 -12.31 -24.57 8.02
N TYR D 49 -12.23 -23.30 8.46
CA TYR D 49 -13.08 -22.22 8.00
C TYR D 49 -12.24 -21.01 7.69
N ASN D 50 -12.43 -20.39 6.52
CA ASN D 50 -11.85 -19.08 6.24
C ASN D 50 -12.95 -18.13 5.80
N VAL D 51 -12.84 -16.85 6.19
CA VAL D 51 -13.75 -15.82 5.67
C VAL D 51 -13.03 -14.52 5.28
N LEU D 52 -11.90 -14.21 5.91
CA LEU D 52 -11.07 -13.09 5.50
C LEU D 52 -9.83 -13.61 4.80
N ASP D 53 -9.03 -12.70 4.24
CA ASP D 53 -7.89 -13.15 3.45
C ASP D 53 -6.74 -13.61 4.35
N GLY D 54 -6.17 -14.75 4.02
CA GLY D 54 -4.96 -15.21 4.66
C GLY D 54 -4.88 -16.72 4.69
N LEU D 55 -3.90 -17.21 5.44
CA LEU D 55 -3.56 -18.62 5.51
C LEU D 55 -3.58 -19.01 6.98
N GLU D 56 -4.38 -20.02 7.34
CA GLU D 56 -4.34 -20.55 8.69
C GLU D 56 -3.85 -21.99 8.68
N GLU D 57 -3.07 -22.33 9.68
CA GLU D 57 -2.42 -23.62 9.78
C GLU D 57 -2.94 -24.35 11.00
N LYS D 58 -3.36 -25.61 10.82
CA LYS D 58 -3.77 -26.50 11.91
C LYS D 58 -3.01 -27.80 11.70
N GLY D 59 -1.84 -27.91 12.32
CA GLY D 59 -1.08 -29.13 12.18
C GLY D 59 -0.44 -29.18 10.82
N ARG D 60 -0.63 -30.31 10.14
CA ARG D 60 -0.09 -30.47 8.80
C ARG D 60 -1.00 -29.87 7.74
N PHE D 61 -2.17 -29.36 8.12
CA PHE D 61 -3.16 -28.82 7.19
C PHE D 61 -3.17 -27.30 7.26
N SER D 62 -3.10 -26.65 6.10
CA SER D 62 -3.24 -25.21 6.01
C SER D 62 -4.37 -24.86 5.06
N SER D 63 -5.13 -23.81 5.40
CA SER D 63 -6.23 -23.40 4.55
CA SER D 63 -6.24 -23.40 4.54
C SER D 63 -6.07 -21.93 4.20
N PHE D 64 -6.13 -21.62 2.91
CA PHE D 64 -5.88 -20.29 2.39
C PHE D 64 -7.15 -19.75 1.76
N LEU D 65 -7.36 -18.44 1.87
CA LEU D 65 -8.46 -17.81 1.17
C LEU D 65 -8.01 -16.50 0.53
N SER D 66 -8.45 -16.29 -0.71
CA SER D 66 -8.39 -15.00 -1.38
C SER D 66 -9.80 -14.61 -1.79
N ARG D 67 -10.35 -13.59 -1.15
CA ARG D 67 -11.72 -13.20 -1.47
C ARG D 67 -11.83 -12.59 -2.85
N SER D 68 -10.79 -11.92 -3.32
CA SER D 68 -10.87 -11.20 -4.60
C SER D 68 -10.66 -12.11 -5.80
N LYS D 69 -9.88 -13.17 -5.65
CA LYS D 69 -9.77 -14.22 -6.65
C LYS D 69 -10.86 -15.27 -6.53
N GLY D 70 -11.67 -15.25 -5.47
CA GLY D 70 -12.65 -16.28 -5.22
C GLY D 70 -12.08 -17.69 -5.21
N TYR D 71 -11.00 -17.90 -4.45
CA TYR D 71 -10.32 -19.18 -4.45
CA TYR D 71 -10.49 -19.25 -4.38
C TYR D 71 -9.81 -19.49 -3.05
N SER D 72 -9.72 -20.77 -2.72
CA SER D 72 -9.15 -21.25 -1.48
C SER D 72 -8.34 -22.48 -1.82
N TYR D 73 -7.32 -22.77 -1.04
CA TYR D 73 -6.76 -24.10 -1.12
C TYR D 73 -6.60 -24.68 0.28
N LEU D 74 -6.61 -26.01 0.30
CA LEU D 74 -6.24 -26.82 1.45
C LEU D 74 -4.87 -27.40 1.13
N LEU D 75 -3.88 -27.14 1.98
CA LEU D 75 -2.52 -27.58 1.78
C LEU D 75 -2.19 -28.64 2.82
N LEU D 76 -1.73 -29.79 2.39
CA LEU D 76 -1.37 -30.88 3.29
C LEU D 76 0.12 -31.14 3.11
N LYS D 77 0.86 -31.08 4.20
CA LYS D 77 2.30 -31.29 4.19
C LYS D 77 2.62 -32.65 4.80
N GLU D 78 3.83 -33.16 4.51
CA GLU D 78 4.30 -34.44 5.06
C GLU D 78 3.21 -35.51 4.93
N LEU D 79 2.79 -35.76 3.70
CA LEU D 79 1.64 -36.61 3.43
C LEU D 79 1.84 -38.02 3.98
N GLN D 80 0.78 -38.56 4.57
CA GLN D 80 0.74 -39.92 5.08
C GLN D 80 -0.37 -40.67 4.38
N MET D 81 -0.29 -42.01 4.41
CA MET D 81 -1.31 -42.84 3.79
C MET D 81 -2.69 -42.56 4.40
N LYS D 82 -2.75 -42.25 5.70
CA LYS D 82 -4.05 -41.97 6.33
C LYS D 82 -4.69 -40.69 5.83
N ASP D 83 -3.97 -39.88 5.02
CA ASP D 83 -4.61 -38.71 4.42
C ASP D 83 -5.42 -39.07 3.19
N SER D 84 -5.39 -40.34 2.74
CA SER D 84 -6.23 -40.78 1.65
C SER D 84 -7.68 -40.65 2.06
N ALA D 85 -8.43 -39.82 1.34
CA ALA D 85 -9.77 -39.42 1.78
C ALA D 85 -10.30 -38.46 0.73
N SER D 86 -11.58 -38.13 0.83
CA SER D 86 -12.11 -37.04 0.02
C SER D 86 -12.13 -35.78 0.86
N TYR D 87 -11.93 -34.66 0.20
CA TYR D 87 -11.87 -33.34 0.81
C TYR D 87 -12.93 -32.49 0.14
N LEU D 88 -13.88 -31.98 0.94
CA LEU D 88 -15.04 -31.26 0.46
C LEU D 88 -14.92 -29.79 0.80
N CYS D 89 -15.10 -28.95 -0.21
N CYS D 89 -15.10 -28.92 -0.21
CA CYS D 89 -15.16 -27.51 -0.08
CA CYS D 89 -15.11 -27.48 0.03
C CYS D 89 -16.62 -27.10 -0.06
C CYS D 89 -16.52 -26.94 -0.20
N ALA D 90 -16.94 -26.05 0.70
CA ALA D 90 -18.30 -25.55 0.74
C ALA D 90 -18.30 -24.10 1.12
N VAL D 91 -19.20 -23.33 0.50
CA VAL D 91 -19.25 -21.88 0.66
C VAL D 91 -20.63 -21.50 1.17
N LYS D 92 -20.69 -20.61 2.16
CA LYS D 92 -21.96 -20.02 2.56
C LYS D 92 -22.22 -18.75 1.74
N ASP D 93 -23.38 -18.69 1.10
CA ASP D 93 -23.66 -17.59 0.18
C ASP D 93 -24.37 -16.47 0.93
N SER D 94 -24.95 -15.52 0.18
CA SER D 94 -25.55 -14.33 0.77
CA SER D 94 -25.54 -14.34 0.78
C SER D 94 -26.73 -14.68 1.65
N ASN D 95 -27.42 -15.78 1.36
CA ASN D 95 -28.56 -16.23 2.16
C ASN D 95 -28.20 -17.35 3.12
N TYR D 96 -26.90 -17.57 3.33
CA TYR D 96 -26.38 -18.58 4.25
C TYR D 96 -26.71 -19.98 3.78
N GLN D 97 -27.05 -20.14 2.51
CA GLN D 97 -27.10 -21.47 1.92
C GLN D 97 -25.67 -22.01 1.78
N LEU D 98 -25.47 -23.25 2.22
CA LEU D 98 -24.17 -23.91 2.06
CA LEU D 98 -24.16 -23.89 2.07
C LEU D 98 -24.13 -24.58 0.70
N ILE D 99 -23.23 -24.13 -0.19
CA ILE D 99 -23.08 -24.69 -1.53
C ILE D 99 -21.85 -25.61 -1.50
N TRP D 100 -22.03 -26.84 -1.89
CA TRP D 100 -21.00 -27.87 -1.70
C TRP D 100 -20.32 -28.19 -3.03
N GLY D 101 -19.00 -28.19 -3.04
CA GLY D 101 -18.29 -28.78 -4.15
C GLY D 101 -18.45 -30.29 -4.16
N ALA D 102 -18.18 -30.90 -5.31
CA ALA D 102 -18.39 -32.33 -5.46
C ALA D 102 -17.32 -33.17 -4.77
N GLY D 103 -16.28 -32.56 -4.23
CA GLY D 103 -15.28 -33.33 -3.52
C GLY D 103 -14.07 -33.62 -4.39
N THR D 104 -12.91 -33.66 -3.73
CA THR D 104 -11.65 -34.11 -4.31
C THR D 104 -11.23 -35.37 -3.59
N LYS D 105 -11.15 -36.47 -4.32
CA LYS D 105 -10.58 -37.68 -3.75
C LYS D 105 -9.05 -37.60 -3.81
N LEU D 106 -8.39 -37.67 -2.65
CA LEU D 106 -6.93 -37.63 -2.58
C LEU D 106 -6.38 -39.04 -2.47
N ILE D 107 -5.53 -39.43 -3.44
CA ILE D 107 -4.85 -40.71 -3.44
C ILE D 107 -3.38 -40.50 -3.14
N ILE D 108 -2.86 -41.25 -2.17
CA ILE D 108 -1.47 -41.13 -1.76
C ILE D 108 -0.71 -42.37 -2.23
N LYS D 109 0.40 -42.14 -2.94
CA LYS D 109 1.26 -43.23 -3.41
C LYS D 109 2.31 -43.54 -2.37
N PRO D 110 2.42 -44.78 -1.90
CA PRO D 110 3.44 -45.10 -0.90
C PRO D 110 4.81 -45.04 -1.52
N ASP D 111 5.81 -44.81 -0.67
CA ASP D 111 7.19 -44.86 -1.14
C ASP D 111 7.71 -46.28 -0.96
N ILE D 112 7.85 -47.01 -2.07
CA ILE D 112 8.20 -48.43 -2.02
C ILE D 112 9.72 -48.53 -1.99
N GLN D 113 10.27 -48.87 -0.82
CA GLN D 113 11.72 -48.88 -0.63
C GLN D 113 12.40 -49.86 -1.58
N ASN D 114 11.95 -51.12 -1.57
CA ASN D 114 12.57 -52.17 -2.37
C ASN D 114 11.52 -52.88 -3.22
N PRO D 115 11.24 -52.38 -4.43
CA PRO D 115 10.22 -53.02 -5.28
C PRO D 115 10.62 -54.43 -5.65
N ASP D 116 9.61 -55.26 -5.91
CA ASP D 116 9.83 -56.68 -6.15
C ASP D 116 8.64 -57.22 -6.94
N PRO D 117 8.39 -56.73 -8.15
CA PRO D 117 7.17 -57.09 -8.86
C PRO D 117 7.04 -58.60 -9.06
N ALA D 118 5.82 -59.10 -8.84
CA ALA D 118 5.56 -60.53 -8.91
C ALA D 118 4.06 -60.76 -9.08
N VAL D 119 3.71 -61.90 -9.68
CA VAL D 119 2.32 -62.33 -9.80
C VAL D 119 2.24 -63.75 -9.26
N TYR D 120 1.57 -63.92 -8.13
CA TYR D 120 1.45 -65.21 -7.45
C TYR D 120 0.07 -65.81 -7.64
N GLN D 121 0.02 -67.14 -7.68
CA GLN D 121 -1.26 -67.85 -7.70
C GLN D 121 -1.55 -68.36 -6.30
N LEU D 122 -2.76 -68.10 -5.82
CA LEU D 122 -3.23 -68.60 -4.54
C LEU D 122 -4.31 -69.66 -4.76
N ARG D 123 -4.38 -70.63 -3.86
CA ARG D 123 -5.34 -71.72 -3.96
C ARG D 123 -6.37 -71.62 -2.84
N ASP D 124 -7.62 -71.98 -3.17
CA ASP D 124 -8.70 -71.93 -2.20
C ASP D 124 -8.42 -72.90 -1.05
N SER D 125 -8.57 -72.41 0.19
CA SER D 125 -8.35 -73.24 1.36
C SER D 125 -9.30 -74.43 1.42
N LYS D 126 -10.56 -74.23 1.02
CA LYS D 126 -11.52 -75.33 0.90
C LYS D 126 -11.49 -75.98 -0.48
N SER D 127 -10.95 -75.30 -1.49
CA SER D 127 -10.86 -75.80 -2.86
C SER D 127 -12.23 -76.18 -3.42
N SER D 131 -9.04 -70.53 -8.02
CA SER D 131 -7.79 -69.85 -7.67
C SER D 131 -7.85 -68.32 -7.87
N VAL D 132 -6.80 -67.63 -7.46
CA VAL D 132 -6.74 -66.17 -7.50
C VAL D 132 -5.31 -65.75 -7.79
N CYS D 133 -5.16 -64.71 -8.61
CA CYS D 133 -3.87 -64.17 -9.01
C CYS D 133 -3.60 -62.87 -8.25
N LEU D 134 -2.42 -62.79 -7.62
CA LEU D 134 -2.04 -61.65 -6.80
C LEU D 134 -0.84 -60.97 -7.42
N PHE D 135 -1.04 -59.77 -7.95
CA PHE D 135 0.04 -58.89 -8.42
C PHE D 135 0.42 -58.00 -7.25
N THR D 136 1.68 -58.10 -6.79
CA THR D 136 2.07 -57.48 -5.54
C THR D 136 3.50 -56.98 -5.61
N ASP D 137 3.84 -56.11 -4.65
CA ASP D 137 5.20 -55.62 -4.40
C ASP D 137 5.76 -54.75 -5.53
N PHE D 138 4.93 -54.30 -6.46
CA PHE D 138 5.39 -53.39 -7.50
C PHE D 138 5.46 -51.95 -6.98
N ASP D 139 6.19 -51.11 -7.74
CA ASP D 139 6.36 -49.71 -7.38
C ASP D 139 5.11 -48.90 -7.68
N SER D 140 4.91 -47.84 -6.90
CA SER D 140 3.68 -47.06 -6.95
C SER D 140 3.48 -46.35 -8.28
N GLN D 141 4.49 -46.29 -9.14
CA GLN D 141 4.28 -45.73 -10.46
C GLN D 141 3.39 -46.62 -11.32
N THR D 142 3.31 -47.91 -11.01
CA THR D 142 2.53 -48.84 -11.82
C THR D 142 1.03 -48.56 -11.72
N ASN D 143 0.33 -48.69 -12.84
CA ASN D 143 -1.12 -48.47 -12.93
C ASN D 143 -1.77 -49.78 -13.34
N VAL D 144 -2.58 -50.34 -12.44
CA VAL D 144 -3.29 -51.59 -12.70
C VAL D 144 -4.57 -51.28 -13.47
N SER D 145 -4.72 -51.87 -14.63
CA SER D 145 -5.83 -51.57 -15.52
C SER D 145 -6.93 -52.60 -15.38
N GLN D 146 -8.16 -52.16 -15.59
CA GLN D 146 -9.33 -53.01 -15.40
C GLN D 146 -9.51 -53.98 -16.55
N VAL D 152 -13.74 -62.04 -16.03
CA VAL D 152 -12.45 -61.76 -15.37
C VAL D 152 -12.48 -60.48 -14.54
N TYR D 153 -12.22 -60.61 -13.24
CA TYR D 153 -12.39 -59.52 -12.29
C TYR D 153 -11.03 -59.11 -11.74
N ILE D 154 -10.71 -57.82 -11.86
CA ILE D 154 -9.44 -57.26 -11.41
C ILE D 154 -9.74 -56.08 -10.49
N THR D 155 -9.20 -56.11 -9.28
CA THR D 155 -9.51 -55.08 -8.29
C THR D 155 -8.59 -53.88 -8.49
N ASP D 156 -8.95 -52.78 -7.83
CA ASP D 156 -8.07 -51.62 -7.74
C ASP D 156 -6.77 -51.99 -7.02
N LYS D 157 -5.80 -51.09 -7.13
CA LYS D 157 -4.55 -51.21 -6.41
C LYS D 157 -4.76 -50.88 -4.93
N CYS D 158 -4.32 -51.77 -4.04
CA CYS D 158 -4.46 -51.61 -2.60
C CYS D 158 -3.11 -51.51 -1.92
N VAL D 159 -3.03 -50.71 -0.85
CA VAL D 159 -1.79 -50.56 -0.08
C VAL D 159 -2.01 -51.18 1.30
N LEU D 160 -1.15 -52.13 1.67
CA LEU D 160 -1.21 -52.70 3.00
C LEU D 160 0.01 -52.26 3.80
N ASP D 161 -0.12 -52.22 5.11
CA ASP D 161 0.91 -51.69 6.00
C ASP D 161 1.17 -52.69 7.11
N MET D 162 2.33 -53.34 7.06
CA MET D 162 2.76 -54.21 8.15
C MET D 162 3.45 -53.33 9.19
N ARG D 163 2.70 -52.94 10.23
CA ARG D 163 3.16 -51.91 11.14
C ARG D 163 4.41 -52.34 11.92
N SER D 164 4.45 -53.60 12.37
CA SER D 164 5.58 -54.06 13.17
C SER D 164 6.87 -54.10 12.36
N MET D 165 6.79 -54.37 11.06
CA MET D 165 7.96 -54.45 10.21
C MET D 165 8.25 -53.15 9.48
N ASP D 166 7.42 -52.11 9.64
CA ASP D 166 7.57 -50.83 8.94
C ASP D 166 7.72 -51.02 7.42
N PHE D 167 6.74 -51.72 6.84
CA PHE D 167 6.78 -52.16 5.45
C PHE D 167 5.42 -51.93 4.81
N LYS D 168 5.41 -51.32 3.63
CA LYS D 168 4.20 -51.14 2.84
C LYS D 168 4.38 -51.81 1.48
N SER D 169 3.27 -52.31 0.92
CA SER D 169 3.31 -52.94 -0.39
C SER D 169 2.00 -52.71 -1.15
N ASN D 170 2.12 -52.51 -2.46
CA ASN D 170 0.99 -52.47 -3.37
C ASN D 170 0.53 -53.89 -3.72
N SER D 171 -0.75 -54.02 -4.06
CA SER D 171 -1.25 -55.29 -4.58
C SER D 171 -2.56 -55.08 -5.33
N ALA D 172 -2.82 -55.97 -6.27
CA ALA D 172 -4.08 -56.05 -6.99
C ALA D 172 -4.44 -57.52 -7.20
N VAL D 173 -5.71 -57.86 -7.04
CA VAL D 173 -6.18 -59.23 -7.14
C VAL D 173 -6.97 -59.39 -8.42
N ALA D 174 -6.77 -60.52 -9.09
CA ALA D 174 -7.51 -60.89 -10.29
C ALA D 174 -8.02 -62.31 -10.16
N TRP D 175 -9.23 -62.55 -10.65
CA TRP D 175 -9.76 -63.91 -10.64
C TRP D 175 -10.82 -64.06 -11.73
N SER D 176 -11.03 -65.31 -12.13
CA SER D 176 -12.00 -65.58 -13.18
C SER D 176 -12.51 -67.00 -13.03
N ASN D 177 -13.67 -67.26 -13.64
CA ASN D 177 -14.28 -68.58 -13.64
C ASN D 177 -14.07 -69.33 -14.96
N LYS D 178 -13.51 -68.67 -15.96
CA LYS D 178 -13.26 -69.30 -17.26
C LYS D 178 -12.06 -70.24 -17.19
N ALA D 182 -5.76 -67.88 -16.57
CA ALA D 182 -4.38 -68.17 -16.17
C ALA D 182 -3.63 -66.92 -15.68
N CYS D 183 -2.87 -67.07 -14.59
CA CYS D 183 -2.18 -65.92 -13.99
C CYS D 183 -1.14 -65.30 -14.91
N ALA D 184 -0.64 -66.05 -15.90
CA ALA D 184 0.33 -65.48 -16.81
C ALA D 184 -0.26 -64.36 -17.64
N ASN D 185 -1.55 -64.45 -17.95
CA ASN D 185 -2.24 -63.46 -18.76
C ASN D 185 -3.14 -62.54 -17.96
N ALA D 186 -3.17 -62.69 -16.64
CA ALA D 186 -4.19 -62.05 -15.82
C ALA D 186 -4.13 -60.53 -15.95
N PHE D 187 -2.94 -59.95 -15.84
CA PHE D 187 -2.77 -58.50 -15.88
C PHE D 187 -2.22 -58.01 -17.22
N ASN D 188 -2.56 -58.70 -18.31
CA ASN D 188 -1.99 -58.37 -19.62
C ASN D 188 -2.40 -56.97 -20.06
N ASN D 189 -3.55 -56.49 -19.62
CA ASN D 189 -4.02 -55.16 -20.03
C ASN D 189 -3.29 -54.03 -19.32
N SER D 190 -2.47 -54.35 -18.33
CA SER D 190 -1.74 -53.34 -17.58
C SER D 190 -0.28 -53.32 -18.01
N ILE D 191 0.31 -52.13 -18.05
CA ILE D 191 1.75 -52.01 -18.23
C ILE D 191 2.43 -52.41 -16.93
N ILE D 192 2.91 -53.66 -16.86
CA ILE D 192 3.57 -54.14 -15.66
C ILE D 192 5.08 -54.01 -15.85
N PRO D 193 5.89 -54.03 -14.78
CA PRO D 193 7.35 -53.94 -14.97
C PRO D 193 7.89 -55.10 -15.80
N GLU D 194 8.96 -54.81 -16.54
CA GLU D 194 9.61 -55.85 -17.33
C GLU D 194 10.15 -56.96 -16.44
N ASP D 195 10.56 -56.63 -15.22
CA ASP D 195 11.15 -57.56 -14.28
C ASP D 195 10.12 -58.27 -13.39
N THR D 196 8.86 -58.35 -13.82
CA THR D 196 7.86 -59.02 -13.02
C THR D 196 8.17 -60.51 -12.92
N PHE D 197 8.14 -61.03 -11.69
CA PHE D 197 8.50 -62.41 -11.40
C PHE D 197 7.27 -63.29 -11.53
N PHE D 198 7.27 -64.18 -12.53
CA PHE D 198 6.16 -65.11 -12.76
C PHE D 198 6.62 -66.52 -12.39
N PRO D 199 6.37 -66.97 -11.17
CA PRO D 199 6.77 -68.33 -10.79
C PRO D 199 6.01 -69.37 -11.60
N SER D 200 6.56 -70.58 -11.64
CA SER D 200 5.94 -71.68 -12.37
C SER D 200 4.65 -72.15 -11.71
N GLY E 4 -21.84 -37.51 19.22
CA GLY E 4 -22.46 -36.24 18.89
C GLY E 4 -23.82 -36.39 18.23
N VAL E 5 -23.80 -36.80 16.96
CA VAL E 5 -25.01 -36.99 16.19
C VAL E 5 -25.19 -38.49 15.99
N THR E 6 -26.36 -39.00 16.41
CA THR E 6 -26.69 -40.41 16.33
C THR E 6 -27.83 -40.56 15.34
N GLN E 7 -27.57 -41.26 14.22
CA GLN E 7 -28.62 -41.49 13.25
C GLN E 7 -28.75 -42.99 13.00
N THR E 8 -29.98 -43.42 12.74
CA THR E 8 -30.26 -44.81 12.46
C THR E 8 -31.30 -44.91 11.36
N PRO E 9 -31.30 -46.01 10.58
CA PRO E 9 -30.40 -47.17 10.64
C PRO E 9 -29.14 -46.96 9.82
N LYS E 10 -28.08 -47.76 10.06
CA LYS E 10 -26.90 -47.68 9.22
C LYS E 10 -27.14 -48.26 7.83
N PHE E 11 -27.98 -49.30 7.72
CA PHE E 11 -28.30 -49.90 6.42
C PHE E 11 -29.77 -50.29 6.40
N GLN E 12 -30.41 -50.13 5.24
CA GLN E 12 -31.77 -50.61 5.10
C GLN E 12 -32.06 -50.95 3.65
N VAL E 13 -32.73 -52.08 3.42
CA VAL E 13 -33.26 -52.43 2.10
C VAL E 13 -34.76 -52.17 2.10
N LEU E 14 -35.25 -51.48 1.08
CA LEU E 14 -36.64 -51.17 0.96
C LEU E 14 -37.13 -51.60 -0.40
N LYS E 15 -38.37 -52.06 -0.44
CA LYS E 15 -39.07 -52.27 -1.70
C LYS E 15 -39.77 -50.97 -2.08
N THR E 16 -39.81 -50.70 -3.38
CA THR E 16 -40.54 -49.56 -3.92
C THR E 16 -41.93 -49.46 -3.31
N GLY E 17 -42.30 -48.24 -2.92
CA GLY E 17 -43.59 -47.96 -2.32
C GLY E 17 -43.63 -48.13 -0.83
N GLN E 18 -42.63 -48.80 -0.23
CA GLN E 18 -42.56 -48.90 1.20
C GLN E 18 -42.20 -47.54 1.78
N SER E 19 -42.71 -47.27 2.96
CA SER E 19 -42.33 -46.07 3.67
C SER E 19 -41.27 -46.41 4.69
N MET E 20 -40.54 -45.39 5.14
CA MET E 20 -39.62 -45.59 6.24
CA MET E 20 -39.60 -45.59 6.22
C MET E 20 -39.24 -44.24 6.83
N THR E 21 -38.76 -44.30 8.06
CA THR E 21 -38.32 -43.12 8.79
C THR E 21 -36.87 -43.32 9.19
N LEU E 22 -36.03 -42.32 8.92
CA LEU E 22 -34.68 -42.27 9.45
C LEU E 22 -34.71 -41.38 10.71
N GLN E 23 -34.03 -41.84 11.74
CA GLN E 23 -33.97 -41.14 13.02
C GLN E 23 -32.63 -40.42 13.13
N CYS E 24 -32.64 -39.30 13.81
CA CYS E 24 -31.44 -38.55 14.11
C CYS E 24 -31.65 -37.80 15.42
N ALA E 25 -30.66 -37.88 16.30
CA ALA E 25 -30.69 -37.18 17.57
C ALA E 25 -29.31 -36.61 17.83
N GLN E 26 -29.27 -35.41 18.38
CA GLN E 26 -28.02 -34.86 18.87
C GLN E 26 -28.23 -34.38 20.31
N ASP E 27 -27.22 -34.59 21.15
CA ASP E 27 -27.25 -34.16 22.53
C ASP E 27 -26.31 -32.98 22.77
N MET E 28 -26.01 -32.21 21.72
CA MET E 28 -25.08 -31.10 21.82
C MET E 28 -25.78 -29.78 22.05
N ASN E 29 -27.09 -29.80 22.33
CA ASN E 29 -27.87 -28.57 22.50
C ASN E 29 -27.85 -27.70 21.26
N HIS E 30 -27.67 -28.30 20.08
CA HIS E 30 -27.62 -27.51 18.85
C HIS E 30 -29.00 -27.01 18.46
N ASN E 31 -29.03 -25.88 17.77
CA ASN E 31 -30.34 -25.38 17.38
C ASN E 31 -30.79 -25.87 16.00
N SER E 32 -29.85 -26.04 15.07
N SER E 32 -29.87 -26.02 15.06
CA SER E 32 -30.20 -26.35 13.68
CA SER E 32 -30.27 -26.34 13.69
C SER E 32 -29.87 -27.80 13.35
C SER E 32 -29.87 -27.76 13.32
N MET E 33 -30.71 -28.42 12.51
CA MET E 33 -30.49 -29.79 12.08
C MET E 33 -30.79 -29.89 10.60
N TYR E 34 -30.21 -30.89 9.95
CA TYR E 34 -30.18 -30.95 8.49
C TYR E 34 -30.21 -32.39 8.03
N TRP E 35 -30.88 -32.64 6.92
CA TRP E 35 -30.82 -33.93 6.25
C TRP E 35 -30.29 -33.74 4.84
N TYR E 36 -29.16 -34.41 4.56
CA TYR E 36 -28.51 -34.42 3.26
C TYR E 36 -28.55 -35.81 2.66
N ARG E 37 -28.47 -35.89 1.34
CA ARG E 37 -28.14 -37.13 0.65
C ARG E 37 -26.86 -36.91 -0.15
N GLN E 38 -26.03 -37.96 -0.20
CA GLN E 38 -24.77 -37.92 -0.94
C GLN E 38 -24.82 -38.97 -2.04
N ASP E 39 -24.59 -38.54 -3.28
CA ASP E 39 -24.62 -39.39 -4.45
C ASP E 39 -23.32 -39.21 -5.22
N PRO E 40 -22.85 -40.24 -5.90
CA PRO E 40 -21.55 -40.12 -6.58
C PRO E 40 -21.55 -38.99 -7.59
N GLY E 41 -20.43 -38.25 -7.62
CA GLY E 41 -20.18 -37.22 -8.61
C GLY E 41 -20.88 -35.90 -8.39
N MET E 42 -21.42 -35.65 -7.20
CA MET E 42 -22.01 -34.34 -6.96
C MET E 42 -21.84 -33.99 -5.50
N GLY E 43 -21.99 -32.70 -5.21
CA GLY E 43 -21.89 -32.25 -3.84
C GLY E 43 -23.07 -32.72 -3.01
N LEU E 44 -22.90 -32.68 -1.70
CA LEU E 44 -24.02 -32.95 -0.81
C LEU E 44 -25.23 -32.11 -1.22
N ARG E 45 -26.42 -32.70 -1.17
CA ARG E 45 -27.66 -31.96 -1.47
C ARG E 45 -28.58 -32.01 -0.27
N LEU E 46 -29.02 -30.84 0.17
CA LEU E 46 -29.89 -30.71 1.32
C LEU E 46 -31.31 -31.14 0.94
N ILE E 47 -31.91 -31.99 1.77
CA ILE E 47 -33.28 -32.47 1.52
C ILE E 47 -34.24 -31.54 2.24
N TYR E 48 -34.07 -31.44 3.56
CA TYR E 48 -34.83 -30.56 4.42
C TYR E 48 -33.90 -30.11 5.53
N TYR E 49 -34.29 -29.05 6.23
CA TYR E 49 -33.52 -28.60 7.37
C TYR E 49 -34.45 -27.95 8.37
N SER E 50 -33.92 -27.67 9.56
CA SER E 50 -34.71 -27.11 10.65
C SER E 50 -33.82 -26.08 11.35
N ALA E 51 -34.11 -24.81 11.13
CA ALA E 51 -33.22 -23.76 11.60
C ALA E 51 -33.26 -23.63 13.12
N SER E 52 -34.34 -24.07 13.73
CA SER E 52 -34.54 -23.97 15.17
CA SER E 52 -34.47 -24.07 15.17
C SER E 52 -35.67 -24.93 15.53
N GLU E 53 -35.75 -25.27 16.80
CA GLU E 53 -36.88 -26.06 17.27
C GLU E 53 -38.17 -25.35 16.85
N GLY E 54 -39.08 -26.07 16.25
CA GLY E 54 -40.35 -25.46 15.92
C GLY E 54 -40.49 -24.92 14.51
N THR E 55 -39.44 -24.98 13.68
CA THR E 55 -39.60 -24.66 12.28
C THR E 55 -38.81 -25.66 11.44
N THR E 56 -39.29 -25.89 10.23
CA THR E 56 -38.61 -26.71 9.24
C THR E 56 -38.85 -26.09 7.87
N ASP E 57 -37.99 -26.41 6.91
CA ASP E 57 -38.21 -25.96 5.54
C ASP E 57 -37.48 -26.86 4.57
N LYS E 58 -37.99 -26.88 3.33
CA LYS E 58 -37.39 -27.70 2.29
C LYS E 58 -36.00 -27.23 1.96
N GLY E 59 -35.15 -28.18 1.56
CA GLY E 59 -33.87 -27.83 1.01
C GLY E 59 -33.92 -27.83 -0.50
N GLU E 60 -32.86 -28.36 -1.12
CA GLU E 60 -32.77 -28.38 -2.56
C GLU E 60 -33.54 -29.54 -3.19
N VAL E 61 -33.66 -30.69 -2.51
CA VAL E 61 -34.28 -31.85 -3.16
C VAL E 61 -35.35 -32.47 -2.25
N PRO E 62 -36.41 -31.75 -1.90
CA PRO E 62 -37.37 -32.25 -0.91
C PRO E 62 -38.39 -33.27 -1.43
N ASN E 63 -38.55 -33.44 -2.74
CA ASN E 63 -39.68 -34.22 -3.24
C ASN E 63 -39.48 -35.70 -2.94
N GLY E 64 -40.53 -36.33 -2.44
CA GLY E 64 -40.47 -37.69 -1.95
C GLY E 64 -40.18 -37.82 -0.48
N TYR E 65 -39.91 -36.71 0.21
CA TYR E 65 -39.54 -36.75 1.61
C TYR E 65 -40.40 -35.78 2.41
N ASN E 66 -40.37 -35.99 3.73
CA ASN E 66 -40.83 -34.98 4.66
C ASN E 66 -40.07 -35.18 5.95
N VAL E 67 -40.14 -34.19 6.84
CA VAL E 67 -39.40 -34.25 8.09
C VAL E 67 -40.27 -33.82 9.26
N SER E 68 -39.81 -34.17 10.45
CA SER E 68 -40.40 -33.68 11.69
C SER E 68 -39.27 -33.32 12.63
N ARG E 69 -39.26 -32.05 13.05
CA ARG E 69 -38.42 -31.63 14.16
C ARG E 69 -39.24 -31.94 15.41
N LEU E 70 -39.00 -33.12 15.99
CA LEU E 70 -39.83 -33.61 17.09
C LEU E 70 -39.63 -32.78 18.36
N ASN E 71 -38.42 -32.31 18.60
CA ASN E 71 -38.03 -31.54 19.76
C ASN E 71 -36.65 -30.97 19.42
N LYS E 72 -35.99 -30.36 20.41
CA LYS E 72 -34.70 -29.76 20.07
C LYS E 72 -33.67 -30.81 19.66
N ARG E 73 -33.80 -32.04 20.18
CA ARG E 73 -32.79 -33.07 19.95
C ARG E 73 -32.97 -33.84 18.64
N GLU E 74 -34.21 -34.02 18.18
CA GLU E 74 -34.51 -35.02 17.16
C GLU E 74 -35.09 -34.41 15.88
N PHE E 75 -34.66 -34.97 14.74
CA PHE E 75 -35.06 -34.52 13.41
C PHE E 75 -35.19 -35.80 12.58
N SER E 76 -36.43 -36.25 12.34
CA SER E 76 -36.69 -37.46 11.59
CA SER E 76 -36.65 -37.46 11.58
C SER E 76 -36.92 -37.14 10.12
N LEU E 77 -36.48 -38.04 9.25
CA LEU E 77 -36.66 -37.94 7.80
C LEU E 77 -37.53 -39.10 7.35
N ARG E 78 -38.60 -38.80 6.62
CA ARG E 78 -39.55 -39.82 6.19
C ARG E 78 -39.52 -39.95 4.68
N LEU E 79 -39.44 -41.20 4.20
CA LEU E 79 -39.66 -41.54 2.80
C LEU E 79 -41.09 -42.07 2.72
N GLU E 80 -41.94 -41.34 2.01
CA GLU E 80 -43.38 -41.59 2.07
C GLU E 80 -43.73 -42.83 1.25
N SER E 81 -43.28 -42.86 -0.02
CA SER E 81 -43.39 -44.02 -0.88
C SER E 81 -42.03 -44.19 -1.55
N ALA E 82 -41.20 -45.06 -0.99
CA ALA E 82 -39.81 -45.17 -1.44
C ALA E 82 -39.74 -45.41 -2.93
N ALA E 83 -38.75 -44.78 -3.56
CA ALA E 83 -38.51 -44.96 -4.98
C ALA E 83 -37.06 -45.36 -5.19
N PRO E 84 -36.77 -46.11 -6.27
CA PRO E 84 -35.38 -46.46 -6.54
C PRO E 84 -34.43 -45.27 -6.64
N SER E 85 -34.92 -44.09 -7.01
CA SER E 85 -34.04 -42.92 -7.08
C SER E 85 -33.58 -42.48 -5.70
N GLN E 86 -34.29 -42.89 -4.67
CA GLN E 86 -33.92 -42.52 -3.31
C GLN E 86 -32.83 -43.44 -2.74
N THR E 87 -32.32 -44.38 -3.53
CA THR E 87 -31.15 -45.16 -3.15
C THR E 87 -29.98 -44.17 -3.00
N SER E 88 -29.43 -44.09 -1.81
CA SER E 88 -28.43 -43.05 -1.56
C SER E 88 -27.79 -43.31 -0.19
N VAL E 89 -26.87 -42.40 0.16
CA VAL E 89 -26.33 -42.33 1.50
C VAL E 89 -26.87 -41.06 2.13
N TYR E 90 -27.55 -41.20 3.27
CA TYR E 90 -28.20 -40.08 3.94
C TYR E 90 -27.39 -39.69 5.16
N PHE E 91 -27.15 -38.39 5.31
CA PHE E 91 -26.42 -37.86 6.46
C PHE E 91 -27.32 -36.86 7.17
N CYS E 92 -27.51 -37.05 8.45
CA CYS E 92 -28.05 -36.02 9.32
CA CYS E 92 -28.05 -35.95 9.24
C CYS E 92 -26.89 -35.19 9.86
N ALA E 93 -27.13 -33.89 10.07
CA ALA E 93 -26.12 -33.02 10.61
C ALA E 93 -26.76 -32.00 11.52
N SER E 94 -25.92 -31.34 12.35
CA SER E 94 -26.42 -30.28 13.22
C SER E 94 -25.37 -29.19 13.34
N SER E 95 -25.83 -28.00 13.73
N SER E 95 -25.85 -27.99 13.71
CA SER E 95 -24.91 -26.91 14.02
CA SER E 95 -25.00 -26.83 13.96
C SER E 95 -25.48 -26.10 15.18
C SER E 95 -25.49 -26.12 15.21
N VAL E 96 -24.58 -25.38 15.85
CA VAL E 96 -24.91 -24.69 17.09
C VAL E 96 -26.09 -23.74 16.89
N TRP E 97 -26.02 -22.88 15.89
CA TRP E 97 -27.14 -21.96 15.69
C TRP E 97 -27.61 -22.10 14.25
N THR E 98 -28.29 -21.08 13.74
CA THR E 98 -28.89 -21.20 12.42
C THR E 98 -27.79 -21.38 11.38
N GLY E 99 -28.18 -21.59 10.13
CA GLY E 99 -27.18 -21.59 9.09
C GLY E 99 -26.36 -20.31 9.01
N GLU E 100 -26.77 -19.23 9.69
CA GLU E 100 -26.03 -17.96 9.64
C GLU E 100 -24.84 -17.99 10.60
N GLY E 101 -23.62 -17.69 10.08
CA GLY E 101 -22.43 -17.51 10.89
C GLY E 101 -21.29 -18.42 10.43
N SER E 102 -20.26 -18.53 11.28
CA SER E 102 -19.07 -19.36 11.07
C SER E 102 -19.21 -20.80 11.60
N GLY E 103 -20.35 -21.14 12.20
CA GLY E 103 -20.47 -22.46 12.81
C GLY E 103 -20.42 -23.61 11.80
N GLU E 104 -19.65 -24.65 12.11
CA GLU E 104 -19.53 -25.80 11.23
C GLU E 104 -20.68 -26.79 11.47
N LEU E 105 -20.75 -27.80 10.61
CA LEU E 105 -21.70 -28.89 10.74
C LEU E 105 -21.05 -30.08 11.43
N PHE E 106 -21.84 -30.77 12.26
CA PHE E 106 -21.46 -32.05 12.87
C PHE E 106 -22.34 -33.13 12.27
N PHE E 107 -21.72 -34.15 11.66
CA PHE E 107 -22.44 -35.13 10.86
C PHE E 107 -22.68 -36.42 11.62
N GLY E 108 -23.86 -37.02 11.40
CA GLY E 108 -24.10 -38.38 11.82
C GLY E 108 -23.29 -39.37 10.97
N GLU E 109 -23.40 -40.65 11.32
CA GLU E 109 -22.58 -41.68 10.70
C GLU E 109 -23.03 -42.09 9.30
N GLY E 110 -24.20 -41.65 8.86
CA GLY E 110 -24.71 -41.95 7.53
C GLY E 110 -25.61 -43.17 7.54
N SER E 111 -26.57 -43.19 6.62
CA SER E 111 -27.53 -44.28 6.49
C SER E 111 -27.58 -44.69 5.02
N ARG E 112 -27.26 -45.96 4.73
CA ARG E 112 -27.25 -46.47 3.35
C ARG E 112 -28.61 -47.09 3.07
N LEU E 113 -29.36 -46.47 2.15
CA LEU E 113 -30.69 -46.94 1.74
C LEU E 113 -30.57 -47.48 0.33
N THR E 114 -31.08 -48.70 0.12
CA THR E 114 -31.18 -49.26 -1.22
C THR E 114 -32.65 -49.63 -1.44
N VAL E 115 -33.29 -48.96 -2.38
CA VAL E 115 -34.69 -49.20 -2.72
C VAL E 115 -34.71 -50.05 -3.99
N LEU E 116 -35.43 -51.18 -3.92
CA LEU E 116 -35.48 -52.13 -5.02
C LEU E 116 -36.93 -52.43 -5.39
N GLU E 117 -37.17 -52.64 -6.69
CA GLU E 117 -38.51 -53.01 -7.15
C GLU E 117 -39.03 -54.26 -6.46
N ASP E 118 -38.16 -55.24 -6.27
CA ASP E 118 -38.50 -56.41 -5.46
C ASP E 118 -37.23 -56.87 -4.77
N LEU E 119 -37.39 -57.81 -3.85
CA LEU E 119 -36.27 -58.26 -3.05
C LEU E 119 -35.61 -59.50 -3.62
N LYS E 120 -36.07 -59.95 -4.78
CA LYS E 120 -35.68 -61.24 -5.32
C LYS E 120 -34.21 -61.30 -5.76
N ASN E 121 -33.56 -60.15 -5.97
CA ASN E 121 -32.13 -60.15 -6.34
C ASN E 121 -31.20 -59.98 -5.15
N VAL E 122 -31.73 -59.97 -3.93
CA VAL E 122 -30.89 -59.78 -2.76
C VAL E 122 -30.22 -61.11 -2.43
N PHE E 123 -28.89 -61.11 -2.36
CA PHE E 123 -28.09 -62.29 -2.07
C PHE E 123 -26.97 -61.98 -1.09
N PRO E 124 -26.76 -62.84 -0.09
CA PRO E 124 -25.60 -62.70 0.79
C PRO E 124 -24.35 -63.11 0.05
N PRO E 125 -23.17 -62.75 0.57
CA PRO E 125 -21.94 -63.12 -0.11
C PRO E 125 -21.57 -64.57 0.14
N GLU E 126 -20.94 -65.17 -0.86
CA GLU E 126 -20.12 -66.35 -0.62
C GLU E 126 -18.70 -65.88 -0.33
N VAL E 127 -18.05 -66.55 0.63
CA VAL E 127 -16.77 -66.10 1.16
C VAL E 127 -15.76 -67.24 1.05
N ALA E 128 -14.56 -66.92 0.56
CA ALA E 128 -13.50 -67.91 0.44
C ALA E 128 -12.16 -67.25 0.74
N VAL E 129 -11.33 -67.93 1.54
CA VAL E 129 -9.96 -67.52 1.79
C VAL E 129 -9.06 -68.29 0.84
N PHE E 130 -8.06 -67.60 0.30
CA PHE E 130 -7.08 -68.19 -0.60
C PHE E 130 -5.74 -68.16 0.12
N GLU E 131 -5.13 -69.34 0.29
CA GLU E 131 -3.93 -69.50 1.11
C GLU E 131 -2.70 -68.95 0.38
N PRO E 132 -1.69 -68.52 1.13
CA PRO E 132 -0.57 -67.81 0.51
C PRO E 132 0.22 -68.70 -0.43
N SER E 133 0.81 -68.07 -1.44
CA SER E 133 1.64 -68.78 -2.40
C SER E 133 2.95 -69.21 -1.74
N GLU E 134 3.31 -70.48 -1.92
CA GLU E 134 4.64 -70.94 -1.48
C GLU E 134 5.74 -70.19 -2.21
N ALA E 135 5.50 -69.84 -3.48
CA ALA E 135 6.43 -68.99 -4.21
C ALA E 135 6.63 -67.64 -3.52
N GLU E 136 5.56 -67.06 -2.96
CA GLU E 136 5.73 -65.80 -2.22
C GLU E 136 6.49 -66.03 -0.93
N ILE E 137 6.19 -67.11 -0.21
CA ILE E 137 6.90 -67.39 1.03
C ILE E 137 8.39 -67.57 0.76
N SER E 138 8.73 -68.24 -0.34
CA SER E 138 10.14 -68.46 -0.67
C SER E 138 10.83 -67.20 -1.14
N HIS E 139 10.09 -66.31 -1.83
CA HIS E 139 10.68 -65.15 -2.48
C HIS E 139 10.78 -63.93 -1.56
N THR E 140 9.90 -63.83 -0.56
CA THR E 140 9.84 -62.66 0.30
C THR E 140 9.80 -62.99 1.79
N GLN E 141 9.62 -64.25 2.16
CA GLN E 141 9.41 -64.66 3.54
C GLN E 141 8.19 -63.97 4.17
N LYS E 142 7.28 -63.48 3.31
CA LYS E 142 6.00 -62.95 3.73
C LYS E 142 4.90 -63.73 3.02
N ALA E 143 3.77 -63.91 3.71
CA ALA E 143 2.66 -64.72 3.22
C ALA E 143 1.40 -63.89 3.19
N THR E 144 0.77 -63.81 2.02
CA THR E 144 -0.43 -63.00 1.80
C THR E 144 -1.64 -63.92 1.63
N LEU E 145 -2.60 -63.81 2.54
CA LEU E 145 -3.90 -64.44 2.38
C LEU E 145 -4.85 -63.46 1.70
N VAL E 146 -5.75 -64.00 0.88
CA VAL E 146 -6.70 -63.19 0.13
C VAL E 146 -8.11 -63.70 0.39
N CYS E 147 -9.03 -62.80 0.70
CA CYS E 147 -10.42 -63.15 0.96
C CYS E 147 -11.28 -62.60 -0.17
N LEU E 148 -12.19 -63.43 -0.71
CA LEU E 148 -13.14 -62.98 -1.72
C LEU E 148 -14.56 -63.14 -1.20
N ALA E 149 -15.29 -62.03 -1.15
CA ALA E 149 -16.74 -62.05 -0.98
C ALA E 149 -17.35 -61.81 -2.35
N THR E 150 -18.18 -62.73 -2.82
CA THR E 150 -18.67 -62.67 -4.19
C THR E 150 -20.18 -62.88 -4.21
N GLY E 151 -20.80 -62.39 -5.27
CA GLY E 151 -22.18 -62.75 -5.52
C GLY E 151 -23.20 -62.04 -4.66
N PHE E 152 -22.80 -60.98 -3.96
CA PHE E 152 -23.75 -60.37 -3.02
C PHE E 152 -24.45 -59.15 -3.63
N TYR E 153 -25.63 -58.85 -3.09
CA TYR E 153 -26.47 -57.74 -3.49
C TYR E 153 -27.47 -57.41 -2.38
N PRO E 154 -27.66 -56.12 -2.03
CA PRO E 154 -26.93 -54.94 -2.52
C PRO E 154 -25.54 -54.86 -1.93
N ASP E 155 -24.83 -53.77 -2.17
CA ASP E 155 -23.46 -53.64 -1.68
CA ASP E 155 -23.47 -53.61 -1.69
C ASP E 155 -23.52 -53.09 -0.26
N HIS E 156 -23.84 -53.99 0.66
CA HIS E 156 -23.96 -53.68 2.08
C HIS E 156 -23.10 -54.71 2.83
N VAL E 157 -21.77 -54.58 2.76
CA VAL E 157 -20.86 -55.52 3.42
C VAL E 157 -19.77 -54.80 4.21
N GLU E 158 -19.33 -55.44 5.27
CA GLU E 158 -18.15 -55.04 6.02
C GLU E 158 -17.28 -56.26 6.20
N LEU E 159 -16.05 -56.19 5.74
CA LEU E 159 -15.14 -57.31 5.80
C LEU E 159 -14.12 -57.07 6.90
N SER E 160 -13.75 -58.13 7.63
CA SER E 160 -12.74 -57.99 8.68
C SER E 160 -11.98 -59.30 8.82
N TRP E 161 -10.77 -59.20 9.34
CA TRP E 161 -9.87 -60.34 9.52
C TRP E 161 -9.73 -60.70 10.99
N TRP E 162 -9.62 -61.98 11.28
CA TRP E 162 -9.59 -62.47 12.65
C TRP E 162 -8.54 -63.56 12.77
N VAL E 163 -7.55 -63.32 13.64
CA VAL E 163 -6.47 -64.27 13.91
C VAL E 163 -6.58 -64.73 15.35
N ASN E 164 -6.77 -66.04 15.53
CA ASN E 164 -6.87 -66.66 16.85
C ASN E 164 -7.95 -65.97 17.69
N GLY E 165 -9.11 -65.77 17.08
CA GLY E 165 -10.26 -65.17 17.74
C GLY E 165 -10.18 -63.68 17.96
N LYS E 166 -9.14 -63.02 17.47
CA LYS E 166 -8.94 -61.59 17.66
C LYS E 166 -8.81 -60.90 16.30
N GLU E 167 -9.62 -59.86 16.10
CA GLU E 167 -9.55 -59.09 14.85
C GLU E 167 -8.22 -58.35 14.74
N VAL E 168 -7.69 -58.30 13.52
CA VAL E 168 -6.42 -57.62 13.25
C VAL E 168 -6.62 -56.53 12.19
N HIS E 169 -5.75 -55.52 12.22
CA HIS E 169 -5.75 -54.45 11.23
C HIS E 169 -4.42 -54.20 10.57
N SER E 170 -3.33 -54.70 11.15
CA SER E 170 -2.03 -54.58 10.53
C SER E 170 -1.87 -55.63 9.44
N GLY E 171 -1.30 -55.22 8.31
CA GLY E 171 -1.12 -56.12 7.19
C GLY E 171 -2.38 -56.37 6.38
N VAL E 172 -3.42 -55.55 6.57
CA VAL E 172 -4.71 -55.70 5.91
C VAL E 172 -4.89 -54.56 4.92
N CYS E 173 -5.45 -54.88 3.76
CA CYS E 173 -5.99 -53.89 2.83
C CYS E 173 -7.22 -54.49 2.19
N THR E 174 -8.36 -53.84 2.33
CA THR E 174 -9.61 -54.28 1.72
C THR E 174 -9.99 -53.27 0.67
N ASP E 175 -10.47 -53.75 -0.49
CA ASP E 175 -10.94 -52.84 -1.53
C ASP E 175 -11.91 -51.82 -0.93
N PRO E 176 -11.75 -50.53 -1.23
CA PRO E 176 -12.73 -49.56 -0.72
C PRO E 176 -14.10 -49.71 -1.35
N GLN E 177 -14.18 -50.06 -2.64
CA GLN E 177 -15.46 -50.26 -3.30
C GLN E 177 -15.55 -51.67 -3.88
N PRO E 178 -16.66 -52.37 -3.70
CA PRO E 178 -16.84 -53.64 -4.42
C PRO E 178 -16.93 -53.39 -5.92
N LEU E 179 -16.61 -54.41 -6.70
CA LEU E 179 -16.80 -54.31 -8.14
C LEU E 179 -18.03 -55.10 -8.57
N LYS E 180 -18.52 -54.76 -9.77
CA LYS E 180 -19.73 -55.31 -10.35
C LYS E 180 -19.39 -56.61 -11.09
N GLU E 181 -20.09 -57.69 -10.73
CA GLU E 181 -19.81 -58.94 -11.39
C GLU E 181 -20.38 -58.98 -12.79
N GLN E 182 -21.41 -58.18 -13.07
CA GLN E 182 -22.04 -58.12 -14.40
C GLN E 182 -22.19 -56.65 -14.74
N PRO E 183 -21.10 -55.98 -15.13
CA PRO E 183 -21.13 -54.51 -15.20
C PRO E 183 -22.19 -53.96 -16.15
N ALA E 184 -22.68 -54.76 -17.10
CA ALA E 184 -23.72 -54.28 -18.02
C ALA E 184 -25.13 -54.35 -17.44
N LEU E 185 -25.38 -55.14 -16.40
CA LEU E 185 -26.73 -55.27 -15.85
C LEU E 185 -27.03 -54.18 -14.82
N ASN E 186 -28.23 -53.59 -14.91
CA ASN E 186 -28.61 -52.57 -13.93
CA ASN E 186 -28.62 -52.57 -13.94
C ASN E 186 -28.61 -53.10 -12.50
N ASP E 187 -28.85 -54.40 -12.31
CA ASP E 187 -28.88 -55.00 -10.98
C ASP E 187 -27.74 -56.00 -10.78
N SER E 188 -26.55 -55.65 -11.28
CA SER E 188 -25.36 -56.46 -11.11
C SER E 188 -25.11 -56.80 -9.64
N ARG E 189 -24.71 -58.04 -9.39
CA ARG E 189 -24.24 -58.42 -8.06
C ARG E 189 -22.79 -57.96 -7.90
N TYR E 190 -22.22 -58.15 -6.71
CA TYR E 190 -20.96 -57.52 -6.37
C TYR E 190 -19.92 -58.51 -5.86
N ALA E 191 -18.65 -58.09 -5.98
CA ALA E 191 -17.52 -58.85 -5.44
C ALA E 191 -16.59 -57.89 -4.71
N LEU E 192 -15.97 -58.38 -3.63
CA LEU E 192 -15.05 -57.60 -2.81
C LEU E 192 -13.88 -58.48 -2.41
N SER E 193 -12.66 -57.92 -2.48
CA SER E 193 -11.47 -58.65 -2.11
C SER E 193 -10.75 -57.95 -0.96
N SER E 194 -9.98 -58.74 -0.22
CA SER E 194 -9.13 -58.19 0.83
C SER E 194 -7.92 -59.09 0.98
N ARG E 195 -6.82 -58.50 1.45
CA ARG E 195 -5.56 -59.21 1.66
C ARG E 195 -5.13 -59.07 3.13
N LEU E 196 -4.59 -60.14 3.69
CA LEU E 196 -3.94 -60.10 4.99
C LEU E 196 -2.55 -60.68 4.82
N ARG E 197 -1.53 -59.86 5.07
CA ARG E 197 -0.16 -60.27 4.88
C ARG E 197 0.52 -60.44 6.23
N VAL E 198 1.11 -61.62 6.43
CA VAL E 198 1.83 -61.94 7.65
C VAL E 198 3.25 -62.35 7.27
N SER E 199 4.10 -62.50 8.28
CA SER E 199 5.41 -63.10 8.07
C SER E 199 5.24 -64.59 7.80
N ALA E 200 6.16 -65.14 6.98
CA ALA E 200 6.07 -66.56 6.65
C ALA E 200 6.07 -67.43 7.89
N THR E 201 6.84 -67.05 8.92
CA THR E 201 6.87 -67.84 10.15
C THR E 201 5.51 -67.88 10.83
N PHE E 202 4.82 -66.73 10.90
CA PHE E 202 3.50 -66.70 11.53
C PHE E 202 2.53 -67.61 10.80
N TRP E 203 2.56 -67.58 9.45
CA TRP E 203 1.69 -68.44 8.67
C TRP E 203 2.08 -69.91 8.81
N GLN E 204 3.33 -70.21 9.11
CA GLN E 204 3.77 -71.60 9.20
C GLN E 204 3.51 -72.24 10.56
N ASN E 205 2.96 -71.49 11.51
CA ASN E 205 2.57 -72.04 12.81
C ASN E 205 1.17 -72.63 12.71
N PRO E 206 1.00 -73.95 12.83
CA PRO E 206 -0.35 -74.54 12.72
C PRO E 206 -1.25 -74.23 13.91
N ARG E 207 -0.80 -73.43 14.87
CA ARG E 207 -1.65 -72.98 15.97
C ARG E 207 -2.29 -71.63 15.69
N ASN E 208 -2.03 -71.04 14.53
CA ASN E 208 -2.62 -69.76 14.13
C ASN E 208 -3.82 -70.02 13.23
N HIS E 209 -4.98 -69.52 13.65
CA HIS E 209 -6.24 -69.66 12.93
C HIS E 209 -6.57 -68.32 12.26
N PHE E 210 -6.77 -68.34 10.95
CA PHE E 210 -7.11 -67.16 10.17
C PHE E 210 -8.53 -67.30 9.66
N ARG E 211 -9.34 -66.27 9.87
CA ARG E 211 -10.73 -66.28 9.43
C ARG E 211 -11.07 -64.90 8.90
N CYS E 212 -11.56 -64.84 7.66
CA CYS E 212 -12.09 -63.62 7.08
CA CYS E 212 -12.09 -63.60 7.13
C CYS E 212 -13.60 -63.61 7.28
N GLN E 213 -14.10 -62.55 7.89
CA GLN E 213 -15.50 -62.45 8.26
C GLN E 213 -16.14 -61.33 7.45
N VAL E 214 -17.30 -61.60 6.86
CA VAL E 214 -18.03 -60.60 6.10
C VAL E 214 -19.40 -60.45 6.76
N GLN E 215 -19.64 -59.28 7.35
CA GLN E 215 -20.99 -58.90 7.75
C GLN E 215 -21.73 -58.42 6.51
N PHE E 216 -22.94 -58.94 6.30
CA PHE E 216 -23.82 -58.58 5.20
C PHE E 216 -25.10 -57.99 5.78
N TYR E 217 -25.54 -56.87 5.21
CA TYR E 217 -26.76 -56.18 5.63
C TYR E 217 -27.78 -56.38 4.52
N GLY E 218 -28.80 -57.17 4.80
CA GLY E 218 -29.83 -57.47 3.84
C GLY E 218 -31.24 -57.28 4.39
N LEU E 219 -32.09 -58.29 4.23
CA LEU E 219 -33.47 -58.20 4.69
C LEU E 219 -33.54 -58.32 6.22
N SER E 220 -34.65 -57.86 6.77
CA SER E 220 -34.93 -57.96 8.20
C SER E 220 -35.99 -59.03 8.43
N GLU E 221 -36.34 -59.26 9.70
CA GLU E 221 -37.37 -60.25 10.00
C GLU E 221 -38.72 -59.81 9.49
N ASN E 222 -38.96 -58.50 9.42
CA ASN E 222 -40.24 -57.96 8.95
C ASN E 222 -40.46 -58.17 7.45
N ASP E 223 -39.43 -58.54 6.70
CA ASP E 223 -39.57 -58.66 5.25
C ASP E 223 -40.18 -60.00 4.88
N GLU E 224 -41.10 -59.99 3.92
CA GLU E 224 -41.73 -61.21 3.45
C GLU E 224 -40.80 -61.96 2.50
N TRP E 225 -40.90 -63.29 2.52
CA TRP E 225 -40.03 -64.12 1.69
C TRP E 225 -40.73 -65.44 1.40
N THR E 226 -40.75 -65.82 0.12
CA THR E 226 -41.40 -67.03 -0.33
C THR E 226 -40.53 -67.90 -1.23
N GLN E 227 -39.28 -67.53 -1.47
CA GLN E 227 -38.47 -68.23 -2.44
C GLN E 227 -37.90 -69.53 -1.86
N ASP E 228 -37.39 -70.38 -2.76
CA ASP E 228 -36.85 -71.67 -2.35
C ASP E 228 -35.58 -71.48 -1.54
N ARG E 229 -34.68 -70.63 -2.01
CA ARG E 229 -33.46 -70.35 -1.27
C ARG E 229 -33.78 -69.61 0.04
N ALA E 230 -32.90 -69.78 1.01
CA ALA E 230 -33.07 -69.17 2.31
C ALA E 230 -33.19 -67.65 2.18
N LYS E 231 -34.04 -67.08 3.02
CA LYS E 231 -34.25 -65.64 3.08
C LYS E 231 -32.90 -64.93 3.27
N PRO E 232 -32.54 -63.99 2.39
CA PRO E 232 -31.22 -63.32 2.49
C PRO E 232 -31.21 -62.26 3.57
N VAL E 233 -31.22 -62.72 4.82
CA VAL E 233 -31.26 -61.81 5.97
C VAL E 233 -29.87 -61.27 6.25
N THR E 234 -29.81 -60.20 7.04
CA THR E 234 -28.55 -59.74 7.61
C THR E 234 -27.85 -60.91 8.32
N GLN E 235 -26.57 -61.08 8.04
CA GLN E 235 -25.90 -62.30 8.49
C GLN E 235 -24.40 -62.13 8.28
N ILE E 236 -23.65 -62.99 8.95
CA ILE E 236 -22.20 -63.06 8.81
C ILE E 236 -21.87 -64.34 8.04
N VAL E 237 -20.98 -64.21 7.06
CA VAL E 237 -20.45 -65.35 6.33
C VAL E 237 -18.93 -65.28 6.43
N SER E 238 -18.31 -66.36 6.87
CA SER E 238 -16.88 -66.41 7.09
C SER E 238 -16.26 -67.54 6.30
N ALA E 239 -14.94 -67.43 6.13
CA ALA E 239 -14.10 -68.51 5.63
C ALA E 239 -12.84 -68.51 6.47
N GLU E 240 -12.23 -69.67 6.62
CA GLU E 240 -11.10 -69.82 7.53
C GLU E 240 -9.98 -70.58 6.87
N ALA E 241 -8.80 -70.49 7.50
CA ALA E 241 -7.63 -71.24 7.08
C ALA E 241 -6.67 -71.33 8.26
N TRP E 242 -6.09 -72.50 8.46
CA TRP E 242 -5.12 -72.75 9.52
C TRP E 242 -3.70 -72.63 8.98
N GLY E 243 -2.78 -72.31 9.89
CA GLY E 243 -1.41 -72.06 9.50
C GLY E 243 -0.72 -73.31 8.96
N ARG E 244 0.10 -73.11 7.93
CA ARG E 244 0.88 -74.16 7.29
C ARG E 244 -0.04 -75.29 6.81
N MET F 1 -32.96 0.11 35.78
CA MET F 1 -34.14 0.19 34.93
C MET F 1 -34.49 1.63 34.65
N ILE F 2 -34.07 2.13 33.49
CA ILE F 2 -34.31 3.51 33.10
C ILE F 2 -35.44 3.49 32.08
N GLN F 3 -36.57 4.10 32.42
CA GLN F 3 -37.65 4.24 31.45
C GLN F 3 -37.64 5.67 30.93
N ARG F 4 -38.11 5.85 29.71
CA ARG F 4 -38.07 7.15 29.07
C ARG F 4 -39.46 7.48 28.55
N THR F 5 -39.99 8.65 28.97
CA THR F 5 -41.36 8.99 28.65
C THR F 5 -41.41 9.60 27.23
N PRO F 6 -42.50 9.38 26.49
CA PRO F 6 -42.51 9.82 25.08
C PRO F 6 -42.49 11.34 24.92
N LYS F 7 -41.67 11.80 23.97
CA LYS F 7 -41.86 13.13 23.41
C LYS F 7 -43.01 13.06 22.43
N ILE F 8 -43.88 14.08 22.43
CA ILE F 8 -45.12 14.07 21.67
C ILE F 8 -45.24 15.39 20.92
N GLN F 9 -45.17 15.36 19.61
CA GLN F 9 -45.24 16.57 18.81
C GLN F 9 -46.41 16.48 17.83
N VAL F 10 -47.21 17.54 17.78
CA VAL F 10 -48.47 17.57 17.05
C VAL F 10 -48.39 18.74 16.09
N TYR F 11 -48.51 18.46 14.79
CA TYR F 11 -48.25 19.50 13.77
C TYR F 11 -48.93 19.08 12.47
N SER F 12 -49.25 20.07 11.65
CA SER F 12 -49.89 19.81 10.36
C SER F 12 -48.84 19.48 9.31
N ARG F 13 -49.25 18.69 8.30
CA ARG F 13 -48.34 18.34 7.19
C ARG F 13 -47.85 19.58 6.46
N HIS F 14 -48.76 20.47 6.10
CA HIS F 14 -48.52 21.71 5.39
C HIS F 14 -48.86 22.87 6.32
N PRO F 15 -48.28 24.04 6.10
CA PRO F 15 -48.69 25.22 6.89
C PRO F 15 -50.21 25.39 6.83
N ALA F 16 -50.82 25.56 8.01
CA ALA F 16 -52.25 25.35 8.14
C ALA F 16 -53.04 26.60 7.77
N GLU F 17 -54.24 26.38 7.23
CA GLU F 17 -55.16 27.47 6.90
C GLU F 17 -56.60 26.96 7.01
N ASN F 18 -57.42 27.65 7.79
CA ASN F 18 -58.80 27.18 8.01
C ASN F 18 -59.52 26.99 6.69
N GLY F 19 -60.24 25.88 6.57
CA GLY F 19 -60.98 25.59 5.37
C GLY F 19 -60.24 24.79 4.32
N LYS F 20 -58.91 24.67 4.43
CA LYS F 20 -58.13 23.95 3.44
C LYS F 20 -57.73 22.58 3.97
N SER F 21 -57.99 21.55 3.19
CA SER F 21 -57.69 20.19 3.61
C SER F 21 -56.18 20.04 3.89
N ASN F 22 -55.87 19.19 4.86
CA ASN F 22 -54.52 19.08 5.39
C ASN F 22 -54.39 17.71 6.04
N PHE F 23 -53.24 17.43 6.63
CA PHE F 23 -53.08 16.26 7.46
C PHE F 23 -52.53 16.68 8.81
N LEU F 24 -53.05 16.07 9.87
CA LEU F 24 -52.62 16.34 11.23
C LEU F 24 -51.74 15.18 11.70
N ASN F 25 -50.51 15.50 12.09
CA ASN F 25 -49.51 14.51 12.51
C ASN F 25 -49.34 14.53 14.02
N CYS F 26 -49.12 13.35 14.58
CA CYS F 26 -48.65 13.24 15.96
C CYS F 26 -47.46 12.29 15.95
N TYR F 27 -46.28 12.84 16.23
CA TYR F 27 -45.01 12.14 16.22
C TYR F 27 -44.63 11.87 17.67
N VAL F 28 -44.51 10.60 18.03
CA VAL F 28 -44.30 10.19 19.40
C VAL F 28 -42.97 9.45 19.41
N SER F 29 -42.00 9.94 20.17
CA SER F 29 -40.64 9.47 19.99
C SER F 29 -39.90 9.47 21.31
N GLY F 30 -38.72 8.85 21.28
CA GLY F 30 -37.80 8.82 22.41
C GLY F 30 -38.25 8.01 23.59
N PHE F 31 -39.20 7.12 23.42
CA PHE F 31 -39.70 6.40 24.59
C PHE F 31 -39.11 5.00 24.68
N HIS F 32 -39.13 4.48 25.91
CA HIS F 32 -38.70 3.14 26.22
C HIS F 32 -39.33 2.77 27.56
N PRO F 33 -39.95 1.59 27.69
CA PRO F 33 -40.02 0.49 26.72
C PRO F 33 -41.05 0.70 25.61
N SER F 34 -41.36 -0.33 24.81
CA SER F 34 -42.01 -0.11 23.51
C SER F 34 -43.53 -0.03 23.55
N ASP F 35 -44.18 -0.59 24.56
CA ASP F 35 -45.64 -0.54 24.60
C ASP F 35 -46.12 0.90 24.70
N ILE F 36 -47.04 1.28 23.82
CA ILE F 36 -47.55 2.63 23.81
C ILE F 36 -48.93 2.60 23.16
N GLU F 37 -49.77 3.56 23.52
CA GLU F 37 -51.09 3.74 22.93
C GLU F 37 -51.20 5.19 22.48
N VAL F 38 -51.62 5.41 21.24
CA VAL F 38 -51.80 6.76 20.70
C VAL F 38 -53.17 6.87 20.05
N ASP F 39 -53.92 7.92 20.38
CA ASP F 39 -55.13 8.32 19.66
C ASP F 39 -55.07 9.79 19.30
N LEU F 40 -55.71 10.13 18.18
CA LEU F 40 -55.94 11.51 17.78
C LEU F 40 -57.38 11.89 18.14
N LEU F 41 -57.56 13.11 18.63
CA LEU F 41 -58.84 13.57 19.14
C LEU F 41 -59.29 14.82 18.38
N LYS F 42 -60.58 14.87 18.06
CA LYS F 42 -61.22 16.09 17.58
C LYS F 42 -62.25 16.51 18.62
N ASN F 43 -62.08 17.69 19.18
CA ASN F 43 -62.96 18.18 20.24
C ASN F 43 -63.13 17.13 21.35
N GLY F 44 -62.04 16.46 21.71
CA GLY F 44 -62.08 15.52 22.80
C GLY F 44 -62.45 14.10 22.43
N GLU F 45 -63.07 13.88 21.26
CA GLU F 45 -63.47 12.53 20.88
C GLU F 45 -62.44 11.90 19.96
N ARG F 46 -62.28 10.59 20.09
CA ARG F 46 -61.31 9.85 19.30
C ARG F 46 -61.72 9.84 17.83
N ILE F 47 -60.76 10.14 16.95
CA ILE F 47 -60.95 10.05 15.51
C ILE F 47 -60.78 8.59 15.10
N GLU F 48 -61.70 8.08 14.28
CA GLU F 48 -61.62 6.66 13.96
C GLU F 48 -60.74 6.38 12.75
N LYS F 49 -60.68 7.27 11.77
CA LYS F 49 -59.89 7.03 10.57
C LYS F 49 -58.52 7.65 10.78
N VAL F 50 -57.61 6.90 11.41
CA VAL F 50 -56.25 7.36 11.67
C VAL F 50 -55.27 6.33 11.11
N GLU F 51 -54.27 6.81 10.39
CA GLU F 51 -53.18 5.98 9.92
C GLU F 51 -52.01 6.06 10.90
N HIS F 52 -51.18 5.02 10.91
CA HIS F 52 -49.96 5.14 11.70
C HIS F 52 -48.84 4.29 11.10
N SER F 53 -47.61 4.71 11.35
CA SER F 53 -46.45 3.92 10.97
C SER F 53 -46.30 2.74 11.92
N ASP F 54 -45.48 1.77 11.54
CA ASP F 54 -45.15 0.72 12.48
C ASP F 54 -44.20 1.29 13.54
N LEU F 55 -44.13 0.61 14.69
CA LEU F 55 -43.10 0.94 15.67
C LEU F 55 -41.72 1.00 14.99
N SER F 56 -40.98 2.06 15.27
CA SER F 56 -39.69 2.25 14.62
C SER F 56 -38.58 2.41 15.66
N PHE F 57 -37.36 2.12 15.22
CA PHE F 57 -36.22 1.94 16.10
C PHE F 57 -35.20 3.05 15.87
N SER F 58 -34.77 3.68 16.96
CA SER F 58 -33.71 4.67 16.94
C SER F 58 -32.40 4.07 17.42
N LYS F 59 -31.28 4.66 16.96
CA LYS F 59 -29.95 4.19 17.36
C LYS F 59 -29.68 4.35 18.84
N ASP F 60 -30.43 5.19 19.56
CA ASP F 60 -30.24 5.30 21.00
C ASP F 60 -31.10 4.33 21.80
N TRP F 61 -31.71 3.34 21.14
CA TRP F 61 -32.47 2.21 21.69
C TRP F 61 -33.91 2.60 22.04
N SER F 62 -34.30 3.86 21.86
CA SER F 62 -35.68 4.28 22.06
C SER F 62 -36.49 4.04 20.77
N PHE F 63 -37.80 4.28 20.82
CA PHE F 63 -38.70 3.95 19.71
C PHE F 63 -39.46 5.19 19.29
N TYR F 64 -40.01 5.14 18.07
CA TYR F 64 -40.83 6.26 17.62
C TYR F 64 -41.90 5.76 16.68
N LEU F 65 -42.94 6.58 16.52
CA LEU F 65 -43.92 6.30 15.50
CA LEU F 65 -44.17 6.28 15.79
C LEU F 65 -44.71 7.55 15.20
N LEU F 66 -45.42 7.47 14.07
CA LEU F 66 -46.11 8.61 13.51
C LEU F 66 -47.57 8.22 13.28
N TYR F 67 -48.49 8.97 13.88
CA TYR F 67 -49.92 8.81 13.67
C TYR F 67 -50.41 10.03 12.90
N TYR F 68 -51.35 9.83 11.97
CA TYR F 68 -51.85 11.00 11.25
C TYR F 68 -53.24 10.76 10.72
N THR F 69 -53.91 11.85 10.37
CA THR F 69 -55.25 11.77 9.82
C THR F 69 -55.49 12.98 8.94
N GLU F 70 -56.33 12.80 7.92
CA GLU F 70 -56.66 13.92 7.04
C GLU F 70 -57.72 14.77 7.72
N PHE F 71 -57.61 16.08 7.61
CA PHE F 71 -58.56 16.94 8.29
C PHE F 71 -58.58 18.29 7.62
N THR F 72 -59.65 19.03 7.88
CA THR F 72 -59.73 20.42 7.44
C THR F 72 -59.85 21.30 8.67
N PRO F 73 -58.80 22.05 9.04
CA PRO F 73 -58.89 22.90 10.23
C PRO F 73 -59.96 23.98 10.10
N THR F 74 -60.64 24.24 11.23
CA THR F 74 -61.58 25.34 11.37
C THR F 74 -61.25 26.07 12.66
N GLU F 75 -61.68 27.34 12.74
CA GLU F 75 -61.43 28.11 13.95
C GLU F 75 -62.00 27.43 15.19
N LYS F 76 -63.13 26.72 15.06
CA LYS F 76 -63.83 26.20 16.22
C LYS F 76 -63.31 24.83 16.65
N ASP F 77 -62.79 24.02 15.74
CA ASP F 77 -62.44 22.65 16.08
C ASP F 77 -61.08 22.58 16.77
N GLU F 78 -61.01 21.78 17.83
CA GLU F 78 -59.79 21.56 18.62
C GLU F 78 -59.29 20.13 18.40
N TYR F 79 -57.99 19.99 18.12
CA TYR F 79 -57.39 18.68 17.91
C TYR F 79 -56.32 18.40 18.96
N ALA F 80 -56.09 17.13 19.23
CA ALA F 80 -55.10 16.74 20.23
C ALA F 80 -54.59 15.33 19.91
N CYS F 81 -53.49 15.00 20.57
CA CYS F 81 -52.90 13.67 20.51
C CYS F 81 -52.91 13.14 21.94
N ARG F 82 -53.47 11.94 22.13
CA ARG F 82 -53.60 11.34 23.45
C ARG F 82 -52.73 10.10 23.52
N VAL F 83 -51.84 10.07 24.50
CA VAL F 83 -50.78 9.07 24.53
C VAL F 83 -50.76 8.43 25.91
N ASN F 84 -50.61 7.11 25.93
CA ASN F 84 -50.37 6.41 27.20
C ASN F 84 -49.14 5.51 27.06
N HIS F 85 -48.39 5.41 28.14
CA HIS F 85 -47.09 4.75 28.23
C HIS F 85 -46.90 4.37 29.69
N VAL F 86 -46.02 3.39 29.96
CA VAL F 86 -45.85 2.93 31.33
C VAL F 86 -45.33 4.06 32.22
N THR F 87 -44.61 5.04 31.63
CA THR F 87 -44.08 6.13 32.44
C THR F 87 -45.16 7.11 32.88
N LEU F 88 -46.38 6.99 32.37
CA LEU F 88 -47.43 7.98 32.59
C LEU F 88 -48.51 7.39 33.48
N SER F 89 -48.89 8.15 34.52
CA SER F 89 -49.95 7.69 35.43
C SER F 89 -51.29 7.63 34.73
N GLN F 90 -51.59 8.60 33.89
CA GLN F 90 -52.81 8.64 33.10
C GLN F 90 -52.44 9.08 31.69
N PRO F 91 -53.32 8.86 30.72
CA PRO F 91 -53.02 9.30 29.36
C PRO F 91 -52.77 10.80 29.32
N LYS F 92 -51.81 11.19 28.50
CA LYS F 92 -51.45 12.59 28.29
C LYS F 92 -52.13 13.08 27.03
N ILE F 93 -52.86 14.18 27.14
CA ILE F 93 -53.54 14.80 26.01
C ILE F 93 -52.74 16.03 25.61
N VAL F 94 -52.22 16.01 24.38
CA VAL F 94 -51.33 17.07 23.91
C VAL F 94 -52.08 17.81 22.80
N LYS F 95 -52.36 19.09 23.04
CA LYS F 95 -53.17 19.90 22.13
C LYS F 95 -52.35 20.33 20.93
N TRP F 96 -52.98 20.32 19.76
CA TRP F 96 -52.40 20.96 18.58
C TRP F 96 -52.42 22.47 18.77
N ASP F 97 -51.26 23.12 18.61
CA ASP F 97 -51.14 24.56 18.75
C ASP F 97 -51.62 25.34 17.50
N ARG F 98 -52.31 24.68 16.56
CA ARG F 98 -52.93 25.33 15.39
C ARG F 98 -51.90 26.01 14.49
N ASP F 99 -50.68 25.49 14.48
CA ASP F 99 -49.57 25.96 13.64
C ASP F 99 -49.10 27.35 14.04
N MET F 100 -49.34 27.75 15.28
CA MET F 100 -48.82 29.01 15.80
C MET F 100 -47.30 28.94 16.02
N GLY G 2 37.36 14.59 6.96
CA GLY G 2 36.57 14.75 5.76
C GLY G 2 35.89 16.10 5.65
N GLN G 3 34.73 16.15 5.00
CA GLN G 3 33.95 17.36 4.87
C GLN G 3 32.76 17.29 5.82
N ASN G 4 32.37 18.43 6.37
CA ASN G 4 31.23 18.37 7.26
CA ASN G 4 31.34 18.42 7.41
C ASN G 4 30.56 19.72 7.35
N ILE G 5 29.30 19.67 7.72
CA ILE G 5 28.48 20.87 7.81
CA ILE G 5 28.50 20.88 7.82
C ILE G 5 27.66 20.75 9.08
N ASP G 6 27.57 21.83 9.84
CA ASP G 6 26.94 21.75 11.14
C ASP G 6 25.92 22.87 11.32
N GLN G 7 24.79 22.52 11.89
CA GLN G 7 23.77 23.49 12.25
C GLN G 7 23.07 22.95 13.49
N PRO G 8 22.52 23.82 14.32
CA PRO G 8 21.87 23.35 15.55
C PRO G 8 20.71 22.43 15.23
N THR G 9 20.45 21.49 16.16
CA THR G 9 19.35 20.54 15.97
C THR G 9 18.00 21.24 16.01
N GLU G 10 17.84 22.18 16.93
CA GLU G 10 16.53 22.77 17.16
C GLU G 10 16.71 24.18 17.71
N MET G 11 15.76 25.06 17.37
CA MET G 11 15.69 26.39 17.94
C MET G 11 14.25 26.71 18.25
N THR G 12 14.04 27.49 19.31
CA THR G 12 12.69 27.89 19.67
C THR G 12 12.69 29.40 19.88
N ALA G 13 11.74 30.08 19.23
CA ALA G 13 11.61 31.53 19.31
C ALA G 13 10.14 31.88 19.44
N THR G 14 9.86 33.14 19.72
CA THR G 14 8.50 33.63 19.90
CA THR G 14 8.49 33.61 19.88
C THR G 14 7.99 34.28 18.62
N GLU G 15 6.70 34.10 18.37
CA GLU G 15 5.99 34.78 17.29
C GLU G 15 6.24 36.28 17.33
N GLY G 16 6.51 36.86 16.15
CA GLY G 16 6.84 38.27 16.03
C GLY G 16 8.32 38.60 16.16
N ALA G 17 9.13 37.67 16.65
CA ALA G 17 10.52 37.95 16.95
C ALA G 17 11.41 37.61 15.76
N ILE G 18 12.70 37.60 16.00
CA ILE G 18 13.72 37.36 14.97
CA ILE G 18 13.66 37.31 14.95
C ILE G 18 14.53 36.14 15.38
N VAL G 19 14.89 35.30 14.41
CA VAL G 19 15.75 34.16 14.71
C VAL G 19 16.82 34.05 13.62
N GLN G 20 18.03 33.69 14.05
CA GLN G 20 19.18 33.53 13.15
C GLN G 20 19.63 32.08 13.25
N ILE G 21 19.55 31.36 12.13
CA ILE G 21 19.90 29.94 12.11
C ILE G 21 21.26 29.81 11.48
N ASN G 22 22.21 29.28 12.23
CA ASN G 22 23.61 29.24 11.79
C ASN G 22 23.93 27.97 11.07
N CYS G 23 24.90 28.06 10.18
CA CYS G 23 25.38 26.91 9.43
C CYS G 23 26.88 27.13 9.25
N THR G 24 27.70 26.22 9.75
CA THR G 24 29.15 26.29 9.54
CA THR G 24 29.15 26.30 9.52
C THR G 24 29.59 25.10 8.70
N TYR G 25 30.55 25.30 7.80
CA TYR G 25 30.94 24.20 6.93
C TYR G 25 32.46 24.13 6.84
N GLN G 26 32.95 22.92 6.64
CA GLN G 26 34.36 22.64 6.39
C GLN G 26 34.35 21.77 5.16
N THR G 27 34.77 22.32 4.03
CA THR G 27 34.65 21.54 2.81
C THR G 27 35.91 21.67 1.99
N SER G 28 36.06 20.71 1.07
CA SER G 28 37.13 20.74 0.08
CA SER G 28 37.14 20.74 0.09
C SER G 28 36.63 21.55 -1.09
N GLY G 29 36.90 22.86 -1.05
CA GLY G 29 36.44 23.81 -2.05
C GLY G 29 35.02 24.28 -1.78
N PHE G 30 34.61 25.33 -2.51
CA PHE G 30 33.34 25.98 -2.21
C PHE G 30 32.75 26.51 -3.50
N ASN G 31 31.55 26.01 -3.86
CA ASN G 31 30.86 26.52 -5.03
C ASN G 31 29.44 27.01 -4.69
N GLY G 32 29.20 27.37 -3.44
CA GLY G 32 27.97 28.07 -3.07
C GLY G 32 27.23 27.34 -1.96
N LEU G 33 26.37 28.06 -1.24
CA LEU G 33 25.69 27.57 -0.04
C LEU G 33 24.21 27.80 -0.24
N PHE G 34 23.42 26.76 -0.02
CA PHE G 34 21.97 26.78 -0.19
C PHE G 34 21.24 26.68 1.13
N TRP G 35 20.08 27.35 1.23
CA TRP G 35 19.14 27.09 2.33
C TRP G 35 17.85 26.58 1.73
N TYR G 36 17.29 25.53 2.34
CA TYR G 36 15.98 24.98 1.98
C TYR G 36 15.09 24.96 3.20
N GLN G 37 13.78 25.14 2.97
CA GLN G 37 12.76 24.98 4.01
C GLN G 37 12.06 23.64 3.83
N GLN G 38 11.82 22.93 4.93
CA GLN G 38 11.11 21.65 4.84
C GLN G 38 10.07 21.60 5.95
N HIS G 39 8.83 21.86 5.58
CA HIS G 39 7.76 21.64 6.55
C HIS G 39 7.63 20.15 6.86
N ALA G 40 7.21 19.85 8.09
CA ALA G 40 7.10 18.45 8.52
C ALA G 40 6.21 17.64 7.57
N GLY G 41 6.72 16.49 7.15
CA GLY G 41 6.02 15.64 6.20
C GLY G 41 6.04 16.12 4.76
N GLU G 42 6.79 17.16 4.43
CA GLU G 42 6.69 17.72 3.08
C GLU G 42 8.08 17.71 2.43
N ALA G 43 8.12 18.11 1.19
CA ALA G 43 9.37 18.20 0.43
C ALA G 43 10.14 19.47 0.82
N PRO G 44 11.47 19.40 0.84
CA PRO G 44 12.25 20.63 0.99
C PRO G 44 12.00 21.53 -0.20
N THR G 45 11.95 22.86 0.03
CA THR G 45 11.87 23.83 -1.06
CA THR G 45 11.85 23.84 -1.04
C THR G 45 12.98 24.87 -0.94
N PHE G 46 13.52 25.28 -2.09
CA PHE G 46 14.64 26.22 -2.14
C PHE G 46 14.27 27.57 -1.52
N LEU G 47 15.13 28.08 -0.64
CA LEU G 47 15.00 29.42 -0.07
C LEU G 47 16.02 30.41 -0.58
N SER G 48 17.30 30.03 -0.59
CA SER G 48 18.31 31.04 -0.89
C SER G 48 19.60 30.38 -1.36
N TYR G 49 20.41 31.17 -2.06
CA TYR G 49 21.74 30.77 -2.50
C TYR G 49 22.71 31.92 -2.26
N ASN G 50 23.86 31.63 -1.65
CA ASN G 50 24.94 32.59 -1.50
C ASN G 50 26.25 31.97 -1.95
N VAL G 51 27.11 32.80 -2.57
CA VAL G 51 28.41 32.29 -3.02
C VAL G 51 29.50 33.34 -2.87
N LEU G 52 29.14 34.63 -2.89
CA LEU G 52 30.04 35.68 -2.48
C LEU G 52 29.65 36.13 -1.09
N ASP G 53 30.50 36.97 -0.50
CA ASP G 53 30.29 37.37 0.88
C ASP G 53 29.23 38.45 0.98
N GLY G 54 28.51 38.45 2.11
CA GLY G 54 27.58 39.51 2.40
C GLY G 54 26.20 38.95 2.68
N LEU G 55 25.23 39.86 2.70
CA LEU G 55 23.85 39.58 3.10
C LEU G 55 22.94 39.82 1.92
N GLU G 56 22.05 38.86 1.62
CA GLU G 56 21.04 38.99 0.58
C GLU G 56 19.67 38.85 1.22
N GLU G 57 18.71 39.65 0.76
CA GLU G 57 17.37 39.68 1.35
C GLU G 57 16.33 39.15 0.37
N LYS G 58 15.33 38.44 0.91
CA LYS G 58 14.18 37.90 0.16
C LYS G 58 12.98 37.91 1.10
N GLY G 59 12.24 39.02 1.09
CA GLY G 59 11.09 39.12 1.97
C GLY G 59 11.53 39.16 3.43
N ARG G 60 10.85 38.37 4.27
CA ARG G 60 11.20 38.31 5.69
C ARG G 60 12.47 37.49 5.95
N PHE G 61 13.03 36.83 4.92
CA PHE G 61 14.23 36.02 5.08
C PHE G 61 15.41 36.70 4.43
N SER G 62 16.54 36.64 5.11
CA SER G 62 17.80 37.02 4.50
CA SER G 62 17.82 37.06 4.57
C SER G 62 18.84 35.95 4.80
N SER G 63 19.83 35.86 3.92
CA SER G 63 20.89 34.87 4.10
CA SER G 63 20.88 34.87 4.07
C SER G 63 22.23 35.57 3.98
N PHE G 64 23.11 35.27 4.90
CA PHE G 64 24.44 35.84 4.98
C PHE G 64 25.48 34.77 4.71
N LEU G 65 26.63 35.17 4.10
CA LEU G 65 27.71 34.23 3.92
C LEU G 65 29.04 34.93 4.24
N SER G 66 29.91 34.22 4.96
CA SER G 66 31.33 34.58 5.07
C SER G 66 32.17 33.41 4.57
N ARG G 67 32.81 33.55 3.41
CA ARG G 67 33.61 32.45 2.90
C ARG G 67 34.83 32.19 3.78
N SER G 68 35.46 33.24 4.31
CA SER G 68 36.69 33.01 5.06
C SER G 68 36.40 32.37 6.41
N LYS G 69 35.24 32.65 7.00
CA LYS G 69 34.87 32.00 8.25
C LYS G 69 34.14 30.68 8.02
N GLY G 70 33.77 30.38 6.78
CA GLY G 70 33.04 29.18 6.47
C GLY G 70 31.73 29.13 7.24
N TYR G 71 30.95 30.21 7.22
CA TYR G 71 29.66 30.13 7.86
CA TYR G 71 29.74 30.35 8.01
C TYR G 71 28.64 31.04 7.20
N SER G 72 27.38 30.65 7.41
CA SER G 72 26.24 31.33 6.85
C SER G 72 25.19 31.36 7.95
N TYR G 73 24.26 32.32 7.87
CA TYR G 73 23.07 32.25 8.67
C TYR G 73 21.89 32.60 7.80
N LEU G 74 20.77 31.94 8.10
CA LEU G 74 19.47 32.31 7.59
C LEU G 74 18.74 33.11 8.68
N LEU G 75 18.31 34.31 8.34
CA LEU G 75 17.73 35.22 9.32
C LEU G 75 16.23 35.36 9.00
N LEU G 76 15.37 35.02 9.97
CA LEU G 76 13.92 35.14 9.80
C LEU G 76 13.43 36.24 10.72
N LYS G 77 12.80 37.27 10.15
CA LYS G 77 12.25 38.38 10.90
C LYS G 77 10.72 38.24 11.00
N GLU G 78 10.15 38.87 12.02
CA GLU G 78 8.70 38.88 12.22
C GLU G 78 8.12 37.48 12.11
N LEU G 79 8.63 36.59 12.95
CA LEU G 79 8.28 35.19 12.90
C LEU G 79 6.76 34.97 12.94
N GLN G 80 6.28 34.07 12.10
CA GLN G 80 4.88 33.65 12.11
C GLN G 80 4.81 32.16 12.36
N MET G 81 3.63 31.68 12.79
CA MET G 81 3.52 30.25 13.05
C MET G 81 3.85 29.43 11.81
N LYS G 82 3.53 29.94 10.62
CA LYS G 82 3.83 29.14 9.42
C LYS G 82 5.33 28.98 9.18
N ASP G 83 6.18 29.74 9.86
CA ASP G 83 7.62 29.52 9.74
C ASP G 83 8.10 28.28 10.47
N SER G 84 7.21 27.59 11.21
CA SER G 84 7.57 26.35 11.91
C SER G 84 7.87 25.29 10.88
N ALA G 85 9.11 24.78 10.89
CA ALA G 85 9.61 23.96 9.79
C ALA G 85 11.06 23.60 10.14
N SER G 86 11.63 22.70 9.36
CA SER G 86 13.07 22.49 9.43
C SER G 86 13.74 23.28 8.32
N TYR G 87 14.95 23.74 8.62
CA TYR G 87 15.71 24.54 7.67
C TYR G 87 17.02 23.82 7.43
N LEU G 88 17.31 23.51 6.14
CA LEU G 88 18.44 22.67 5.75
C LEU G 88 19.44 23.57 5.03
N CYS G 89 20.70 23.55 5.48
N CYS G 89 20.69 23.50 5.49
CA CYS G 89 21.75 24.21 4.70
CA CYS G 89 21.82 24.10 4.82
C CYS G 89 22.59 23.17 4.01
C CYS G 89 22.48 23.05 3.93
N ALA G 90 23.00 23.48 2.78
CA ALA G 90 23.78 22.56 1.98
C ALA G 90 24.85 23.33 1.20
N VAL G 91 26.00 22.71 1.03
CA VAL G 91 27.13 23.37 0.40
C VAL G 91 27.62 22.52 -0.77
N LYS G 92 27.92 23.18 -1.90
CA LYS G 92 28.51 22.48 -3.03
C LYS G 92 30.01 22.56 -2.89
N ASP G 93 30.68 21.41 -2.97
CA ASP G 93 32.13 21.37 -2.75
C ASP G 93 32.85 21.54 -4.08
N SER G 94 34.17 21.29 -4.10
CA SER G 94 34.96 21.56 -5.31
CA SER G 94 34.97 21.55 -5.30
C SER G 94 34.51 20.72 -6.50
N ASN G 95 33.85 19.58 -6.25
CA ASN G 95 33.38 18.75 -7.34
C ASN G 95 31.87 18.82 -7.52
N TYR G 96 31.26 19.88 -7.00
CA TYR G 96 29.82 20.10 -7.10
C TYR G 96 29.01 19.03 -6.40
N GLN G 97 29.59 18.32 -5.45
CA GLN G 97 28.80 17.43 -4.60
CA GLN G 97 28.78 17.43 -4.63
C GLN G 97 28.12 18.29 -3.55
N LEU G 98 26.83 18.07 -3.35
CA LEU G 98 26.12 18.79 -2.28
C LEU G 98 26.33 18.06 -0.96
N ILE G 99 26.84 18.75 0.04
CA ILE G 99 26.94 18.21 1.40
C ILE G 99 25.84 18.87 2.23
N TRP G 100 24.94 18.06 2.81
CA TRP G 100 23.75 18.54 3.49
C TRP G 100 23.95 18.56 5.01
N GLY G 101 23.60 19.67 5.64
CA GLY G 101 23.46 19.68 7.10
C GLY G 101 22.27 18.83 7.53
N ALA G 102 22.26 18.46 8.81
CA ALA G 102 21.17 17.63 9.30
C ALA G 102 19.89 18.41 9.56
N GLY G 103 19.92 19.73 9.43
CA GLY G 103 18.70 20.50 9.54
C GLY G 103 18.47 21.06 10.93
N THR G 104 17.83 22.22 10.97
CA THR G 104 17.47 22.86 12.21
C THR G 104 15.95 22.92 12.26
N LYS G 105 15.37 22.29 13.28
CA LYS G 105 13.94 22.39 13.50
C LYS G 105 13.62 23.69 14.24
N LEU G 106 12.81 24.55 13.62
CA LEU G 106 12.43 25.82 14.22
C LEU G 106 11.03 25.68 14.79
N ILE G 107 10.91 25.88 16.10
CA ILE G 107 9.62 25.83 16.81
C ILE G 107 9.27 27.26 17.19
N ILE G 108 8.01 27.65 16.96
CA ILE G 108 7.60 29.02 17.20
C ILE G 108 6.56 29.02 18.31
N LYS G 109 6.76 29.86 19.33
CA LYS G 109 5.80 29.98 20.42
CA LYS G 109 5.80 29.98 20.42
C LYS G 109 4.76 31.02 20.07
N PRO G 110 3.46 30.68 20.03
CA PRO G 110 2.45 31.69 19.72
C PRO G 110 2.34 32.69 20.85
N ASP G 111 1.94 33.89 20.49
CA ASP G 111 1.68 34.89 21.51
C ASP G 111 0.25 34.69 21.99
N ILE G 112 0.09 34.20 23.22
CA ILE G 112 -1.24 33.89 23.76
C ILE G 112 -1.74 35.15 24.46
N GLN G 113 -2.72 35.80 23.85
CA GLN G 113 -3.16 37.11 24.32
C GLN G 113 -3.81 37.02 25.71
N ASN G 114 -4.69 36.05 25.92
CA ASN G 114 -5.42 35.93 27.19
C ASN G 114 -5.38 34.49 27.67
N PRO G 115 -4.28 34.08 28.29
CA PRO G 115 -4.16 32.71 28.80
C PRO G 115 -5.30 32.37 29.75
N ASP G 116 -5.83 31.18 29.60
CA ASP G 116 -6.98 30.72 30.39
C ASP G 116 -6.77 29.24 30.68
N PRO G 117 -5.62 28.87 31.26
CA PRO G 117 -5.25 27.45 31.37
C PRO G 117 -6.33 26.63 32.07
N ALA G 118 -6.57 25.43 31.56
CA ALA G 118 -7.61 24.58 32.13
C ALA G 118 -7.37 23.15 31.67
N VAL G 119 -7.88 22.20 32.47
CA VAL G 119 -7.88 20.79 32.14
C VAL G 119 -9.34 20.32 32.11
N TYR G 120 -9.81 19.93 30.92
CA TYR G 120 -11.19 19.50 30.73
C TYR G 120 -11.27 17.99 30.51
N GLN G 121 -12.36 17.39 31.02
CA GLN G 121 -12.69 16.00 30.76
C GLN G 121 -13.58 15.95 29.53
N LEU G 122 -13.11 15.32 28.47
CA LEU G 122 -13.97 15.15 27.31
C LEU G 122 -15.00 14.07 27.60
N ARG G 123 -16.07 14.05 26.81
CA ARG G 123 -17.09 13.03 27.02
C ARG G 123 -16.61 11.68 26.52
N ASP G 124 -16.93 10.64 27.27
CA ASP G 124 -16.60 9.29 26.84
C ASP G 124 -17.24 8.99 25.50
N SER G 125 -16.59 8.12 24.74
CA SER G 125 -17.19 7.53 23.55
C SER G 125 -17.75 6.15 23.90
N LYS G 126 -18.97 5.87 23.44
CA LYS G 126 -19.51 4.53 23.68
C LYS G 126 -18.72 3.45 22.95
N SER G 127 -17.83 3.80 22.03
CA SER G 127 -17.01 2.83 21.35
C SER G 127 -15.58 2.71 21.89
N SER G 128 -15.25 3.38 22.98
CA SER G 128 -13.89 3.34 23.47
C SER G 128 -13.89 3.17 24.98
N ASP G 129 -12.94 2.39 25.51
CA ASP G 129 -12.74 2.31 26.96
C ASP G 129 -11.87 3.44 27.52
N LYS G 130 -11.47 4.40 26.71
CA LYS G 130 -10.54 5.43 27.18
C LYS G 130 -11.26 6.59 27.86
N SER G 131 -10.61 7.15 28.89
CA SER G 131 -10.96 8.46 29.42
CA SER G 131 -10.94 8.46 29.45
C SER G 131 -9.98 9.47 28.87
N VAL G 132 -10.48 10.63 28.45
CA VAL G 132 -9.68 11.60 27.68
C VAL G 132 -9.75 12.98 28.34
N CYS G 133 -8.58 13.59 28.59
CA CYS G 133 -8.47 14.90 29.22
CA CYS G 133 -8.43 14.89 29.23
C CYS G 133 -7.72 15.84 28.28
N LEU G 134 -8.16 17.09 28.26
CA LEU G 134 -7.57 18.13 27.42
C LEU G 134 -7.03 19.25 28.30
N PHE G 135 -5.71 19.49 28.21
CA PHE G 135 -5.07 20.64 28.85
C PHE G 135 -4.96 21.71 27.77
N THR G 136 -5.56 22.87 28.00
CA THR G 136 -5.65 23.81 26.90
C THR G 136 -5.61 25.24 27.39
N ASP G 137 -5.33 26.15 26.45
CA ASP G 137 -5.43 27.60 26.61
C ASP G 137 -4.39 28.17 27.53
N PHE G 138 -3.31 27.42 27.76
CA PHE G 138 -2.19 27.89 28.54
C PHE G 138 -1.19 28.72 27.69
N ASP G 139 -0.44 29.57 28.39
CA ASP G 139 0.61 30.39 27.80
C ASP G 139 1.73 29.52 27.24
N SER G 140 2.45 30.06 26.25
CA SER G 140 3.41 29.23 25.52
C SER G 140 4.69 28.88 26.29
N GLN G 141 4.95 29.51 27.43
CA GLN G 141 6.11 29.12 28.22
C GLN G 141 5.91 27.77 28.89
N THR G 142 4.67 27.31 29.04
CA THR G 142 4.38 26.01 29.65
C THR G 142 4.85 24.87 28.76
N ASN G 143 5.54 23.91 29.37
CA ASN G 143 5.95 22.67 28.73
C ASN G 143 5.10 21.52 29.24
N VAL G 144 4.74 20.61 28.36
CA VAL G 144 3.96 19.42 28.69
C VAL G 144 4.91 18.23 28.71
N SER G 145 5.05 17.60 29.87
CA SER G 145 5.92 16.44 30.00
C SER G 145 5.21 15.16 29.59
N GLN G 146 5.99 14.22 29.04
CA GLN G 146 5.50 12.89 28.73
C GLN G 146 5.08 12.18 30.02
N SER G 147 4.25 11.15 29.88
CA SER G 147 3.72 10.50 31.07
CA SER G 147 3.71 10.48 31.06
C SER G 147 4.77 9.60 31.72
N LYS G 148 4.57 9.34 33.01
CA LYS G 148 5.41 8.45 33.80
C LYS G 148 4.74 7.11 34.10
N ASP G 149 3.42 7.02 33.95
CA ASP G 149 2.67 5.77 34.03
C ASP G 149 2.57 5.18 32.63
N SER G 150 3.02 3.93 32.48
CA SER G 150 3.05 3.28 31.16
C SER G 150 1.65 3.09 30.56
N ASP G 151 0.58 3.17 31.35
CA ASP G 151 -0.75 3.08 30.76
C ASP G 151 -1.46 4.43 30.66
N VAL G 152 -0.71 5.53 30.78
CA VAL G 152 -1.21 6.86 30.48
C VAL G 152 -0.42 7.41 29.30
N TYR G 153 -1.14 7.98 28.33
CA TYR G 153 -0.57 8.51 27.11
C TYR G 153 -0.79 10.01 27.09
N ILE G 154 0.28 10.77 26.89
CA ILE G 154 0.21 12.23 26.87
C ILE G 154 0.93 12.75 25.64
N THR G 155 0.19 13.50 24.81
CA THR G 155 0.78 14.01 23.58
C THR G 155 1.40 15.38 23.86
N ASP G 156 2.32 15.80 22.99
CA ASP G 156 2.95 17.10 23.17
C ASP G 156 1.95 18.21 22.82
N LYS G 157 2.26 19.42 23.26
CA LYS G 157 1.36 20.52 22.94
C LYS G 157 1.37 20.83 21.45
N CYS G 158 0.24 21.31 20.97
CA CYS G 158 -0.05 21.55 19.56
C CYS G 158 -0.75 22.90 19.50
N VAL G 159 -0.40 23.74 18.52
CA VAL G 159 -0.97 25.08 18.41
C VAL G 159 -2.09 25.03 17.38
N LEU G 160 -3.29 25.41 17.81
CA LEU G 160 -4.42 25.43 16.88
CA LEU G 160 -4.48 25.42 16.96
C LEU G 160 -4.85 26.86 16.64
N ASP G 161 -5.26 27.11 15.40
CA ASP G 161 -5.61 28.46 14.94
C ASP G 161 -7.07 28.45 14.49
N MET G 162 -7.91 29.18 15.21
CA MET G 162 -9.29 29.39 14.79
C MET G 162 -9.30 30.66 13.96
N ARG G 163 -9.21 30.48 12.64
CA ARG G 163 -8.92 31.60 11.74
C ARG G 163 -10.06 32.61 11.73
N SER G 164 -11.30 32.11 11.74
CA SER G 164 -12.46 32.98 11.75
C SER G 164 -12.44 33.97 12.92
N MET G 165 -11.87 33.58 14.06
CA MET G 165 -11.79 34.46 15.23
C MET G 165 -10.38 35.00 15.48
N ASP G 166 -9.42 34.72 14.60
CA ASP G 166 -8.01 35.06 14.79
C ASP G 166 -7.57 34.73 16.22
N PHE G 167 -7.81 33.48 16.61
CA PHE G 167 -7.58 33.02 17.98
C PHE G 167 -6.69 31.78 17.93
N LYS G 168 -5.58 31.81 18.63
CA LYS G 168 -4.67 30.68 18.71
C LYS G 168 -4.70 30.11 20.12
N SER G 169 -4.54 28.80 20.24
CA SER G 169 -4.45 28.22 21.56
C SER G 169 -3.58 26.98 21.53
N ASN G 170 -2.83 26.79 22.62
CA ASN G 170 -2.05 25.59 22.87
C ASN G 170 -2.93 24.52 23.50
N SER G 171 -2.63 23.25 23.21
CA SER G 171 -3.31 22.17 23.94
C SER G 171 -2.48 20.89 23.87
N ALA G 172 -2.73 20.02 24.83
CA ALA G 172 -2.14 18.70 24.92
C ALA G 172 -3.24 17.74 25.37
N VAL G 173 -3.13 16.47 24.98
CA VAL G 173 -4.18 15.50 25.25
C VAL G 173 -3.58 14.38 26.10
N ALA G 174 -4.36 13.90 27.08
CA ALA G 174 -3.95 12.78 27.91
C ALA G 174 -5.08 11.76 27.93
N TRP G 175 -4.73 10.46 27.90
CA TRP G 175 -5.80 9.47 27.96
C TRP G 175 -5.29 8.18 28.57
N SER G 176 -6.24 7.37 29.04
CA SER G 176 -5.96 6.11 29.70
C SER G 176 -7.27 5.33 29.82
N ASN G 177 -7.16 4.01 29.90
CA ASN G 177 -8.30 3.19 30.29
C ASN G 177 -8.19 2.66 31.72
N LYS G 178 -7.22 3.13 32.52
CA LYS G 178 -7.09 2.70 33.90
C LYS G 178 -8.19 3.28 34.78
N SER G 179 -8.62 2.49 35.78
CA SER G 179 -9.74 2.93 36.60
C SER G 179 -9.36 4.08 37.53
N ASP G 180 -8.10 4.19 37.91
CA ASP G 180 -7.64 5.26 38.78
C ASP G 180 -7.21 6.52 38.02
N PHE G 181 -7.46 6.59 36.71
CA PHE G 181 -7.09 7.75 35.92
C PHE G 181 -8.14 8.84 36.08
N ALA G 182 -7.67 10.08 36.26
CA ALA G 182 -8.57 11.21 36.42
C ALA G 182 -7.90 12.47 35.88
N CYS G 183 -8.71 13.35 35.29
CA CYS G 183 -8.14 14.54 34.69
C CYS G 183 -7.45 15.40 35.74
N ALA G 184 -7.94 15.36 36.99
CA ALA G 184 -7.30 16.14 38.05
C ALA G 184 -5.84 15.77 38.26
N ASN G 185 -5.45 14.55 37.93
CA ASN G 185 -4.05 14.11 38.10
C ASN G 185 -3.32 13.78 36.80
N ALA G 186 -3.99 13.89 35.64
CA ALA G 186 -3.40 13.44 34.38
C ALA G 186 -2.08 14.14 34.07
N PHE G 187 -2.02 15.45 34.25
CA PHE G 187 -0.82 16.21 33.91
C PHE G 187 0.04 16.48 35.14
N ASN G 188 -0.04 15.61 36.15
CA ASN G 188 0.71 15.82 37.40
C ASN G 188 2.22 15.84 37.19
N ASN G 189 2.70 15.21 36.13
CA ASN G 189 4.14 15.23 35.89
C ASN G 189 4.61 16.46 35.14
N SER G 190 3.71 17.34 34.75
CA SER G 190 4.09 18.58 34.12
C SER G 190 4.08 19.69 35.18
N ILE G 191 4.78 20.78 34.87
CA ILE G 191 4.69 22.00 35.67
C ILE G 191 3.64 22.86 34.99
N ILE G 192 2.46 22.91 35.59
CA ILE G 192 1.34 23.59 34.92
C ILE G 192 1.06 24.89 35.66
N PRO G 193 0.42 25.87 35.02
CA PRO G 193 0.22 27.17 35.68
C PRO G 193 -0.54 27.03 36.98
N GLU G 194 -0.16 27.88 37.94
CA GLU G 194 -0.80 27.84 39.26
C GLU G 194 -2.30 28.09 39.16
N ASP G 195 -2.74 28.89 38.17
CA ASP G 195 -4.15 29.23 38.09
C ASP G 195 -4.94 28.30 37.14
N THR G 196 -4.40 27.11 36.85
CA THR G 196 -5.09 26.18 35.96
C THR G 196 -6.45 25.82 36.54
N PHE G 197 -7.47 25.88 35.70
CA PHE G 197 -8.87 25.66 36.08
C PHE G 197 -9.16 24.17 35.95
N PHE G 198 -9.65 23.57 37.05
CA PHE G 198 -10.04 22.16 37.07
C PHE G 198 -11.52 22.07 37.40
N PRO G 199 -12.40 22.00 36.39
CA PRO G 199 -13.84 21.93 36.66
C PRO G 199 -14.21 20.71 37.49
N SER G 200 -15.22 20.87 38.33
CA SER G 200 -15.64 19.76 39.18
C SER G 200 -16.10 18.56 38.35
N PRO G 201 -15.80 17.35 38.80
CA PRO G 201 -16.35 16.16 38.13
C PRO G 201 -17.74 15.79 38.64
N GLU G 202 -18.29 14.71 38.10
CA GLU G 202 -19.49 14.01 38.59
C GLU G 202 -20.62 14.90 39.13
N ASN H 2 2.69 21.26 -15.51
CA ASN H 2 3.20 22.10 -14.42
C ASN H 2 3.21 21.35 -13.08
N ALA H 3 3.29 20.01 -13.16
CA ALA H 3 3.23 19.18 -11.96
C ALA H 3 4.50 19.30 -11.12
N GLY H 4 5.63 19.61 -11.74
CA GLY H 4 6.90 19.57 -11.02
C GLY H 4 7.43 18.15 -10.99
N VAL H 5 7.79 17.68 -9.80
CA VAL H 5 8.34 16.35 -9.61
C VAL H 5 7.25 15.47 -8.99
N THR H 6 6.90 14.40 -9.68
CA THR H 6 5.85 13.47 -9.25
C THR H 6 6.50 12.13 -8.91
N GLN H 7 6.45 11.75 -7.64
CA GLN H 7 7.02 10.46 -7.27
C GLN H 7 5.98 9.60 -6.55
N THR H 8 6.11 8.28 -6.71
CA THR H 8 5.17 7.34 -6.10
C THR H 8 5.94 6.08 -5.70
N PRO H 9 5.45 5.32 -4.71
CA PRO H 9 4.23 5.59 -3.93
C PRO H 9 4.53 6.50 -2.75
N LYS H 10 3.48 7.06 -2.16
CA LYS H 10 3.68 7.87 -0.97
C LYS H 10 4.10 7.02 0.23
N PHE H 11 3.53 5.82 0.39
CA PHE H 11 3.85 4.94 1.50
C PHE H 11 3.96 3.52 1.00
N GLN H 12 4.82 2.74 1.65
CA GLN H 12 4.97 1.35 1.28
C GLN H 12 5.58 0.58 2.44
N VAL H 13 4.95 -0.51 2.78
CA VAL H 13 5.44 -1.50 3.73
CA VAL H 13 5.52 -1.45 3.72
C VAL H 13 6.01 -2.66 2.92
N LEU H 14 7.19 -3.15 3.30
CA LEU H 14 7.84 -4.24 2.60
C LEU H 14 8.35 -5.22 3.64
N LYS H 15 8.38 -6.48 3.25
CA LYS H 15 9.03 -7.53 4.02
C LYS H 15 10.47 -7.65 3.53
N THR H 16 11.38 -7.96 4.45
CA THR H 16 12.78 -8.21 4.08
C THR H 16 12.83 -9.16 2.89
N GLY H 17 13.62 -8.78 1.88
CA GLY H 17 13.77 -9.58 0.68
C GLY H 17 12.84 -9.21 -0.45
N GLN H 18 11.80 -8.45 -0.18
CA GLN H 18 10.84 -8.05 -1.19
C GLN H 18 11.46 -7.04 -2.14
N SER H 19 10.95 -6.99 -3.37
CA SER H 19 11.40 -6.04 -4.38
C SER H 19 10.45 -4.85 -4.41
N MET H 20 10.97 -3.71 -4.87
CA MET H 20 10.17 -2.49 -4.91
CA MET H 20 10.14 -2.53 -4.99
C MET H 20 10.80 -1.51 -5.90
N THR H 21 9.97 -0.85 -6.69
CA THR H 21 10.44 0.24 -7.53
C THR H 21 9.68 1.50 -7.14
N LEU H 22 10.44 2.58 -6.92
CA LEU H 22 9.88 3.91 -6.76
CA LEU H 22 9.88 3.91 -6.76
C LEU H 22 9.95 4.62 -8.10
N GLN H 23 8.86 5.30 -8.46
CA GLN H 23 8.80 6.02 -9.73
C GLN H 23 9.03 7.50 -9.50
N CYS H 24 9.65 8.16 -10.47
CA CYS H 24 9.76 9.61 -10.41
C CYS H 24 9.72 10.18 -11.82
N ALA H 25 8.96 11.25 -12.00
CA ALA H 25 8.91 11.92 -13.28
C ALA H 25 8.91 13.39 -13.01
N GLN H 26 9.57 14.16 -13.87
CA GLN H 26 9.45 15.60 -13.83
C GLN H 26 9.04 16.11 -15.21
N ASP H 27 8.18 17.13 -15.22
CA ASP H 27 7.70 17.75 -16.45
C ASP H 27 8.26 19.14 -16.63
N MET H 28 9.46 19.41 -16.09
CA MET H 28 10.05 20.73 -16.16
C MET H 28 11.15 20.83 -17.22
N ASN H 29 11.33 19.77 -18.01
CA ASN H 29 12.39 19.68 -19.01
C ASN H 29 13.76 19.86 -18.38
N HIS H 30 13.90 19.37 -17.14
CA HIS H 30 15.19 19.37 -16.45
C HIS H 30 16.09 18.28 -17.02
N ASN H 31 17.40 18.51 -16.91
CA ASN H 31 18.34 17.50 -17.38
C ASN H 31 18.84 16.56 -16.30
N SER H 32 18.92 16.97 -15.05
CA SER H 32 19.55 16.17 -14.01
CA SER H 32 19.53 16.13 -14.04
C SER H 32 18.50 15.71 -13.01
N MET H 33 18.61 14.46 -12.55
CA MET H 33 17.69 13.87 -11.58
C MET H 33 18.48 13.11 -10.53
N TYR H 34 17.88 12.96 -9.35
CA TYR H 34 18.58 12.52 -8.14
C TYR H 34 17.62 11.71 -7.29
N TRP H 35 18.13 10.70 -6.60
CA TRP H 35 17.40 9.97 -5.55
C TRP H 35 18.14 10.12 -4.24
N TYR H 36 17.46 10.68 -3.25
CA TYR H 36 17.99 10.90 -1.91
C TYR H 36 17.24 10.06 -0.88
N ARG H 37 17.91 9.73 0.22
CA ARG H 37 17.20 9.23 1.39
C ARG H 37 17.42 10.18 2.56
N GLN H 38 16.37 10.34 3.36
CA GLN H 38 16.39 11.21 4.54
C GLN H 38 16.11 10.37 5.78
N ASP H 39 17.02 10.45 6.74
CA ASP H 39 16.91 9.68 7.98
C ASP H 39 17.09 10.62 9.17
N PRO H 40 16.50 10.29 10.32
CA PRO H 40 16.66 11.17 11.49
C PRO H 40 18.11 11.38 11.87
N GLY H 41 18.40 12.62 12.25
CA GLY H 41 19.70 12.94 12.78
C GLY H 41 20.81 13.07 11.76
N MET H 42 20.50 13.11 10.46
CA MET H 42 21.57 13.27 9.50
C MET H 42 21.08 14.02 8.27
N GLY H 43 22.03 14.55 7.52
CA GLY H 43 21.68 15.25 6.30
C GLY H 43 21.26 14.30 5.20
N LEU H 44 20.58 14.86 4.19
CA LEU H 44 20.21 14.06 3.03
C LEU H 44 21.44 13.34 2.46
N ARG H 45 21.24 12.10 2.03
CA ARG H 45 22.32 11.33 1.43
C ARG H 45 21.91 10.87 0.03
N LEU H 46 22.75 11.17 -0.96
CA LEU H 46 22.48 10.85 -2.35
C LEU H 46 22.67 9.35 -2.58
N ILE H 47 21.69 8.70 -3.21
CA ILE H 47 21.80 7.27 -3.46
C ILE H 47 22.39 7.05 -4.85
N TYR H 48 21.75 7.64 -5.87
CA TYR H 48 22.17 7.59 -7.27
C TYR H 48 21.73 8.89 -7.90
N TYR H 49 22.40 9.26 -9.00
CA TYR H 49 21.96 10.43 -9.74
C TYR H 49 22.18 10.24 -11.22
N SER H 50 21.62 11.17 -11.99
CA SER H 50 21.64 11.13 -13.45
C SER H 50 21.88 12.56 -13.91
N ALA H 51 23.13 12.84 -14.30
CA ALA H 51 23.53 14.20 -14.69
C ALA H 51 22.85 14.66 -15.96
N SER H 52 22.40 13.74 -16.78
CA SER H 52 21.81 14.04 -18.08
CA SER H 52 21.72 14.06 -18.02
C SER H 52 21.11 12.76 -18.55
N GLU H 53 20.19 12.91 -19.50
CA GLU H 53 19.60 11.72 -20.10
C GLU H 53 20.72 10.86 -20.67
N GLY H 54 20.62 9.55 -20.48
CA GLY H 54 21.66 8.67 -21.01
C GLY H 54 22.83 8.38 -20.10
N THR H 55 22.90 8.96 -18.89
CA THR H 55 23.94 8.53 -17.98
C THR H 55 23.43 8.55 -16.54
N THR H 56 24.01 7.67 -15.73
CA THR H 56 23.71 7.59 -14.30
C THR H 56 24.99 7.23 -13.58
N ASP H 57 25.02 7.47 -12.27
CA ASP H 57 26.18 7.06 -11.50
C ASP H 57 25.78 7.00 -10.02
N LYS H 58 26.60 6.30 -9.27
CA LYS H 58 26.37 6.10 -7.86
CA LYS H 58 26.34 6.11 -7.87
C LYS H 58 26.57 7.39 -7.08
N GLY H 59 25.78 7.56 -6.02
CA GLY H 59 25.96 8.63 -5.07
C GLY H 59 26.78 8.16 -3.90
N GLU H 60 26.44 8.68 -2.71
CA GLU H 60 27.15 8.31 -1.49
C GLU H 60 26.72 6.94 -0.93
N VAL H 61 25.47 6.54 -1.11
CA VAL H 61 24.99 5.29 -0.49
C VAL H 61 24.29 4.41 -1.52
N PRO H 62 24.99 3.91 -2.54
CA PRO H 62 24.33 3.14 -3.61
C PRO H 62 24.03 1.69 -3.27
N ASN H 63 24.64 1.12 -2.22
CA ASN H 63 24.55 -0.32 -2.01
C ASN H 63 23.12 -0.74 -1.64
N GLY H 64 22.59 -1.72 -2.35
CA GLY H 64 21.23 -2.19 -2.17
C GLY H 64 20.21 -1.55 -3.10
N TYR H 65 20.64 -0.65 -3.98
CA TYR H 65 19.79 0.09 -4.89
C TYR H 65 20.36 0.03 -6.30
N ASN H 66 19.50 0.30 -7.26
CA ASN H 66 19.90 0.58 -8.63
CA ASN H 66 19.97 0.69 -8.58
C ASN H 66 18.90 1.58 -9.19
N VAL H 67 19.25 2.23 -10.30
CA VAL H 67 18.35 3.20 -10.89
C VAL H 67 18.27 2.97 -12.38
N SER H 68 17.25 3.58 -12.98
CA SER H 68 17.14 3.64 -14.42
CA SER H 68 17.14 3.64 -14.42
C SER H 68 16.70 5.03 -14.83
N ARG H 69 17.52 5.70 -15.65
CA ARG H 69 17.08 6.95 -16.27
C ARG H 69 16.40 6.55 -17.57
N LEU H 70 15.08 6.33 -17.47
CA LEU H 70 14.35 5.71 -18.57
C LEU H 70 14.28 6.64 -19.77
N ASN H 71 14.14 7.93 -19.51
CA ASN H 71 14.10 8.95 -20.55
C ASN H 71 14.44 10.27 -19.87
N LYS H 72 14.17 11.39 -20.55
CA LYS H 72 14.54 12.67 -19.95
C LYS H 72 13.67 13.00 -18.74
N ARG H 73 12.46 12.45 -18.71
CA ARG H 73 11.53 12.80 -17.65
CA ARG H 73 11.48 12.76 -17.68
C ARG H 73 11.58 11.86 -16.46
N GLU H 74 12.03 10.61 -16.63
CA GLU H 74 11.77 9.58 -15.63
C GLU H 74 13.05 8.98 -15.08
N PHE H 75 13.05 8.78 -13.76
CA PHE H 75 14.24 8.24 -13.10
C PHE H 75 13.75 7.34 -11.96
N SER H 76 13.85 6.03 -12.15
CA SER H 76 13.26 5.12 -11.18
C SER H 76 14.33 4.52 -10.29
N LEU H 77 13.93 4.18 -9.07
CA LEU H 77 14.81 3.66 -8.03
C LEU H 77 14.33 2.26 -7.67
N ARG H 78 15.26 1.30 -7.66
CA ARG H 78 14.96 -0.11 -7.45
C ARG H 78 15.64 -0.60 -6.19
N LEU H 79 14.87 -1.27 -5.33
CA LEU H 79 15.34 -2.02 -4.17
C LEU H 79 15.09 -3.49 -4.56
N GLU H 80 16.13 -4.17 -5.03
CA GLU H 80 15.88 -5.52 -5.53
C GLU H 80 15.53 -6.48 -4.40
N SER H 81 16.15 -6.31 -3.22
CA SER H 81 15.95 -7.17 -2.04
C SER H 81 15.95 -6.29 -0.79
N ALA H 82 14.78 -5.83 -0.38
CA ALA H 82 14.70 -4.80 0.67
C ALA H 82 15.29 -5.30 1.98
N ALA H 83 15.98 -4.40 2.66
CA ALA H 83 16.55 -4.67 3.96
C ALA H 83 16.01 -3.68 4.97
N PRO H 84 15.91 -4.04 6.25
CA PRO H 84 15.39 -3.11 7.25
C PRO H 84 16.12 -1.79 7.28
N SER H 85 17.43 -1.80 7.01
CA SER H 85 18.20 -0.57 6.99
C SER H 85 17.68 0.38 5.92
N GLN H 86 16.91 -0.11 4.97
CA GLN H 86 16.39 0.74 3.91
C GLN H 86 15.05 1.38 4.30
N THR H 87 14.58 1.15 5.52
CA THR H 87 13.48 1.96 6.07
C THR H 87 13.91 3.40 6.09
N SER H 88 13.17 4.27 5.39
CA SER H 88 13.64 5.65 5.23
C SER H 88 12.55 6.44 4.52
N VAL H 89 12.80 7.72 4.32
CA VAL H 89 11.98 8.55 3.44
C VAL H 89 12.85 8.87 2.23
N TYR H 90 12.34 8.55 1.03
CA TYR H 90 13.08 8.69 -0.21
C TYR H 90 12.57 9.91 -0.97
N PHE H 91 13.50 10.74 -1.47
CA PHE H 91 13.10 11.93 -2.21
C PHE H 91 13.76 11.90 -3.56
N CYS H 92 12.96 12.03 -4.60
CA CYS H 92 13.57 12.30 -5.88
CA CYS H 92 13.45 12.30 -5.93
C CYS H 92 13.60 13.81 -6.11
N ALA H 93 14.60 14.23 -6.87
CA ALA H 93 14.75 15.67 -7.11
C ALA H 93 15.29 15.88 -8.51
N SER H 94 15.18 17.12 -9.00
CA SER H 94 15.70 17.38 -10.34
C SER H 94 16.24 18.80 -10.36
N SER H 95 17.19 19.05 -11.30
CA SER H 95 17.76 20.37 -11.51
CA SER H 95 17.70 20.40 -11.51
C SER H 95 17.83 20.64 -13.00
N VAL H 96 17.82 21.91 -13.36
CA VAL H 96 17.83 22.28 -14.77
C VAL H 96 19.02 21.64 -15.47
N TRP H 97 20.22 21.90 -14.96
CA TRP H 97 21.42 21.32 -15.53
C TRP H 97 22.13 20.54 -14.46
N THR H 98 23.40 20.25 -14.68
CA THR H 98 24.09 19.28 -13.83
C THR H 98 24.15 19.80 -12.42
N GLY H 99 24.65 18.98 -11.50
CA GLY H 99 25.00 19.51 -10.20
C GLY H 99 25.86 20.76 -10.24
N GLU H 100 26.55 21.05 -11.37
CA GLU H 100 27.50 22.17 -11.45
C GLU H 100 26.82 23.53 -11.66
N GLY H 101 26.95 24.45 -10.68
CA GLY H 101 26.52 25.84 -10.78
C GLY H 101 25.62 26.25 -9.63
N SER H 102 24.87 27.34 -9.83
CA SER H 102 23.97 27.89 -8.81
C SER H 102 22.55 27.31 -8.85
N GLY H 103 22.24 26.39 -9.75
CA GLY H 103 20.86 25.93 -9.88
C GLY H 103 20.42 25.14 -8.65
N GLU H 104 19.18 25.40 -8.20
CA GLU H 104 18.66 24.68 -7.05
C GLU H 104 18.01 23.35 -7.45
N LEU H 105 17.69 22.56 -6.44
CA LEU H 105 16.96 21.31 -6.57
C LEU H 105 15.46 21.52 -6.39
N PHE H 106 14.68 20.74 -7.15
CA PHE H 106 13.23 20.71 -7.05
C PHE H 106 12.89 19.30 -6.59
N PHE H 107 12.21 19.18 -5.44
CA PHE H 107 11.97 17.88 -4.81
C PHE H 107 10.55 17.34 -5.06
N GLY H 108 10.47 16.02 -5.18
CA GLY H 108 9.18 15.33 -5.18
C GLY H 108 8.63 15.29 -3.76
N GLU H 109 7.43 14.73 -3.61
CA GLU H 109 6.77 14.82 -2.32
C GLU H 109 7.26 13.79 -1.33
N GLY H 110 8.07 12.82 -1.76
CA GLY H 110 8.65 11.88 -0.80
C GLY H 110 7.89 10.56 -0.78
N SER H 111 8.62 9.48 -0.47
CA SER H 111 8.10 8.12 -0.39
C SER H 111 8.60 7.50 0.91
N ARG H 112 7.67 7.16 1.79
CA ARG H 112 8.05 6.55 3.07
C ARG H 112 7.97 5.04 2.98
N LEU H 113 9.13 4.39 3.15
CA LEU H 113 9.25 2.94 3.12
C LEU H 113 9.57 2.42 4.51
N THR H 114 8.87 1.38 4.93
CA THR H 114 9.22 0.64 6.14
C THR H 114 9.42 -0.81 5.72
N VAL H 115 10.60 -1.34 5.99
CA VAL H 115 10.97 -2.71 5.65
C VAL H 115 11.02 -3.50 6.95
N LEU H 116 10.29 -4.62 7.00
CA LEU H 116 10.10 -5.37 8.23
C LEU H 116 10.51 -6.83 8.03
N GLU H 117 11.09 -7.42 9.08
CA GLU H 117 11.42 -8.84 9.03
C GLU H 117 10.16 -9.70 8.90
N ASP H 118 9.08 -9.30 9.56
CA ASP H 118 7.82 -10.04 9.60
CA ASP H 118 7.83 -10.02 9.42
C ASP H 118 6.67 -9.04 9.57
N LEU H 119 5.63 -9.29 8.77
CA LEU H 119 4.53 -8.35 8.75
C LEU H 119 3.59 -8.50 9.94
N LYS H 120 3.84 -9.41 10.88
CA LYS H 120 2.95 -9.54 12.03
C LYS H 120 3.01 -8.33 12.96
N ASN H 121 3.89 -7.38 12.70
CA ASN H 121 3.95 -6.15 13.49
C ASN H 121 3.04 -5.06 12.97
N VAL H 122 2.36 -5.29 11.85
CA VAL H 122 1.60 -4.26 11.16
C VAL H 122 0.17 -4.25 11.71
N PHE H 123 -0.32 -3.06 12.13
CA PHE H 123 -1.65 -2.91 12.71
C PHE H 123 -2.29 -1.65 12.15
N PRO H 124 -3.57 -1.71 11.78
CA PRO H 124 -4.33 -0.49 11.47
C PRO H 124 -4.64 0.25 12.75
N PRO H 125 -5.03 1.52 12.67
CA PRO H 125 -5.39 2.25 13.89
C PRO H 125 -6.81 1.91 14.33
N GLU H 126 -7.02 1.98 15.64
CA GLU H 126 -8.34 2.21 16.20
C GLU H 126 -8.61 3.71 16.19
N VAL H 127 -9.80 4.12 15.82
CA VAL H 127 -10.09 5.54 15.78
C VAL H 127 -11.33 5.78 16.63
N ALA H 128 -11.24 6.79 17.51
CA ALA H 128 -12.37 7.17 18.37
C ALA H 128 -12.42 8.69 18.46
N VAL H 129 -13.65 9.22 18.57
CA VAL H 129 -13.90 10.64 18.67
C VAL H 129 -14.56 10.91 20.00
N PHE H 130 -14.11 11.96 20.69
CA PHE H 130 -14.61 12.32 22.01
C PHE H 130 -15.20 13.72 21.95
N GLU H 131 -16.45 13.84 22.42
CA GLU H 131 -17.20 15.07 22.32
C GLU H 131 -16.75 16.11 23.35
N PRO H 132 -16.98 17.39 23.08
CA PRO H 132 -16.44 18.44 23.93
C PRO H 132 -16.93 18.41 25.37
N SER H 133 -16.08 18.91 26.25
CA SER H 133 -16.44 19.11 27.64
C SER H 133 -17.49 20.20 27.78
N GLU H 134 -18.55 19.92 28.53
CA GLU H 134 -19.52 20.97 28.82
C GLU H 134 -18.88 22.09 29.63
N ALA H 135 -17.90 21.78 30.48
CA ALA H 135 -17.24 22.84 31.24
C ALA H 135 -16.45 23.77 30.31
N GLU H 136 -15.83 23.21 29.27
CA GLU H 136 -15.12 24.08 28.32
C GLU H 136 -16.10 25.00 27.61
N ILE H 137 -17.25 24.47 27.21
CA ILE H 137 -18.26 25.27 26.52
C ILE H 137 -18.71 26.43 27.41
N SER H 138 -18.94 26.16 28.68
CA SER H 138 -19.47 27.25 29.49
C SER H 138 -18.38 28.22 29.90
N HIS H 139 -17.13 27.78 30.01
CA HIS H 139 -16.05 28.68 30.41
C HIS H 139 -15.50 29.52 29.25
N THR H 140 -15.49 28.99 28.02
CA THR H 140 -14.80 29.61 26.90
C THR H 140 -15.68 29.97 25.71
N GLN H 141 -16.92 29.45 25.64
CA GLN H 141 -17.77 29.59 24.46
C GLN H 141 -17.16 28.89 23.25
N LYS H 142 -16.25 27.95 23.50
CA LYS H 142 -15.63 27.15 22.45
CA LYS H 142 -15.63 27.15 22.45
C LYS H 142 -15.77 25.68 22.81
N ALA H 143 -15.58 24.81 21.82
CA ALA H 143 -15.80 23.38 22.01
C ALA H 143 -14.74 22.61 21.25
N THR H 144 -13.93 21.83 21.97
CA THR H 144 -12.86 21.06 21.35
C THR H 144 -13.26 19.60 21.30
N LEU H 145 -13.30 19.05 20.09
CA LEU H 145 -13.42 17.61 19.88
C LEU H 145 -12.03 17.02 19.74
N VAL H 146 -11.88 15.78 20.21
CA VAL H 146 -10.61 15.07 20.10
C VAL H 146 -10.82 13.78 19.34
N CYS H 147 -9.91 13.50 18.41
CA CYS H 147 -9.83 12.23 17.72
C CYS H 147 -8.54 11.54 18.15
N LEU H 148 -8.63 10.27 18.53
CA LEU H 148 -7.46 9.47 18.86
C LEU H 148 -7.37 8.30 17.88
N ALA H 149 -6.21 8.16 17.25
CA ALA H 149 -5.90 7.03 16.39
C ALA H 149 -4.80 6.27 17.09
N THR H 150 -5.08 5.04 17.51
CA THR H 150 -4.19 4.38 18.44
C THR H 150 -3.86 2.97 17.98
N GLY H 151 -2.70 2.50 18.41
CA GLY H 151 -2.27 1.13 18.18
C GLY H 151 -1.81 0.79 16.79
N PHE H 152 -1.48 1.78 15.95
CA PHE H 152 -1.15 1.49 14.54
C PHE H 152 0.36 1.32 14.38
N TYR H 153 0.73 0.61 13.32
CA TYR H 153 2.13 0.38 12.97
C TYR H 153 2.19 -0.13 11.54
N PRO H 154 3.07 0.40 10.69
CA PRO H 154 3.99 1.51 10.99
C PRO H 154 3.31 2.88 10.92
N ASP H 155 4.10 3.96 11.03
CA ASP H 155 3.54 5.33 11.05
C ASP H 155 3.24 5.78 9.63
N HIS H 156 2.28 5.09 8.99
CA HIS H 156 1.82 5.43 7.64
C HIS H 156 0.35 5.79 7.75
N VAL H 157 0.02 6.98 8.26
CA VAL H 157 -1.37 7.38 8.42
C VAL H 157 -1.58 8.82 7.94
N GLU H 158 -2.80 9.09 7.47
CA GLU H 158 -3.27 10.45 7.21
C GLU H 158 -4.60 10.66 7.93
N LEU H 159 -4.63 11.63 8.85
CA LEU H 159 -5.84 11.90 9.62
C LEU H 159 -6.51 13.17 9.11
N SER H 160 -7.83 13.11 8.93
CA SER H 160 -8.57 14.27 8.44
C SER H 160 -9.88 14.42 9.18
N TRP H 161 -10.34 15.66 9.28
CA TRP H 161 -11.63 15.98 9.89
C TRP H 161 -12.62 16.38 8.80
N TRP H 162 -13.85 15.96 8.96
CA TRP H 162 -14.92 16.24 7.99
C TRP H 162 -16.09 16.84 8.75
N VAL H 163 -16.47 18.06 8.39
CA VAL H 163 -17.59 18.73 9.02
C VAL H 163 -18.66 18.93 7.97
N ASN H 164 -19.82 18.35 8.22
CA ASN H 164 -20.96 18.52 7.33
C ASN H 164 -20.62 18.05 5.93
N GLY H 165 -19.89 16.93 5.85
CA GLY H 165 -19.56 16.30 4.60
C GLY H 165 -18.40 16.92 3.83
N LYS H 166 -17.77 17.96 4.39
CA LYS H 166 -16.63 18.62 3.76
C LYS H 166 -15.40 18.53 4.66
N GLU H 167 -14.24 18.23 4.07
CA GLU H 167 -13.00 18.23 4.84
C GLU H 167 -12.67 19.65 5.30
N VAL H 168 -12.25 19.76 6.56
CA VAL H 168 -11.86 21.05 7.12
C VAL H 168 -10.43 20.99 7.63
N HIS H 169 -9.77 22.15 7.64
CA HIS H 169 -8.45 22.27 8.22
CA HIS H 169 -8.41 22.31 8.14
C HIS H 169 -8.33 23.45 9.16
N SER H 170 -9.21 24.45 9.04
CA SER H 170 -9.22 25.51 10.01
C SER H 170 -9.78 25.01 11.34
N GLY H 171 -9.11 25.38 12.43
CA GLY H 171 -9.59 24.89 13.72
C GLY H 171 -9.03 23.52 14.10
N VAL H 172 -8.13 22.97 13.28
CA VAL H 172 -7.63 21.61 13.45
C VAL H 172 -6.18 21.70 13.91
N CYS H 173 -5.80 20.84 14.84
CA CYS H 173 -4.38 20.65 15.13
CA CYS H 173 -4.37 20.64 15.06
C CYS H 173 -4.16 19.16 15.34
N THR H 174 -3.34 18.55 14.49
CA THR H 174 -3.02 17.14 14.57
C THR H 174 -1.56 17.05 14.98
N ASP H 175 -1.24 16.17 15.94
CA ASP H 175 0.15 16.07 16.36
C ASP H 175 1.05 15.93 15.14
N PRO H 176 2.15 16.71 15.06
CA PRO H 176 3.05 16.55 13.92
C PRO H 176 3.83 15.25 13.94
N GLN H 177 3.99 14.62 15.11
CA GLN H 177 4.64 13.32 15.20
C GLN H 177 3.79 12.39 16.06
N PRO H 178 3.77 11.10 15.75
CA PRO H 178 3.02 10.15 16.58
C PRO H 178 3.75 9.88 17.89
N LEU H 179 3.00 9.34 18.83
CA LEU H 179 3.51 8.93 20.13
CA LEU H 179 3.51 8.93 20.13
C LEU H 179 3.79 7.44 20.12
N LYS H 180 4.98 7.03 20.59
CA LYS H 180 5.23 5.60 20.76
C LYS H 180 4.50 5.11 21.99
N GLU H 181 3.61 4.12 21.82
CA GLU H 181 2.83 3.64 22.94
C GLU H 181 3.71 2.95 23.97
N GLN H 182 4.80 2.32 23.52
CA GLN H 182 5.80 1.73 24.41
C GLN H 182 7.15 2.30 24.01
N PRO H 183 7.54 3.45 24.59
CA PRO H 183 8.72 4.18 24.07
C PRO H 183 10.00 3.37 24.00
N ALA H 184 10.10 2.23 24.71
CA ALA H 184 11.34 1.46 24.74
C ALA H 184 11.45 0.44 23.61
N LEU H 185 10.33 -0.08 23.10
CA LEU H 185 10.37 -1.06 22.02
C LEU H 185 10.70 -0.39 20.69
N ASN H 186 11.57 -1.04 19.90
CA ASN H 186 11.96 -0.47 18.61
C ASN H 186 10.81 -0.52 17.60
N ASP H 187 9.88 -1.47 17.75
CA ASP H 187 8.74 -1.63 16.87
C ASP H 187 7.43 -1.25 17.58
N SER H 188 7.49 -0.30 18.51
CA SER H 188 6.30 0.12 19.24
C SER H 188 5.18 0.49 18.30
N ARG H 189 3.95 0.10 18.65
CA ARG H 189 2.83 0.70 17.94
C ARG H 189 2.69 2.19 18.36
N TYR H 190 1.96 2.93 17.54
CA TYR H 190 1.90 4.38 17.62
C TYR H 190 0.52 4.85 18.02
N ALA H 191 0.47 6.06 18.60
CA ALA H 191 -0.77 6.77 18.81
C ALA H 191 -0.64 8.18 18.22
N LEU H 192 -1.78 8.73 17.81
CA LEU H 192 -1.82 10.06 17.22
C LEU H 192 -3.10 10.74 17.69
N SER H 193 -2.99 11.99 18.14
CA SER H 193 -4.18 12.72 18.54
C SER H 193 -4.36 13.93 17.64
N SER H 194 -5.62 14.35 17.51
CA SER H 194 -5.96 15.54 16.75
C SER H 194 -7.11 16.24 17.46
N ARG H 195 -7.12 17.56 17.38
CA ARG H 195 -8.22 18.33 17.94
C ARG H 195 -8.86 19.15 16.84
N LEU H 196 -10.20 19.30 16.95
CA LEU H 196 -10.95 20.27 16.16
C LEU H 196 -11.68 21.17 17.16
N ARG H 197 -11.44 22.48 17.05
CA ARG H 197 -12.11 23.41 17.94
C ARG H 197 -13.06 24.31 17.16
N VAL H 198 -14.32 24.41 17.62
CA VAL H 198 -15.32 25.22 16.95
C VAL H 198 -15.94 26.13 17.99
N SER H 199 -16.73 27.11 17.54
CA SER H 199 -17.51 27.87 18.51
C SER H 199 -18.53 26.98 19.21
N ALA H 200 -18.88 27.37 20.43
CA ALA H 200 -19.98 26.71 21.13
C ALA H 200 -21.25 26.72 20.29
N THR H 201 -21.53 27.84 19.59
CA THR H 201 -22.76 27.91 18.79
CA THR H 201 -22.76 27.91 18.79
C THR H 201 -22.77 26.86 17.69
N PHE H 202 -21.62 26.63 17.05
CA PHE H 202 -21.51 25.63 16.00
C PHE H 202 -21.70 24.22 16.57
N TRP H 203 -21.08 23.94 17.72
CA TRP H 203 -21.24 22.62 18.33
C TRP H 203 -22.68 22.38 18.79
N GLN H 204 -23.39 23.42 19.20
CA GLN H 204 -24.74 23.29 19.74
C GLN H 204 -25.84 23.21 18.67
N ASN H 205 -25.46 23.24 17.39
CA ASN H 205 -26.41 23.04 16.29
C ASN H 205 -26.56 21.54 16.07
N PRO H 206 -27.71 20.94 16.36
CA PRO H 206 -27.85 19.48 16.23
C PRO H 206 -27.79 18.98 14.80
N ARG H 207 -27.85 19.82 13.78
CA ARG H 207 -27.70 19.28 12.44
CA ARG H 207 -27.71 19.34 12.40
C ARG H 207 -26.24 19.25 11.97
N ASN H 208 -25.30 19.82 12.74
CA ASN H 208 -23.90 19.76 12.38
C ASN H 208 -23.33 18.37 12.69
N HIS H 209 -22.51 17.88 11.77
CA HIS H 209 -21.99 16.52 11.82
C HIS H 209 -20.47 16.56 11.71
N PHE H 210 -19.80 15.77 12.54
CA PHE H 210 -18.34 15.77 12.65
C PHE H 210 -17.81 14.37 12.46
N ARG H 211 -16.72 14.23 11.72
N ARG H 211 -16.74 14.22 11.70
CA ARG H 211 -16.13 12.92 11.47
CA ARG H 211 -16.14 12.90 11.54
C ARG H 211 -14.61 13.04 11.42
C ARG H 211 -14.63 13.07 11.51
N CYS H 212 -13.92 12.16 12.15
CA CYS H 212 -12.47 12.02 12.03
CA CYS H 212 -12.49 12.07 11.91
C CYS H 212 -12.20 10.76 11.21
N GLN H 213 -11.35 10.85 10.20
CA GLN H 213 -11.12 9.73 9.32
C GLN H 213 -9.62 9.53 9.22
N VAL H 214 -9.17 8.28 9.31
CA VAL H 214 -7.73 8.00 9.19
C VAL H 214 -7.54 7.03 8.03
N GLN H 215 -6.73 7.44 7.06
CA GLN H 215 -6.27 6.55 6.01
C GLN H 215 -5.01 5.87 6.52
N PHE H 216 -5.02 4.54 6.51
CA PHE H 216 -3.89 3.73 6.89
C PHE H 216 -3.34 3.03 5.67
N TYR H 217 -2.01 3.09 5.49
CA TYR H 217 -1.34 2.45 4.36
C TYR H 217 -0.65 1.23 4.93
N GLY H 218 -1.09 0.04 4.47
CA GLY H 218 -0.66 -1.22 5.03
C GLY H 218 -0.42 -2.29 3.99
N LEU H 219 -0.99 -3.48 4.19
CA LEU H 219 -0.67 -4.59 3.31
C LEU H 219 -1.55 -4.55 2.07
N SER H 220 -1.17 -5.33 1.08
CA SER H 220 -1.99 -5.47 -0.12
C SER H 220 -2.21 -6.94 -0.42
N GLU H 221 -2.93 -7.20 -1.52
CA GLU H 221 -3.36 -8.55 -1.87
C GLU H 221 -2.20 -9.54 -1.90
N ASN H 222 -1.04 -9.11 -2.40
CA ASN H 222 0.05 -10.05 -2.59
C ASN H 222 0.90 -10.26 -1.35
N ASP H 223 0.71 -9.46 -0.30
CA ASP H 223 1.40 -9.74 0.95
C ASP H 223 0.83 -11.01 1.57
N GLU H 224 1.71 -11.89 2.04
CA GLU H 224 1.27 -13.12 2.69
C GLU H 224 0.88 -12.84 4.14
N TRP H 225 -0.26 -13.37 4.58
CA TRP H 225 -0.71 -13.18 5.95
C TRP H 225 -0.97 -14.53 6.57
N THR H 226 -0.44 -14.75 7.79
CA THR H 226 -0.63 -16.04 8.45
C THR H 226 -1.11 -15.88 9.90
N GLN H 227 -1.41 -14.65 10.35
CA GLN H 227 -1.82 -14.48 11.73
C GLN H 227 -3.32 -14.76 11.90
N ASP H 228 -3.72 -14.91 13.18
CA ASP H 228 -5.11 -15.19 13.53
C ASP H 228 -6.00 -13.98 13.39
N ARG H 229 -5.43 -12.79 13.55
CA ARG H 229 -6.20 -11.57 13.44
C ARG H 229 -6.37 -11.20 11.96
N ALA H 230 -7.13 -10.14 11.71
CA ALA H 230 -7.43 -9.78 10.35
C ALA H 230 -6.22 -9.17 9.68
N LYS H 231 -6.09 -9.45 8.40
CA LYS H 231 -4.97 -8.93 7.62
C LYS H 231 -5.02 -7.40 7.59
N PRO H 232 -3.93 -6.72 8.00
CA PRO H 232 -3.94 -5.24 8.12
C PRO H 232 -3.70 -4.54 6.79
N VAL H 233 -4.71 -4.59 5.92
CA VAL H 233 -4.63 -4.00 4.59
C VAL H 233 -4.77 -2.47 4.68
N THR H 234 -4.32 -1.80 3.64
CA THR H 234 -4.63 -0.37 3.45
C THR H 234 -6.13 -0.15 3.57
N GLN H 235 -6.53 0.88 4.30
CA GLN H 235 -7.95 0.99 4.67
C GLN H 235 -8.15 2.33 5.37
N ILE H 236 -9.40 2.70 5.46
CA ILE H 236 -9.85 3.92 6.14
C ILE H 236 -10.63 3.50 7.38
N VAL H 237 -10.28 4.09 8.51
CA VAL H 237 -10.97 3.86 9.79
C VAL H 237 -11.49 5.22 10.26
N SER H 238 -12.76 5.29 10.69
CA SER H 238 -13.29 6.59 11.05
CA SER H 238 -13.34 6.59 11.02
C SER H 238 -14.22 6.48 12.26
N ALA H 239 -14.50 7.65 12.85
CA ALA H 239 -15.47 7.74 13.93
C ALA H 239 -16.14 9.09 13.81
N GLU H 240 -17.36 9.22 14.37
CA GLU H 240 -18.11 10.44 14.15
C GLU H 240 -18.76 10.92 15.43
N ALA H 241 -19.29 12.16 15.36
CA ALA H 241 -20.10 12.80 16.37
C ALA H 241 -21.06 13.78 15.69
N TRP H 242 -22.22 13.97 16.33
CA TRP H 242 -23.17 15.01 15.94
C TRP H 242 -23.18 16.11 16.99
N GLY H 243 -23.45 17.33 16.55
CA GLY H 243 -23.68 18.41 17.49
C GLY H 243 -24.87 18.13 18.38
N ARG H 244 -24.93 18.83 19.50
CA ARG H 244 -26.02 18.55 20.43
C ARG H 244 -26.49 19.85 21.09
N ALA H 245 -27.81 20.01 21.15
CA ALA H 245 -28.45 21.23 21.65
C ALA H 245 -28.42 21.29 23.17
C4 OYD I . 36.12 21.73 -16.63
C5 OYD I . 35.77 23.56 -15.14
C6 OYD I . 34.42 23.77 -14.53
C8 OYD I . 32.95 25.72 -13.68
N1 OYD I . 36.17 22.17 -15.35
N3 OYD I . 36.12 20.91 -19.24
C2 OYD I . 37.66 18.61 -16.07
O2 OYD I . 35.07 22.82 -19.81
N OYD I . 37.12 19.76 -15.89
C OYD I . 38.46 18.85 -13.71
C1 OYD I . 38.14 17.94 -14.87
C10 OYD I . 35.58 22.13 -18.94
C11 OYD I . 36.65 20.01 -18.34
C3 OYD I . 36.61 20.47 -16.98
C7 OYD I . 34.21 25.30 -14.43
C9 OYD I . 32.61 27.18 -13.92
N2 OYD I . 35.62 22.52 -17.63
O1 OYD I . 32.16 27.28 -15.27
O3 OYD I . 37.09 18.94 -18.74
C4 OYD J . -30.95 -9.37 9.19
C5 OYD J . -28.55 -9.30 9.03
C6 OYD J . -27.70 -10.53 9.12
C8 OYD J . -25.38 -11.21 9.86
N1 OYD J . -29.83 -9.50 8.38
N3 OYD J . -33.02 -8.91 10.90
C2 OYD J . -33.52 -9.69 6.77
O2 OYD J . -31.55 -8.68 12.60
N OYD J . -32.38 -9.64 7.34
C OYD J . -32.22 -9.87 4.58
C1 OYD J . -33.53 -9.98 5.31
C10 OYD J . -31.76 -8.91 11.41
C11 OYD J . -33.40 -9.15 9.59
C3 OYD J . -32.27 -9.40 8.71
C7 OYD J . -26.43 -10.15 9.88
C9 OYD J . -24.17 -10.71 10.61
N2 OYD J . -30.75 -9.16 10.51
O1 OYD J . -24.53 -10.79 11.97
O3 OYD J . -34.58 -9.10 9.28
#